data_7PIM
#
_entry.id   7PIM
#
_cell.length_a   1.00
_cell.length_b   1.00
_cell.length_c   1.00
_cell.angle_alpha   90.00
_cell.angle_beta   90.00
_cell.angle_gamma   90.00
#
_symmetry.space_group_name_H-M   'P 1'
#
loop_
_entity.id
_entity.type
_entity.pdbx_description
1 polymer 'Tyrosine 3-monooxygenase'
2 polymer 'Regulatory domain alpha-helix'
3 non-polymer L-DOPAMINE
4 non-polymer 'FE (III) ION'
#
loop_
_entity_poly.entity_id
_entity_poly.type
_entity_poly.pdbx_seq_one_letter_code
_entity_poly.pdbx_strand_id
1 'polypeptide(L)'
;VPWFPRKVSELDKCHHLVTKFDPDLDLDHPGFSDQVYRQRRKLIAEIAFQYRHGDPIPRVEYTAEEIATWKEVYTTLKGL
YATHACGEHLEAFALLERFSGYREDNIPQLEDVSRFLKERTGFQLRPVAGLLSARDFLASLAFRVFQCTQYIRHASSPMH
SPEPDCCHELLGHVPMLADRTFAQFSQDIGLASLGASDEEIEKLSTLYWFTVEFGLCKQNGEVKAYGAGLLSSYGELLHC
LSEEPEIRAFDPEAAAVQPYQDQTYQSVYFVSESFSDAKDKLRSYASRIQRPFSVKFDPYTLAIDVLDSPQAVRRSLEGV
QDELDTLAHALSAIG
;
B,A,D,F
2 'polypeptide(L)' SLIEDARKEREAAVAAAA G,C,E,H
#
# COMPACT_ATOMS: atom_id res chain seq x y z
N VAL A 1 3.88 -7.28 33.76
CA VAL A 1 4.07 -6.36 32.64
C VAL A 1 3.69 -4.94 33.05
N PRO A 2 4.51 -3.97 32.68
CA PRO A 2 4.23 -2.57 33.06
C PRO A 2 2.88 -2.12 32.50
N TRP A 3 2.16 -1.34 33.31
CA TRP A 3 0.88 -0.80 32.88
C TRP A 3 1.08 0.47 32.08
N PHE A 4 0.27 0.62 31.03
CA PHE A 4 0.31 1.81 30.19
C PHE A 4 -1.11 2.19 29.84
N PRO A 5 -1.38 3.49 29.69
CA PRO A 5 -2.72 3.92 29.27
C PRO A 5 -2.98 3.55 27.82
N ARG A 6 -4.28 3.47 27.48
CA ARG A 6 -4.71 3.15 26.13
C ARG A 6 -5.25 4.36 25.38
N LYS A 7 -5.65 5.42 26.07
CA LYS A 7 -6.16 6.63 25.42
C LYS A 7 -6.12 7.77 26.43
N VAL A 8 -6.47 8.97 25.95
CA VAL A 8 -6.39 10.16 26.78
C VAL A 8 -7.32 10.06 27.98
N SER A 9 -8.42 9.30 27.86
CA SER A 9 -9.41 9.27 28.92
C SER A 9 -8.80 8.81 30.24
N GLU A 10 -8.11 7.67 30.23
CA GLU A 10 -7.51 7.17 31.46
C GLU A 10 -6.27 7.98 31.83
N LEU A 11 -5.59 8.57 30.84
CA LEU A 11 -4.40 9.36 31.12
C LEU A 11 -4.71 10.47 32.12
N ASP A 12 -5.80 11.21 31.89
CA ASP A 12 -6.18 12.27 32.82
C ASP A 12 -6.74 11.69 34.12
N LYS A 13 -7.60 10.68 34.01
CA LYS A 13 -8.28 10.14 35.19
C LYS A 13 -7.28 9.55 36.17
N CYS A 14 -6.57 8.48 35.77
CA CYS A 14 -5.70 7.78 36.70
C CYS A 14 -4.56 8.66 37.17
N HIS A 15 -3.96 9.43 36.26
CA HIS A 15 -2.82 10.27 36.62
C HIS A 15 -3.21 11.40 37.57
N HIS A 16 -4.43 11.92 37.46
CA HIS A 16 -4.89 12.99 38.34
C HIS A 16 -5.54 12.47 39.61
N LEU A 17 -5.68 11.15 39.76
CA LEU A 17 -6.25 10.55 40.96
C LEU A 17 -5.17 9.96 41.87
N VAL A 18 -4.29 9.13 41.32
CA VAL A 18 -3.20 8.57 42.12
C VAL A 18 -2.28 9.68 42.61
N THR A 19 -1.94 10.62 41.73
CA THR A 19 -1.10 11.75 42.08
C THR A 19 -1.94 12.87 42.68
N LYS A 20 -1.43 13.49 43.73
CA LYS A 20 -2.16 14.56 44.40
C LYS A 20 -1.24 15.22 45.43
N PHE A 21 -1.37 16.53 45.57
CA PHE A 21 -0.64 17.30 46.58
C PHE A 21 0.86 16.98 46.53
N ASP A 22 1.46 17.33 45.39
CA ASP A 22 2.88 17.09 45.13
C ASP A 22 3.54 18.41 44.77
N PRO A 23 3.66 19.32 45.73
CA PRO A 23 4.33 20.60 45.45
C PRO A 23 5.83 20.43 45.27
N ASP A 24 6.41 21.38 44.56
CA ASP A 24 7.85 21.40 44.30
C ASP A 24 8.55 22.28 45.33
N LEU A 25 9.72 21.81 45.78
CA LEU A 25 10.52 22.55 46.76
C LEU A 25 11.49 23.52 46.10
N ASP A 26 12.40 23.00 45.27
CA ASP A 26 13.37 23.81 44.54
C ASP A 26 13.94 24.94 45.39
N LEU A 27 14.34 24.64 46.62
CA LEU A 27 14.88 25.66 47.51
C LEU A 27 16.36 25.90 47.25
N ASP A 28 17.15 24.84 47.04
CA ASP A 28 18.58 24.99 46.81
C ASP A 28 18.87 25.66 45.47
N HIS A 29 17.90 25.70 44.56
CA HIS A 29 18.12 26.31 43.27
C HIS A 29 18.27 27.83 43.42
N PRO A 30 18.93 28.49 42.46
CA PRO A 30 19.11 29.94 42.55
C PRO A 30 17.78 30.67 42.67
N GLY A 31 17.66 31.54 43.66
CA GLY A 31 16.40 32.21 43.92
C GLY A 31 15.42 31.32 44.65
N PHE A 32 14.15 31.38 44.26
CA PHE A 32 13.09 30.56 44.86
C PHE A 32 12.91 30.84 46.35
N SER A 33 13.36 32.00 46.81
CA SER A 33 13.22 32.41 48.20
C SER A 33 12.09 33.40 48.42
N ASP A 34 11.82 34.26 47.44
CA ASP A 34 10.72 35.21 47.56
C ASP A 34 9.39 34.46 47.65
N GLN A 35 8.51 34.96 48.52
CA GLN A 35 7.20 34.33 48.69
C GLN A 35 6.40 34.38 47.39
N VAL A 36 6.65 35.39 46.56
CA VAL A 36 5.89 35.54 45.32
C VAL A 36 6.10 34.33 44.42
N TYR A 37 7.34 33.87 44.29
CA TYR A 37 7.63 32.72 43.45
C TYR A 37 6.90 31.48 43.95
N ARG A 38 6.87 31.28 45.27
CA ARG A 38 6.14 30.15 45.82
C ARG A 38 4.65 30.25 45.51
N GLN A 39 4.09 31.46 45.60
CA GLN A 39 2.68 31.63 45.28
C GLN A 39 2.41 31.31 43.82
N ARG A 40 3.29 31.74 42.92
CA ARG A 40 3.12 31.42 41.51
C ARG A 40 3.15 29.91 41.29
N ARG A 41 4.08 29.21 41.94
CA ARG A 41 4.13 27.76 41.82
C ARG A 41 2.84 27.12 42.31
N LYS A 42 2.30 27.60 43.43
CA LYS A 42 1.03 27.08 43.92
C LYS A 42 -0.09 27.37 42.92
N LEU A 43 -0.10 28.58 42.34
CA LEU A 43 -1.11 28.92 41.35
C LEU A 43 -1.01 28.01 40.13
N ILE A 44 0.22 27.75 39.66
CA ILE A 44 0.39 26.86 38.52
C ILE A 44 -0.06 25.45 38.86
N ALA A 45 0.29 24.96 40.06
CA ALA A 45 -0.07 23.61 40.44
C ALA A 45 -1.59 23.44 40.51
N GLU A 46 -2.28 24.40 41.11
CA GLU A 46 -3.74 24.31 41.21
C GLU A 46 -4.38 24.34 39.83
N ILE A 47 -3.89 25.20 38.94
CA ILE A 47 -4.42 25.25 37.58
C ILE A 47 -4.12 23.95 36.85
N ALA A 48 -2.92 23.39 37.06
CA ALA A 48 -2.52 22.18 36.35
C ALA A 48 -3.24 20.95 36.88
N PHE A 49 -3.21 20.74 38.20
CA PHE A 49 -3.79 19.53 38.76
C PHE A 49 -5.29 19.46 38.51
N GLN A 50 -6.00 20.57 38.67
CA GLN A 50 -7.44 20.60 38.50
C GLN A 50 -7.89 20.60 37.04
N TYR A 51 -6.97 20.77 36.11
CA TYR A 51 -7.33 20.78 34.70
C TYR A 51 -7.77 19.40 34.24
N ARG A 52 -8.77 19.37 33.37
CA ARG A 52 -9.29 18.14 32.81
C ARG A 52 -9.06 18.12 31.30
N HIS A 53 -8.86 16.91 30.77
CA HIS A 53 -8.59 16.76 29.34
C HIS A 53 -9.75 17.30 28.52
N GLY A 54 -9.41 18.05 27.47
CA GLY A 54 -10.39 18.61 26.58
C GLY A 54 -10.90 19.98 26.96
N ASP A 55 -10.57 20.46 28.16
CA ASP A 55 -11.00 21.79 28.59
C ASP A 55 -10.06 22.86 28.05
N PRO A 56 -10.56 24.09 27.87
CA PRO A 56 -9.68 25.18 27.44
C PRO A 56 -8.63 25.48 28.50
N ILE A 57 -7.46 25.92 28.02
CA ILE A 57 -6.36 26.25 28.92
C ILE A 57 -6.65 27.57 29.61
N PRO A 58 -6.71 27.60 30.94
CA PRO A 58 -6.99 28.86 31.64
C PRO A 58 -5.92 29.90 31.35
N ARG A 59 -6.35 31.15 31.21
CA ARG A 59 -5.43 32.25 31.00
C ARG A 59 -4.79 32.66 32.31
N VAL A 60 -3.49 32.98 32.26
CA VAL A 60 -2.73 33.42 33.41
C VAL A 60 -2.13 34.78 33.11
N GLU A 61 -2.34 35.73 34.01
CA GLU A 61 -1.82 37.07 33.85
C GLU A 61 -0.35 37.12 34.24
N TYR A 62 0.38 38.07 33.65
CA TYR A 62 1.80 38.21 33.87
C TYR A 62 2.12 39.58 34.43
N THR A 63 2.95 39.61 35.47
CA THR A 63 3.41 40.86 36.05
C THR A 63 4.56 41.44 35.23
N ALA A 64 5.17 42.49 35.77
CA ALA A 64 6.25 43.17 35.03
C ALA A 64 7.51 42.32 34.97
N GLU A 65 7.81 41.59 36.05
CA GLU A 65 9.10 40.89 36.12
C GLU A 65 9.21 39.83 35.02
N GLU A 66 8.16 39.05 34.80
CA GLU A 66 8.22 38.03 33.76
C GLU A 66 8.17 38.63 32.37
N ILE A 67 7.32 39.64 32.17
CA ILE A 67 7.23 40.27 30.85
C ILE A 67 8.54 40.94 30.50
N ALA A 68 9.18 41.61 31.46
CA ALA A 68 10.47 42.23 31.20
C ALA A 68 11.52 41.18 30.82
N THR A 69 11.52 40.04 31.52
CA THR A 69 12.46 38.97 31.17
C THR A 69 12.18 38.45 29.77
N TRP A 70 10.89 38.30 29.42
CA TRP A 70 10.55 37.83 28.07
C TRP A 70 11.06 38.78 27.01
N LYS A 71 10.92 40.09 27.23
CA LYS A 71 11.40 41.06 26.27
C LYS A 71 12.91 40.96 26.09
N GLU A 72 13.64 40.87 27.21
CA GLU A 72 15.10 40.78 27.13
C GLU A 72 15.54 39.51 26.42
N VAL A 73 14.99 38.36 26.83
CA VAL A 73 15.36 37.10 26.21
C VAL A 73 14.96 37.08 24.74
N TYR A 74 13.74 37.54 24.43
CA TYR A 74 13.29 37.53 23.05
C TYR A 74 14.17 38.40 22.16
N THR A 75 14.49 39.61 22.63
CA THR A 75 15.32 40.51 21.84
C THR A 75 16.72 39.94 21.64
N THR A 76 17.33 39.42 22.70
CA THR A 76 18.69 38.89 22.60
C THR A 76 18.71 37.62 21.75
N LEU A 77 17.81 36.68 22.04
CA LEU A 77 17.80 35.42 21.29
C LEU A 77 17.39 35.64 19.85
N LYS A 78 16.41 36.53 19.61
CA LYS A 78 15.95 36.77 18.25
C LYS A 78 17.07 37.30 17.37
N GLY A 79 17.92 38.17 17.91
CA GLY A 79 19.03 38.71 17.14
C GLY A 79 20.10 37.69 16.83
N LEU A 80 20.15 36.59 17.58
CA LEU A 80 21.10 35.52 17.33
C LEU A 80 20.51 34.34 16.59
N TYR A 81 19.17 34.24 16.49
CA TYR A 81 18.56 33.13 15.77
C TYR A 81 18.91 33.15 14.29
N ALA A 82 19.37 34.28 13.77
CA ALA A 82 19.80 34.32 12.37
C ALA A 82 20.95 33.35 12.11
N THR A 83 21.67 32.97 13.15
CA THR A 83 22.76 32.01 13.05
C THR A 83 22.55 30.89 14.05
N HIS A 84 23.07 29.71 13.72
CA HIS A 84 23.00 28.55 14.60
C HIS A 84 21.59 27.94 14.60
N ALA A 85 20.67 28.57 13.89
CA ALA A 85 19.30 28.08 13.82
C ALA A 85 19.13 27.18 12.60
N CYS A 86 18.01 26.45 12.59
CA CYS A 86 17.69 25.53 11.51
C CYS A 86 16.56 26.11 10.66
N GLY A 87 16.44 25.61 9.43
CA GLY A 87 15.50 26.20 8.50
C GLY A 87 14.08 26.22 9.02
N GLU A 88 13.61 25.08 9.54
CA GLU A 88 12.24 25.02 10.07
C GLU A 88 12.07 25.99 11.23
N HIS A 89 13.10 26.14 12.06
CA HIS A 89 13.00 27.04 13.21
C HIS A 89 12.77 28.48 12.77
N LEU A 90 13.45 28.91 11.70
CA LEU A 90 13.34 30.29 11.24
C LEU A 90 11.88 30.64 10.95
N GLU A 91 11.27 29.96 9.98
CA GLU A 91 9.88 30.25 9.64
C GLU A 91 8.95 29.89 10.79
N ALA A 92 9.40 29.05 11.72
CA ALA A 92 8.57 28.67 12.86
C ALA A 92 8.11 29.91 13.63
N PHE A 93 9.05 30.69 14.16
CA PHE A 93 8.69 31.90 14.89
C PHE A 93 8.22 33.01 13.95
N ALA A 94 8.70 33.02 12.71
CA ALA A 94 8.27 34.06 11.77
C ALA A 94 6.76 34.05 11.60
N LEU A 95 6.18 32.89 11.31
CA LEU A 95 4.73 32.77 11.27
C LEU A 95 4.13 33.00 12.65
N LEU A 96 4.77 32.44 13.69
CA LEU A 96 4.25 32.60 15.05
C LEU A 96 4.22 34.06 15.47
N GLU A 97 5.31 34.79 15.20
CA GLU A 97 5.35 36.21 15.57
C GLU A 97 4.27 36.99 14.83
N ARG A 98 4.08 36.70 13.54
CA ARG A 98 3.04 37.39 12.78
C ARG A 98 1.65 36.99 13.27
N PHE A 99 1.46 35.73 13.67
CA PHE A 99 0.16 35.23 14.07
C PHE A 99 0.06 34.99 15.57
N SER A 100 0.96 34.19 16.14
CA SER A 100 0.88 33.90 17.57
C SER A 100 1.21 35.13 18.42
N GLY A 101 1.81 36.15 17.83
CA GLY A 101 2.12 37.36 18.57
C GLY A 101 3.45 37.36 19.29
N TYR A 102 4.38 36.49 18.90
CA TYR A 102 5.69 36.42 19.56
C TYR A 102 6.42 37.75 19.43
N ARG A 103 6.56 38.47 20.54
CA ARG A 103 7.32 39.71 20.56
C ARG A 103 7.88 39.93 21.95
N GLU A 104 8.95 40.71 22.03
CA GLU A 104 9.56 41.00 23.32
C GLU A 104 8.61 41.77 24.23
N ASP A 105 7.88 42.74 23.66
CA ASP A 105 6.95 43.54 24.44
C ASP A 105 5.65 42.81 24.75
N ASN A 106 5.32 41.77 24.01
CA ASN A 106 4.06 41.05 24.17
C ASN A 106 4.36 39.55 24.32
N ILE A 107 4.14 39.02 25.52
CA ILE A 107 4.31 37.60 25.78
C ILE A 107 2.97 36.90 25.53
N PRO A 108 2.90 35.93 24.63
CA PRO A 108 1.62 35.30 24.31
C PRO A 108 1.15 34.38 25.43
N GLN A 109 -0.10 33.95 25.30
CA GLN A 109 -0.73 33.05 26.26
C GLN A 109 -0.59 31.60 25.79
N LEU A 110 -1.27 30.71 26.50
CA LEU A 110 -1.21 29.29 26.19
C LEU A 110 -2.38 28.83 25.31
N GLU A 111 -3.58 29.33 25.60
CA GLU A 111 -4.76 28.91 24.83
C GLU A 111 -4.62 29.26 23.36
N ASP A 112 -4.18 30.49 23.08
CA ASP A 112 -4.02 30.92 21.69
C ASP A 112 -2.94 30.10 20.99
N VAL A 113 -1.80 29.91 21.64
CA VAL A 113 -0.71 29.14 21.04
C VAL A 113 -1.11 27.69 20.87
N SER A 114 -1.78 27.11 21.87
CA SER A 114 -2.18 25.71 21.80
C SER A 114 -3.10 25.48 20.60
N ARG A 115 -4.05 26.40 20.38
CA ARG A 115 -4.94 26.29 19.24
C ARG A 115 -4.15 26.29 17.92
N PHE A 116 -3.16 27.19 17.82
CA PHE A 116 -2.39 27.31 16.58
C PHE A 116 -1.63 26.02 16.28
N LEU A 117 -0.95 25.46 17.28
CA LEU A 117 -0.16 24.26 17.05
C LEU A 117 -1.04 23.08 16.66
N LYS A 118 -2.14 22.87 17.38
CA LYS A 118 -3.03 21.77 17.05
C LYS A 118 -3.64 21.94 15.66
N GLU A 119 -4.04 23.16 15.31
CA GLU A 119 -4.63 23.40 13.99
C GLU A 119 -3.64 23.07 12.88
N ARG A 120 -2.39 23.50 13.02
CA ARG A 120 -1.41 23.28 11.96
C ARG A 120 -0.79 21.89 12.05
N THR A 121 -0.12 21.60 13.15
CA THR A 121 0.60 20.33 13.31
C THR A 121 -0.15 19.33 14.19
N GLY A 122 -1.37 19.66 14.62
CA GLY A 122 -2.12 18.75 15.47
C GLY A 122 -1.46 18.47 16.80
N PHE A 123 -0.89 19.50 17.44
CA PHE A 123 -0.24 19.36 18.73
C PHE A 123 -0.99 20.16 19.78
N GLN A 124 -1.13 19.57 20.97
CA GLN A 124 -1.77 20.21 22.10
C GLN A 124 -0.84 20.18 23.30
N LEU A 125 -0.94 21.21 24.14
CA LEU A 125 -0.08 21.37 25.29
C LEU A 125 -0.87 21.20 26.58
N ARG A 126 -0.31 20.43 27.51
CA ARG A 126 -0.92 20.22 28.82
C ARG A 126 -0.14 21.02 29.86
N PRO A 127 -0.75 22.03 30.47
CA PRO A 127 0.00 22.88 31.40
C PRO A 127 0.27 22.19 32.72
N VAL A 128 1.26 21.32 32.74
CA VAL A 128 1.59 20.52 33.93
C VAL A 128 2.78 21.16 34.63
N ALA A 129 2.85 20.95 35.94
CA ALA A 129 3.91 21.52 36.77
C ALA A 129 4.43 20.41 37.69
N GLY A 130 5.40 20.78 38.54
CA GLY A 130 5.98 19.82 39.44
C GLY A 130 6.87 18.80 38.72
N LEU A 131 7.14 17.72 39.43
CA LEU A 131 7.97 16.65 38.87
C LEU A 131 7.16 15.81 37.91
N LEU A 132 7.77 15.46 36.77
CA LEU A 132 7.15 14.61 35.76
C LEU A 132 7.98 13.33 35.62
N SER A 133 7.33 12.18 35.75
CA SER A 133 8.02 10.91 35.61
C SER A 133 8.35 10.66 34.15
N ALA A 134 8.95 9.50 33.86
CA ALA A 134 9.34 9.19 32.49
C ALA A 134 8.18 8.63 31.68
N ARG A 135 7.51 7.60 32.21
CA ARG A 135 6.47 6.92 31.44
C ARG A 135 5.35 7.87 31.06
N ASP A 136 4.89 8.68 32.02
CA ASP A 136 3.79 9.61 31.74
C ASP A 136 4.20 10.63 30.68
N PHE A 137 5.41 11.18 30.78
CA PHE A 137 5.88 12.16 29.81
C PHE A 137 5.98 11.53 28.42
N LEU A 138 6.55 10.34 28.34
CA LEU A 138 6.64 9.66 27.04
C LEU A 138 5.26 9.29 26.52
N ALA A 139 4.37 8.86 27.41
CA ALA A 139 3.00 8.53 26.99
C ALA A 139 2.31 9.74 26.38
N SER A 140 2.47 10.90 27.01
CA SER A 140 1.91 12.13 26.46
C SER A 140 2.52 12.42 25.08
N LEU A 141 3.83 12.23 24.96
CA LEU A 141 4.48 12.41 23.66
C LEU A 141 3.88 11.49 22.60
N ALA A 142 3.50 10.28 23.01
CA ALA A 142 2.90 9.34 22.07
C ALA A 142 1.61 9.90 21.48
N PHE A 143 0.77 10.50 22.32
CA PHE A 143 -0.48 11.13 21.87
C PHE A 143 -0.24 12.48 21.20
N ARG A 144 1.00 12.84 20.93
CA ARG A 144 1.36 14.10 20.28
C ARG A 144 1.03 15.32 21.15
N VAL A 145 0.91 15.14 22.47
CA VAL A 145 0.64 16.23 23.39
C VAL A 145 1.90 16.46 24.22
N PHE A 146 2.31 17.73 24.31
CA PHE A 146 3.54 18.10 24.99
C PHE A 146 3.21 18.76 26.32
N GLN A 147 3.70 18.17 27.40
CA GLN A 147 3.51 18.75 28.72
C GLN A 147 4.28 20.07 28.85
N CYS A 148 3.65 21.05 29.49
CA CYS A 148 4.24 22.37 29.60
C CYS A 148 3.87 22.97 30.94
N THR A 149 4.67 23.96 31.37
CA THR A 149 4.45 24.66 32.61
C THR A 149 4.18 26.13 32.33
N GLN A 150 3.37 26.75 33.19
CA GLN A 150 2.95 28.13 33.00
C GLN A 150 3.97 29.14 33.51
N TYR A 151 4.59 28.87 34.65
CA TYR A 151 5.55 29.81 35.22
C TYR A 151 6.85 29.79 34.42
N ILE A 152 7.65 30.84 34.60
CA ILE A 152 8.91 30.99 33.88
C ILE A 152 10.07 30.93 34.85
N ARG A 153 11.29 31.01 34.32
CA ARG A 153 12.50 30.91 35.14
C ARG A 153 12.56 32.05 36.15
N HIS A 154 13.45 31.91 37.13
CA HIS A 154 13.62 32.93 38.15
C HIS A 154 14.33 34.15 37.58
N ALA A 155 13.91 35.34 38.00
CA ALA A 155 14.51 36.57 37.50
C ALA A 155 15.97 36.70 37.91
N SER A 156 16.42 35.93 38.91
CA SER A 156 17.80 36.04 39.36
C SER A 156 18.78 35.65 38.26
N SER A 157 18.43 34.65 37.45
CA SER A 157 19.29 34.17 36.38
C SER A 157 18.50 34.16 35.07
N PRO A 158 18.27 35.34 34.48
CA PRO A 158 17.57 35.38 33.19
C PRO A 158 18.30 34.63 32.08
N MET A 159 19.63 34.61 32.11
CA MET A 159 20.38 33.97 31.03
C MET A 159 20.08 32.47 30.97
N HIS A 160 20.08 31.80 32.12
CA HIS A 160 19.82 30.37 32.16
C HIS A 160 18.93 30.05 33.35
N SER A 161 18.14 28.99 33.21
CA SER A 161 17.22 28.55 34.23
C SER A 161 17.64 27.20 34.78
N PRO A 162 17.81 27.05 36.10
CA PRO A 162 18.18 25.74 36.64
C PRO A 162 17.17 24.65 36.31
N GLU A 163 15.90 25.02 36.16
CA GLU A 163 14.85 24.07 35.81
C GLU A 163 14.10 24.58 34.58
N PRO A 164 13.61 23.68 33.73
CA PRO A 164 12.88 24.11 32.54
C PRO A 164 11.65 24.91 32.90
N ASP A 165 11.36 25.93 32.10
CA ASP A 165 10.21 26.80 32.29
C ASP A 165 9.51 27.04 30.94
N CYS A 166 8.54 27.96 30.94
CA CYS A 166 7.75 28.22 29.74
C CYS A 166 8.62 28.73 28.61
N CYS A 167 9.53 29.66 28.90
CA CYS A 167 10.36 30.23 27.84
C CYS A 167 11.24 29.17 27.21
N HIS A 168 11.83 28.28 28.02
CA HIS A 168 12.69 27.24 27.49
C HIS A 168 11.94 26.35 26.50
N GLU A 169 10.77 25.83 26.92
CA GLU A 169 9.99 24.97 26.04
C GLU A 169 9.48 25.75 24.84
N LEU A 170 9.02 26.98 25.05
CA LEU A 170 8.45 27.77 23.96
C LEU A 170 9.50 28.04 22.88
N LEU A 171 10.73 28.38 23.28
CA LEU A 171 11.75 28.70 22.30
C LEU A 171 12.45 27.45 21.78
N GLY A 172 12.98 26.63 22.68
CA GLY A 172 13.72 25.45 22.26
C GLY A 172 12.85 24.41 21.59
N HIS A 173 11.62 24.21 22.08
CA HIS A 173 10.80 23.09 21.64
C HIS A 173 9.75 23.51 20.60
N VAL A 174 9.00 24.57 20.90
CA VAL A 174 7.84 24.91 20.06
C VAL A 174 8.21 25.03 18.59
N PRO A 175 9.27 25.75 18.21
CA PRO A 175 9.62 25.81 16.78
C PRO A 175 9.88 24.45 16.16
N MET A 176 10.49 23.53 16.92
CA MET A 176 10.78 22.20 16.37
C MET A 176 9.50 21.37 16.28
N LEU A 177 8.63 21.48 17.28
CA LEU A 177 7.38 20.71 17.25
C LEU A 177 6.53 21.08 16.04
N ALA A 178 6.65 22.32 15.57
CA ALA A 178 5.90 22.76 14.40
C ALA A 178 6.29 22.02 13.13
N ASP A 179 7.47 21.40 13.09
CA ASP A 179 7.91 20.67 11.91
C ASP A 179 7.09 19.41 11.75
N ARG A 180 6.55 19.20 10.54
CA ARG A 180 5.72 18.04 10.29
C ARG A 180 6.53 16.75 10.42
N THR A 181 7.68 16.69 9.73
CA THR A 181 8.52 15.50 9.82
C THR A 181 9.02 15.29 11.24
N PHE A 182 9.46 16.36 11.89
CA PHE A 182 9.90 16.25 13.28
C PHE A 182 8.74 15.86 14.18
N ALA A 183 7.55 16.41 13.93
CA ALA A 183 6.39 16.05 14.74
C ALA A 183 6.12 14.56 14.67
N GLN A 184 6.14 13.99 13.46
CA GLN A 184 5.97 12.54 13.32
C GLN A 184 7.12 11.78 13.97
N PHE A 185 8.34 12.28 13.83
CA PHE A 185 9.48 11.64 14.46
C PHE A 185 9.32 11.60 15.98
N SER A 186 8.89 12.71 16.57
CA SER A 186 8.66 12.74 18.01
C SER A 186 7.53 11.78 18.39
N GLN A 187 6.47 11.73 17.58
CA GLN A 187 5.35 10.85 17.89
C GLN A 187 5.79 9.39 17.93
N ASP A 188 6.62 8.97 16.97
CA ASP A 188 7.10 7.60 16.97
C ASP A 188 7.83 7.26 18.26
N ILE A 189 8.58 8.22 18.80
CA ILE A 189 9.29 7.99 20.06
C ILE A 189 8.30 7.69 21.17
N GLY A 190 7.21 8.47 21.23
CA GLY A 190 6.20 8.23 22.25
C GLY A 190 5.58 6.86 22.16
N LEU A 191 5.24 6.44 20.94
CA LEU A 191 4.65 5.12 20.74
C LEU A 191 5.62 4.03 21.18
N ALA A 192 6.90 4.17 20.80
CA ALA A 192 7.91 3.21 21.23
C ALA A 192 8.08 3.22 22.73
N SER A 193 8.02 4.41 23.34
CA SER A 193 8.18 4.51 24.79
C SER A 193 7.08 3.76 25.53
N LEU A 194 5.88 3.73 24.96
CA LEU A 194 4.77 3.04 25.60
C LEU A 194 5.10 1.57 25.80
N GLY A 195 4.85 1.06 27.00
CA GLY A 195 5.11 -0.32 27.33
C GLY A 195 6.56 -0.69 27.51
N ALA A 196 7.47 0.28 27.42
CA ALA A 196 8.89 -0.01 27.59
C ALA A 196 9.19 -0.38 29.03
N SER A 197 10.10 -1.33 29.22
CA SER A 197 10.47 -1.77 30.55
C SER A 197 11.24 -0.66 31.27
N ASP A 198 11.60 -0.93 32.53
CA ASP A 198 12.33 0.05 33.33
C ASP A 198 13.62 0.48 32.63
N GLU A 199 14.44 -0.50 32.23
CA GLU A 199 15.66 -0.18 31.50
C GLU A 199 15.33 0.41 30.12
N GLU A 200 14.31 -0.14 29.45
CA GLU A 200 13.93 0.38 28.15
C GLU A 200 13.46 1.83 28.24
N ILE A 201 12.68 2.17 29.27
CA ILE A 201 12.25 3.55 29.45
C ILE A 201 13.46 4.47 29.52
N GLU A 202 14.48 4.07 30.28
CA GLU A 202 15.71 4.85 30.35
C GLU A 202 16.38 4.93 28.99
N LYS A 203 16.46 3.80 28.28
CA LYS A 203 17.14 3.77 26.99
C LYS A 203 16.47 4.71 26.00
N LEU A 204 15.15 4.57 25.83
CA LEU A 204 14.43 5.46 24.91
C LEU A 204 14.49 6.90 25.39
N SER A 205 14.34 7.12 26.69
CA SER A 205 14.40 8.48 27.23
C SER A 205 15.78 9.09 27.00
N THR A 206 16.84 8.27 27.06
CA THR A 206 18.18 8.79 26.87
C THR A 206 18.33 9.43 25.49
N LEU A 207 17.73 8.83 24.47
CA LEU A 207 17.81 9.40 23.13
C LEU A 207 17.18 10.78 23.08
N TYR A 208 16.05 10.95 23.77
CA TYR A 208 15.38 12.25 23.77
C TYR A 208 16.29 13.36 24.28
N TRP A 209 16.96 13.11 25.41
CA TRP A 209 17.83 14.13 25.98
C TRP A 209 18.99 14.43 25.05
N PHE A 210 19.57 13.41 24.43
CA PHE A 210 20.68 13.59 23.50
C PHE A 210 20.23 13.95 22.09
N THR A 211 18.93 13.92 21.80
CA THR A 211 18.43 14.24 20.47
C THR A 211 17.50 15.43 20.45
N VAL A 212 16.50 15.47 21.33
CA VAL A 212 15.53 16.56 21.31
C VAL A 212 16.07 17.79 22.01
N GLU A 213 16.51 17.63 23.26
CA GLU A 213 17.06 18.77 23.98
C GLU A 213 18.34 19.28 23.34
N PHE A 214 19.16 18.39 22.80
CA PHE A 214 20.41 18.76 22.14
C PHE A 214 20.53 17.93 20.87
N GLY A 215 20.61 18.61 19.72
CA GLY A 215 20.69 17.92 18.45
C GLY A 215 21.34 18.79 17.40
N LEU A 216 22.00 18.14 16.44
CA LEU A 216 22.65 18.81 15.33
C LEU A 216 22.19 18.17 14.02
N CYS A 217 22.25 18.97 12.95
CA CYS A 217 21.85 18.50 11.63
C CYS A 217 22.65 19.25 10.58
N LYS A 218 22.73 18.66 9.39
CA LYS A 218 23.44 19.24 8.26
C LYS A 218 22.46 19.43 7.11
N GLN A 219 22.03 20.66 6.90
CA GLN A 219 21.10 20.98 5.83
C GLN A 219 21.58 22.23 5.10
N ASN A 220 21.28 22.30 3.80
CA ASN A 220 21.66 23.42 2.95
C ASN A 220 23.17 23.58 2.86
N GLY A 221 23.93 22.56 3.22
CA GLY A 221 25.37 22.62 3.17
C GLY A 221 26.05 23.16 4.41
N GLU A 222 25.29 23.49 5.45
CA GLU A 222 25.85 23.98 6.71
C GLU A 222 25.24 23.21 7.87
N VAL A 223 26.00 23.12 8.96
CA VAL A 223 25.57 22.41 10.15
C VAL A 223 24.82 23.37 11.07
N LYS A 224 23.65 22.94 11.53
CA LYS A 224 22.82 23.73 12.43
C LYS A 224 22.33 22.83 13.57
N ALA A 225 22.02 23.46 14.70
CA ALA A 225 21.57 22.76 15.88
C ALA A 225 20.07 22.93 16.06
N TYR A 226 19.36 21.82 16.29
CA TYR A 226 17.93 21.84 16.50
C TYR A 226 17.50 21.50 17.91
N GLY A 227 18.42 21.02 18.76
CA GLY A 227 18.04 20.67 20.12
C GLY A 227 17.48 21.88 20.87
N ALA A 228 16.46 21.63 21.68
CA ALA A 228 15.85 22.72 22.44
C ALA A 228 16.86 23.36 23.39
N GLY A 229 17.66 22.55 24.07
CA GLY A 229 18.66 23.09 24.97
C GLY A 229 19.68 23.96 24.25
N LEU A 230 20.12 23.52 23.06
CA LEU A 230 21.10 24.29 22.31
C LEU A 230 20.56 25.66 21.94
N LEU A 231 19.30 25.73 21.51
CA LEU A 231 18.69 26.99 21.12
C LEU A 231 18.07 27.73 22.30
N SER A 232 18.13 27.17 23.51
CA SER A 232 17.57 27.82 24.69
C SER A 232 18.60 28.57 25.52
N SER A 233 19.85 28.11 25.55
CA SER A 233 20.90 28.75 26.32
C SER A 233 21.78 29.56 25.38
N TYR A 234 21.89 30.87 25.64
CA TYR A 234 22.72 31.72 24.80
C TYR A 234 24.18 31.27 24.84
N GLY A 235 24.70 30.97 26.03
CA GLY A 235 26.06 30.46 26.13
C GLY A 235 26.22 29.12 25.44
N GLU A 236 25.27 28.21 25.66
CA GLU A 236 25.33 26.91 24.99
C GLU A 236 25.09 27.03 23.50
N LEU A 237 24.36 28.07 23.08
CA LEU A 237 24.11 28.26 21.65
C LEU A 237 25.42 28.44 20.88
N LEU A 238 26.33 29.24 21.43
CA LEU A 238 27.65 29.39 20.81
C LEU A 238 28.51 28.16 21.07
N HIS A 239 28.40 27.57 22.26
CA HIS A 239 29.23 26.42 22.60
C HIS A 239 28.88 25.21 21.73
N CYS A 240 27.60 24.99 21.45
CA CYS A 240 27.20 23.80 20.72
C CYS A 240 27.86 23.76 19.35
N LEU A 241 27.86 24.88 18.64
CA LEU A 241 28.51 24.94 17.34
C LEU A 241 30.03 25.05 17.45
N SER A 242 30.54 25.40 18.62
CA SER A 242 31.99 25.50 18.81
C SER A 242 32.63 24.11 18.70
N GLU A 243 33.89 24.11 18.26
CA GLU A 243 34.62 22.87 18.09
C GLU A 243 35.14 22.29 19.40
N GLU A 244 35.10 23.06 20.49
CA GLU A 244 35.59 22.54 21.77
C GLU A 244 34.81 21.31 22.22
N PRO A 245 33.48 21.32 22.26
CA PRO A 245 32.75 20.12 22.65
C PRO A 245 32.88 19.01 21.62
N GLU A 246 32.84 17.77 22.10
CA GLU A 246 32.93 16.62 21.21
C GLU A 246 31.68 16.52 20.34
N ILE A 247 31.89 16.23 19.05
CA ILE A 247 30.81 16.07 18.09
C ILE A 247 30.96 14.72 17.41
N ARG A 248 29.87 13.96 17.37
CA ARG A 248 29.89 12.63 16.79
C ARG A 248 28.60 12.40 16.02
N ALA A 249 28.66 11.48 15.06
CA ALA A 249 27.48 11.13 14.28
C ALA A 249 26.42 10.53 15.18
N PHE A 250 25.15 10.82 14.88
CA PHE A 250 24.05 10.32 15.68
C PHE A 250 24.07 8.79 15.73
N ASP A 251 23.89 8.25 16.94
CA ASP A 251 23.84 6.81 17.13
C ASP A 251 22.86 6.48 18.26
N PRO A 252 21.83 5.68 18.00
CA PRO A 252 20.86 5.35 19.05
C PRO A 252 21.51 4.71 20.27
N GLU A 253 22.28 3.64 20.05
CA GLU A 253 22.92 2.94 21.15
C GLU A 253 23.91 3.84 21.88
N ALA A 254 24.71 4.60 21.13
CA ALA A 254 25.73 5.44 21.74
C ALA A 254 25.10 6.48 22.66
N ALA A 255 24.04 7.15 22.19
CA ALA A 255 23.38 8.15 23.01
C ALA A 255 22.74 7.54 24.26
N ALA A 256 22.13 6.37 24.12
CA ALA A 256 21.43 5.74 25.24
C ALA A 256 22.38 5.24 26.33
N VAL A 257 23.69 5.21 26.07
CA VAL A 257 24.66 4.70 27.04
C VAL A 257 25.72 5.75 27.30
N GLN A 258 25.81 6.75 26.44
CA GLN A 258 26.84 7.78 26.59
C GLN A 258 26.64 8.51 27.91
N PRO A 259 27.70 8.71 28.70
CA PRO A 259 27.55 9.38 29.99
C PRO A 259 27.07 10.82 29.86
N TYR A 260 26.36 11.31 30.87
CA TYR A 260 25.76 12.63 30.85
C TYR A 260 26.24 13.43 32.05
N GLN A 261 25.89 14.72 32.07
CA GLN A 261 26.21 15.60 33.20
C GLN A 261 25.07 16.57 33.42
N ASP A 262 24.99 17.09 34.64
CA ASP A 262 23.92 17.99 35.04
C ASP A 262 24.51 19.28 35.60
N GLN A 263 23.74 20.37 35.46
CA GLN A 263 24.16 21.70 35.93
C GLN A 263 25.45 22.15 35.26
N THR A 264 25.72 21.63 34.06
CA THR A 264 26.93 21.98 33.32
C THR A 264 26.66 21.87 31.83
N TYR A 265 27.50 22.55 31.05
CA TYR A 265 27.38 22.50 29.61
C TYR A 265 27.60 21.07 29.10
N GLN A 266 27.29 20.87 27.82
CA GLN A 266 27.40 19.58 27.18
C GLN A 266 28.57 19.56 26.21
N SER A 267 29.37 18.49 26.27
CA SER A 267 30.51 18.33 25.39
C SER A 267 30.35 17.22 24.36
N VAL A 268 29.39 16.32 24.56
CA VAL A 268 29.12 15.23 23.63
C VAL A 268 27.88 15.58 22.83
N TYR A 269 28.01 15.58 21.50
CA TYR A 269 26.91 15.94 20.61
C TYR A 269 26.72 14.85 19.56
N PHE A 270 25.46 14.64 19.18
CA PHE A 270 25.09 13.73 18.11
C PHE A 270 24.48 14.52 16.97
N VAL A 271 24.96 14.28 15.75
CA VAL A 271 24.52 15.02 14.57
C VAL A 271 23.92 14.04 13.57
N SER A 272 22.73 14.38 13.08
CA SER A 272 22.03 13.57 12.08
C SER A 272 21.95 14.37 10.79
N GLU A 273 22.34 13.75 9.67
CA GLU A 273 22.32 14.45 8.39
C GLU A 273 20.90 14.90 8.05
N SER A 274 19.92 14.03 8.24
CA SER A 274 18.53 14.35 7.99
C SER A 274 17.65 13.77 9.09
N PHE A 275 16.50 14.40 9.32
CA PHE A 275 15.59 13.92 10.35
C PHE A 275 15.07 12.52 10.02
N SER A 276 14.84 12.25 8.73
CA SER A 276 14.35 10.94 8.33
C SER A 276 15.32 9.84 8.73
N ASP A 277 16.63 10.10 8.66
CA ASP A 277 17.61 9.12 9.08
C ASP A 277 17.42 8.76 10.56
N ALA A 278 17.17 9.77 11.40
CA ALA A 278 16.86 9.50 12.79
C ALA A 278 15.56 8.70 12.89
N LYS A 279 14.56 9.07 12.09
CA LYS A 279 13.24 8.44 12.18
C LYS A 279 13.31 6.94 12.01
N ASP A 280 13.80 6.48 10.84
CA ASP A 280 13.82 5.06 10.55
C ASP A 280 14.76 4.31 11.50
N LYS A 281 15.88 4.93 11.85
CA LYS A 281 16.82 4.28 12.76
C LYS A 281 16.16 4.00 14.11
N LEU A 282 15.42 4.96 14.64
CA LEU A 282 14.69 4.72 15.89
C LEU A 282 13.64 3.63 15.72
N ARG A 283 12.92 3.65 14.59
CA ARG A 283 11.93 2.62 14.34
C ARG A 283 12.59 1.24 14.27
N SER A 284 13.73 1.15 13.59
CA SER A 284 14.50 -0.09 13.62
C SER A 284 14.96 -0.40 15.04
N TYR A 285 15.42 0.63 15.76
CA TYR A 285 15.79 0.43 17.16
C TYR A 285 14.61 -0.03 17.98
N ALA A 286 13.44 0.57 17.76
CA ALA A 286 12.24 0.12 18.45
C ALA A 286 11.90 -1.32 18.12
N SER A 287 12.03 -1.70 16.84
CA SER A 287 11.81 -3.09 16.46
C SER A 287 12.83 -3.99 17.16
N ARG A 288 14.08 -3.52 17.27
CA ARG A 288 15.07 -4.27 18.03
C ARG A 288 14.69 -4.39 19.49
N ILE A 289 14.06 -3.35 20.05
CA ILE A 289 13.61 -3.38 21.44
C ILE A 289 12.53 -4.44 21.59
N GLN A 290 12.76 -5.41 22.46
CA GLN A 290 11.79 -6.48 22.66
C GLN A 290 10.50 -5.94 23.24
N ARG A 291 9.37 -6.40 22.69
CA ARG A 291 8.05 -6.05 23.19
C ARG A 291 7.08 -7.16 22.80
N PRO A 292 6.23 -7.60 23.73
CA PRO A 292 5.27 -8.67 23.39
C PRO A 292 4.19 -8.26 22.40
N PHE A 293 4.22 -7.03 21.91
CA PHE A 293 3.19 -6.53 21.00
C PHE A 293 3.73 -5.26 20.34
N SER A 294 2.87 -4.56 19.61
CA SER A 294 3.22 -3.29 18.99
C SER A 294 2.16 -2.26 19.41
N VAL A 295 2.24 -1.07 18.82
CA VAL A 295 1.34 0.01 19.16
C VAL A 295 1.03 0.82 17.90
N LYS A 296 -0.21 1.29 17.81
CA LYS A 296 -0.65 2.10 16.69
C LYS A 296 -1.49 3.26 17.21
N PHE A 297 -1.51 4.35 16.45
CA PHE A 297 -2.26 5.56 16.78
C PHE A 297 -3.33 5.80 15.72
N ASP A 298 -4.52 6.19 16.16
CA ASP A 298 -5.62 6.49 15.27
C ASP A 298 -5.95 7.97 15.35
N PRO A 299 -5.53 8.80 14.38
CA PRO A 299 -5.88 10.22 14.44
C PRO A 299 -7.37 10.49 14.38
N TYR A 300 -8.16 9.61 13.74
CA TYR A 300 -9.59 9.83 13.63
C TYR A 300 -10.26 9.90 15.00
N THR A 301 -9.70 9.20 15.99
CA THR A 301 -10.24 9.21 17.34
C THR A 301 -9.20 9.55 18.40
N LEU A 302 -7.97 9.85 17.99
CA LEU A 302 -6.89 10.18 18.93
C LEU A 302 -6.75 9.07 19.98
N ALA A 303 -6.86 7.83 19.52
CA ALA A 303 -6.79 6.67 20.39
C ALA A 303 -5.57 5.81 20.03
N ILE A 304 -5.16 4.99 20.97
CA ILE A 304 -4.02 4.09 20.80
C ILE A 304 -4.51 2.66 20.98
N ASP A 305 -4.18 1.80 20.01
CA ASP A 305 -4.60 0.41 20.01
C ASP A 305 -3.39 -0.50 20.05
N VAL A 306 -3.42 -1.50 20.93
CA VAL A 306 -2.32 -2.44 21.02
C VAL A 306 -2.23 -3.26 19.73
N LEU A 307 -1.02 -3.71 19.40
CA LEU A 307 -0.76 -4.50 18.20
C LEU A 307 -0.14 -5.81 18.64
N ASP A 308 -0.99 -6.80 18.94
CA ASP A 308 -0.54 -8.10 19.40
C ASP A 308 -1.11 -9.28 18.61
N SER A 309 -2.14 -9.05 17.79
CA SER A 309 -2.76 -10.13 17.04
C SER A 309 -2.93 -9.72 15.58
N PRO A 310 -2.92 -10.68 14.66
CA PRO A 310 -3.12 -10.34 13.25
C PRO A 310 -4.45 -9.65 12.97
N GLN A 311 -5.49 -9.97 13.75
CA GLN A 311 -6.79 -9.36 13.52
C GLN A 311 -6.72 -7.85 13.68
N ALA A 312 -6.03 -7.38 14.72
CA ALA A 312 -5.85 -5.95 14.90
C ALA A 312 -5.07 -5.35 13.72
N VAL A 313 -4.04 -6.05 13.25
CA VAL A 313 -3.28 -5.58 12.10
C VAL A 313 -4.17 -5.46 10.88
N ARG A 314 -5.01 -6.47 10.65
CA ARG A 314 -5.92 -6.43 9.51
C ARG A 314 -6.88 -5.26 9.62
N ARG A 315 -7.37 -4.98 10.83
CA ARG A 315 -8.28 -3.87 11.04
C ARG A 315 -7.69 -2.56 10.50
N SER A 316 -6.44 -2.27 10.89
CA SER A 316 -5.77 -1.08 10.37
C SER A 316 -5.50 -1.21 8.88
N LEU A 317 -5.13 -2.41 8.43
CA LEU A 317 -4.81 -2.61 7.02
C LEU A 317 -6.01 -2.31 6.14
N GLU A 318 -7.20 -2.75 6.55
CA GLU A 318 -8.41 -2.50 5.77
C GLU A 318 -8.62 -1.01 5.56
N GLY A 319 -8.44 -0.21 6.60
CA GLY A 319 -8.52 1.23 6.44
C GLY A 319 -7.43 1.77 5.54
N VAL A 320 -6.22 1.19 5.63
CA VAL A 320 -5.11 1.64 4.80
C VAL A 320 -5.44 1.43 3.33
N GLN A 321 -5.87 0.22 2.97
CA GLN A 321 -6.22 -0.07 1.58
C GLN A 321 -7.39 0.76 1.10
N ASP A 322 -8.31 1.13 1.98
CA ASP A 322 -9.42 2.00 1.59
C ASP A 322 -8.91 3.35 1.10
N GLU A 323 -7.89 3.89 1.79
CA GLU A 323 -7.33 5.17 1.39
C GLU A 323 -6.72 5.08 -0.01
N LEU A 324 -6.00 3.98 -0.30
CA LEU A 324 -5.41 3.83 -1.62
C LEU A 324 -6.47 3.81 -2.70
N ASP A 325 -7.58 3.08 -2.46
CA ASP A 325 -8.66 3.05 -3.43
C ASP A 325 -9.26 4.44 -3.61
N THR A 326 -9.47 5.17 -2.52
CA THR A 326 -9.97 6.54 -2.63
C THR A 326 -8.99 7.41 -3.40
N LEU A 327 -7.70 7.28 -3.10
CA LEU A 327 -6.69 8.03 -3.84
C LEU A 327 -6.64 7.60 -5.30
N ALA A 328 -6.77 6.29 -5.55
CA ALA A 328 -6.75 5.79 -6.92
C ALA A 328 -7.89 6.39 -7.74
N HIS A 329 -9.09 6.43 -7.16
CA HIS A 329 -10.22 7.05 -7.86
C HIS A 329 -9.96 8.54 -8.08
N ALA A 330 -9.36 9.21 -7.10
CA ALA A 330 -9.03 10.62 -7.27
C ALA A 330 -8.05 10.80 -8.42
N LEU A 331 -7.05 9.92 -8.51
CA LEU A 331 -6.10 9.99 -9.62
C LEU A 331 -6.81 9.78 -10.95
N SER A 332 -7.75 8.84 -11.00
CA SER A 332 -8.51 8.62 -12.23
C SER A 332 -9.30 9.85 -12.62
N ALA A 333 -9.95 10.49 -11.63
CA ALA A 333 -10.71 11.71 -11.91
C ALA A 333 -9.80 12.81 -12.43
N ILE A 334 -8.64 12.99 -11.80
CA ILE A 334 -7.73 14.03 -12.23
C ILE A 334 -7.04 13.60 -13.53
N GLY A 335 -6.92 14.54 -14.46
CA GLY A 335 -6.29 14.28 -15.74
C GLY A 335 -7.14 13.45 -16.68
N SER B 1 19.25 15.96 33.27
CA SER B 1 18.20 15.65 34.22
C SER B 1 17.72 14.22 34.06
N LEU B 2 17.87 13.68 32.85
CA LEU B 2 17.38 12.33 32.58
C LEU B 2 18.10 11.29 33.43
N ILE B 3 19.35 11.58 33.82
CA ILE B 3 20.10 10.66 34.66
C ILE B 3 19.35 10.42 35.96
N GLU B 4 18.91 11.49 36.61
CA GLU B 4 18.17 11.36 37.86
C GLU B 4 16.86 10.61 37.64
N ASP B 5 16.18 10.89 36.53
CA ASP B 5 14.94 10.19 36.22
C ASP B 5 15.18 8.69 36.03
N ALA B 6 16.28 8.33 35.34
CA ALA B 6 16.56 6.93 35.09
C ALA B 6 16.79 6.18 36.40
N ARG B 7 17.65 6.72 37.28
CA ARG B 7 17.87 6.08 38.57
C ARG B 7 16.60 6.08 39.41
N LYS B 8 15.86 7.19 39.39
CA LYS B 8 14.64 7.27 40.19
C LYS B 8 13.65 6.20 39.78
N GLU B 9 13.49 5.99 38.48
CA GLU B 9 12.60 4.93 38.00
C GLU B 9 13.13 3.56 38.40
N ARG B 10 14.44 3.36 38.28
CA ARG B 10 15.03 2.06 38.59
C ARG B 10 14.90 1.73 40.07
N GLU B 11 15.26 2.68 40.93
CA GLU B 11 15.18 2.44 42.38
C GLU B 11 13.74 2.23 42.82
N ALA B 12 12.81 3.01 42.26
CA ALA B 12 11.40 2.85 42.60
C ALA B 12 10.89 1.47 42.20
N ALA B 13 11.27 1.02 40.99
CA ALA B 13 10.83 -0.29 40.53
C ALA B 13 11.41 -1.40 41.40
N VAL B 14 12.69 -1.30 41.76
CA VAL B 14 13.33 -2.35 42.52
C VAL B 14 13.01 -2.25 44.02
N ALA B 15 12.49 -1.11 44.47
CA ALA B 15 12.17 -0.96 45.90
C ALA B 15 11.12 -1.98 46.33
N ALA B 16 10.09 -2.17 45.52
CA ALA B 16 9.05 -3.14 45.87
C ALA B 16 9.53 -4.57 45.71
N ALA B 17 10.53 -4.80 44.86
CA ALA B 17 11.03 -6.16 44.64
C ALA B 17 11.60 -6.73 45.93
N ALA B 18 12.36 -5.93 46.67
CA ALA B 18 12.96 -6.38 47.92
C ALA B 18 11.97 -6.27 49.07
N VAL C 1 -15.53 29.19 -10.71
CA VAL C 1 -15.57 27.97 -9.90
C VAL C 1 -16.11 28.28 -8.51
N PRO C 2 -16.99 27.43 -8.01
CA PRO C 2 -17.57 27.65 -6.68
C PRO C 2 -16.49 27.69 -5.61
N TRP C 3 -16.66 28.60 -4.65
CA TRP C 3 -15.72 28.70 -3.54
C TRP C 3 -16.06 27.70 -2.45
N PHE C 4 -15.03 27.11 -1.86
CA PHE C 4 -15.19 26.16 -0.78
C PHE C 4 -14.11 26.42 0.26
N PRO C 5 -14.40 26.20 1.53
CA PRO C 5 -13.38 26.35 2.57
C PRO C 5 -12.33 25.25 2.49
N ARG C 6 -11.16 25.55 3.03
CA ARG C 6 -10.06 24.60 3.06
C ARG C 6 -9.83 23.98 4.43
N LYS C 7 -10.32 24.60 5.51
CA LYS C 7 -10.16 24.06 6.85
C LYS C 7 -11.18 24.73 7.77
N VAL C 8 -11.21 24.27 9.01
CA VAL C 8 -12.20 24.77 9.96
C VAL C 8 -12.01 26.26 10.23
N SER C 9 -10.77 26.76 10.09
CA SER C 9 -10.50 28.15 10.44
C SER C 9 -11.38 29.12 9.65
N GLU C 10 -11.39 28.99 8.33
CA GLU C 10 -12.21 29.88 7.52
C GLU C 10 -13.69 29.53 7.62
N LEU C 11 -14.00 28.26 7.89
CA LEU C 11 -15.39 27.83 8.02
C LEU C 11 -16.12 28.68 9.07
N ASP C 12 -15.51 28.83 10.25
CA ASP C 12 -16.12 29.65 11.29
C ASP C 12 -16.05 31.13 10.93
N LYS C 13 -14.89 31.60 10.46
CA LYS C 13 -14.69 33.02 10.22
C LYS C 13 -15.65 33.54 9.15
N CYS C 14 -15.51 33.05 7.92
CA CYS C 14 -16.31 33.60 6.82
C CYS C 14 -17.79 33.35 7.03
N HIS C 15 -18.17 32.15 7.49
CA HIS C 15 -19.58 31.83 7.67
C HIS C 15 -20.23 32.66 8.77
N HIS C 16 -19.48 33.01 9.82
CA HIS C 16 -20.02 33.82 10.90
C HIS C 16 -19.88 35.31 10.66
N LEU C 17 -19.26 35.72 9.56
CA LEU C 17 -19.12 37.13 9.20
C LEU C 17 -20.10 37.55 8.12
N VAL C 18 -20.16 36.81 7.01
CA VAL C 18 -21.11 37.12 5.95
C VAL C 18 -22.54 36.96 6.46
N THR C 19 -22.80 35.88 7.19
CA THR C 19 -24.12 35.63 7.76
C THR C 19 -24.24 36.35 9.10
N LYS C 20 -25.41 36.95 9.34
CA LYS C 20 -25.64 37.68 10.57
C LYS C 20 -27.11 38.08 10.64
N PHE C 21 -27.67 38.04 11.85
CA PHE C 21 -29.04 38.48 12.10
C PHE C 21 -30.01 37.82 11.12
N ASP C 22 -30.11 36.50 11.24
CA ASP C 22 -30.95 35.68 10.37
C ASP C 22 -31.88 34.84 11.25
N PRO C 23 -32.83 35.49 11.93
CA PRO C 23 -33.76 34.74 12.77
C PRO C 23 -34.76 33.93 11.93
N ASP C 24 -35.29 32.89 12.55
CA ASP C 24 -36.27 32.03 11.91
C ASP C 24 -37.69 32.48 12.27
N LEU C 25 -38.59 32.43 11.29
CA LEU C 25 -39.97 32.81 11.49
C LEU C 25 -40.83 31.64 11.94
N ASP C 26 -40.92 30.59 11.12
CA ASP C 26 -41.68 29.39 11.41
C ASP C 26 -43.01 29.70 12.08
N LEU C 27 -43.76 30.65 11.54
CA LEU C 27 -45.05 31.03 12.11
C LEU C 27 -46.16 30.09 11.66
N ASP C 28 -46.19 29.74 10.38
CA ASP C 28 -47.24 28.87 9.86
C ASP C 28 -47.13 27.45 10.41
N HIS C 29 -45.98 27.08 10.96
CA HIS C 29 -45.81 25.74 11.49
C HIS C 29 -46.68 25.56 12.74
N PRO C 30 -47.02 24.32 13.08
CA PRO C 30 -47.86 24.09 14.28
C PRO C 30 -47.22 24.65 15.53
N GLY C 31 -47.98 25.44 16.28
CA GLY C 31 -47.44 26.12 17.44
C GLY C 31 -46.64 27.34 17.06
N PHE C 32 -45.51 27.56 17.74
CA PHE C 32 -44.62 28.68 17.47
C PHE C 32 -45.31 30.03 17.70
N SER C 33 -46.38 30.05 18.47
CA SER C 33 -47.10 31.27 18.79
C SER C 33 -46.78 31.81 20.18
N ASP C 34 -46.50 30.92 21.14
CA ASP C 34 -46.14 31.36 22.47
C ASP C 34 -44.84 32.15 22.44
N GLN C 35 -44.79 33.23 23.22
CA GLN C 35 -43.60 34.06 23.26
C GLN C 35 -42.39 33.28 23.78
N VAL C 36 -42.64 32.27 24.61
CA VAL C 36 -41.55 31.49 25.19
C VAL C 36 -40.75 30.79 24.09
N TYR C 37 -41.44 30.20 23.12
CA TYR C 37 -40.75 29.51 22.03
C TYR C 37 -39.88 30.50 21.24
N ARG C 38 -40.39 31.70 20.99
CA ARG C 38 -39.57 32.69 20.29
C ARG C 38 -38.34 33.07 21.11
N GLN C 39 -38.50 33.20 22.43
CA GLN C 39 -37.35 33.52 23.27
C GLN C 39 -36.31 32.41 23.22
N ARG C 40 -36.76 31.15 23.25
CA ARG C 40 -35.82 30.03 23.14
C ARG C 40 -35.07 30.07 21.82
N ARG C 41 -35.77 30.36 20.72
CA ARG C 41 -35.11 30.45 19.42
C ARG C 41 -34.06 31.56 19.43
N LYS C 42 -34.40 32.71 20.02
CA LYS C 42 -33.42 33.79 20.14
C LYS C 42 -32.23 33.37 20.99
N LEU C 43 -32.50 32.67 22.09
CA LEU C 43 -31.41 32.18 22.94
C LEU C 43 -30.51 31.22 22.19
N ILE C 44 -31.10 30.31 21.41
CA ILE C 44 -30.31 29.36 20.63
C ILE C 44 -29.50 30.09 19.58
N ALA C 45 -30.11 31.06 18.89
CA ALA C 45 -29.41 31.79 17.84
C ALA C 45 -28.21 32.56 18.40
N GLU C 46 -28.39 33.23 19.53
CA GLU C 46 -27.28 33.98 20.12
C GLU C 46 -26.15 33.05 20.56
N ILE C 47 -26.50 31.91 21.14
CA ILE C 47 -25.48 30.94 21.54
C ILE C 47 -24.78 30.37 20.30
N ALA C 48 -25.55 30.12 19.24
CA ALA C 48 -24.99 29.52 18.03
C ALA C 48 -24.13 30.50 17.25
N PHE C 49 -24.68 31.68 16.96
CA PHE C 49 -23.97 32.64 16.11
C PHE C 49 -22.66 33.09 16.77
N GLN C 50 -22.70 33.36 18.07
CA GLN C 50 -21.53 33.86 18.79
C GLN C 50 -20.51 32.77 19.11
N TYR C 51 -20.86 31.51 18.90
CA TYR C 51 -19.92 30.43 19.18
C TYR C 51 -18.76 30.45 18.20
N ARG C 52 -17.57 30.13 18.71
CA ARG C 52 -16.36 30.06 17.91
C ARG C 52 -15.83 28.65 17.89
N HIS C 53 -15.19 28.28 16.78
CA HIS C 53 -14.66 26.94 16.62
C HIS C 53 -13.63 26.64 17.70
N GLY C 54 -13.73 25.44 18.27
CA GLY C 54 -12.81 24.99 19.30
C GLY C 54 -13.22 25.35 20.72
N ASP C 55 -14.24 26.17 20.90
CA ASP C 55 -14.71 26.52 22.23
C ASP C 55 -15.64 25.46 22.78
N PRO C 56 -15.73 25.32 24.10
CA PRO C 56 -16.68 24.37 24.68
C PRO C 56 -18.12 24.77 24.38
N ILE C 57 -18.98 23.77 24.25
CA ILE C 57 -20.39 24.01 23.95
C ILE C 57 -21.08 24.53 25.21
N PRO C 58 -21.67 25.73 25.17
CA PRO C 58 -22.34 26.26 26.35
C PRO C 58 -23.48 25.36 26.80
N ARG C 59 -23.65 25.23 28.10
CA ARG C 59 -24.74 24.45 28.65
C ARG C 59 -26.04 25.25 28.62
N VAL C 60 -27.14 24.58 28.29
CA VAL C 60 -28.46 25.19 28.24
C VAL C 60 -29.38 24.43 29.18
N GLU C 61 -30.06 25.16 30.05
CA GLU C 61 -30.98 24.57 31.00
C GLU C 61 -32.31 24.26 30.33
N TYR C 62 -33.00 23.25 30.86
CA TYR C 62 -34.26 22.79 30.30
C TYR C 62 -35.37 22.91 31.33
N THR C 63 -36.51 23.45 30.88
CA THR C 63 -37.69 23.56 31.73
C THR C 63 -38.44 22.23 31.76
N ALA C 64 -39.63 22.25 32.36
CA ALA C 64 -40.41 21.02 32.50
C ALA C 64 -40.96 20.54 31.16
N GLU C 65 -41.37 21.47 30.30
CA GLU C 65 -42.07 21.08 29.07
C GLU C 65 -41.18 20.24 28.17
N GLU C 66 -39.92 20.64 28.00
CA GLU C 66 -39.02 19.87 27.13
C GLU C 66 -38.60 18.56 27.80
N ILE C 67 -38.31 18.60 29.10
CA ILE C 67 -37.91 17.38 29.79
C ILE C 67 -39.04 16.37 29.80
N ALA C 68 -40.27 16.83 30.02
CA ALA C 68 -41.42 15.93 29.97
C ALA C 68 -41.56 15.29 28.59
N THR C 69 -41.39 16.09 27.54
CA THR C 69 -41.47 15.54 26.18
C THR C 69 -40.36 14.52 25.95
N TRP C 70 -39.15 14.80 26.45
CA TRP C 70 -38.05 13.86 26.29
C TRP C 70 -38.37 12.53 26.96
N LYS C 71 -38.93 12.58 28.18
CA LYS C 71 -39.30 11.35 28.88
C LYS C 71 -40.32 10.55 28.08
N GLU C 72 -41.36 11.21 27.59
CA GLU C 72 -42.39 10.51 26.84
C GLU C 72 -41.83 9.90 25.55
N VAL C 73 -41.08 10.69 24.78
CA VAL C 73 -40.52 10.19 23.53
C VAL C 73 -39.52 9.08 23.81
N TYR C 74 -38.65 9.27 24.81
CA TYR C 74 -37.65 8.25 25.12
C TYR C 74 -38.30 6.95 25.53
N THR C 75 -39.30 7.02 26.41
CA THR C 75 -39.97 5.81 26.88
C THR C 75 -40.68 5.10 25.73
N THR C 76 -41.41 5.85 24.92
CA THR C 76 -42.16 5.24 23.81
C THR C 76 -41.22 4.69 22.75
N LEU C 77 -40.26 5.49 22.33
CA LEU C 77 -39.33 5.05 21.27
C LEU C 77 -38.44 3.93 21.77
N LYS C 78 -37.98 4.01 23.02
CA LYS C 78 -37.10 2.97 23.55
C LYS C 78 -37.77 1.61 23.57
N GLY C 79 -39.07 1.56 23.90
CA GLY C 79 -39.78 0.30 23.90
C GLY C 79 -40.00 -0.28 22.52
N LEU C 80 -39.91 0.54 21.48
CA LEU C 80 -40.04 0.07 20.11
C LEU C 80 -38.71 -0.12 19.40
N TYR C 81 -37.61 0.40 19.95
CA TYR C 81 -36.31 0.23 19.31
C TYR C 81 -35.88 -1.24 19.27
N ALA C 82 -36.51 -2.09 20.09
CA ALA C 82 -36.19 -3.51 20.03
C ALA C 82 -36.51 -4.10 18.65
N THR C 83 -37.38 -3.44 17.90
CA THR C 83 -37.74 -3.86 16.56
C THR C 83 -37.56 -2.70 15.59
N HIS C 84 -37.27 -3.03 14.33
CA HIS C 84 -37.10 -2.03 13.28
C HIS C 84 -35.77 -1.32 13.40
N ALA C 85 -35.00 -1.62 14.45
CA ALA C 85 -33.71 -1.00 14.66
C ALA C 85 -32.60 -1.85 14.03
N CYS C 86 -31.42 -1.24 13.92
CA CYS C 86 -30.26 -1.90 13.34
C CYS C 86 -29.27 -2.23 14.44
N GLY C 87 -28.37 -3.18 14.14
CA GLY C 87 -27.48 -3.69 15.17
C GLY C 87 -26.64 -2.60 15.82
N GLU C 88 -26.02 -1.74 15.01
CA GLU C 88 -25.20 -0.66 15.56
C GLU C 88 -26.04 0.29 16.39
N HIS C 89 -27.30 0.52 15.99
CA HIS C 89 -28.15 1.43 16.74
C HIS C 89 -28.41 0.91 18.14
N LEU C 90 -28.63 -0.40 18.29
CA LEU C 90 -28.93 -0.97 19.59
C LEU C 90 -27.84 -0.64 20.61
N GLU C 91 -26.62 -1.11 20.36
CA GLU C 91 -25.53 -0.83 21.30
C GLU C 91 -25.20 0.65 21.32
N ALA C 92 -25.61 1.41 20.30
CA ALA C 92 -25.34 2.84 20.29
C ALA C 92 -25.89 3.51 21.53
N PHE C 93 -27.21 3.44 21.73
CA PHE C 93 -27.81 4.04 22.91
C PHE C 93 -27.51 3.25 24.18
N ALA C 94 -27.30 1.94 24.06
CA ALA C 94 -27.00 1.13 25.25
C ALA C 94 -25.76 1.66 25.96
N LEU C 95 -24.67 1.84 25.22
CA LEU C 95 -23.49 2.47 25.80
C LEU C 95 -23.78 3.93 26.19
N LEU C 96 -24.50 4.64 25.32
CA LEU C 96 -24.81 6.04 25.59
C LEU C 96 -25.63 6.18 26.87
N GLU C 97 -26.66 5.34 27.03
CA GLU C 97 -27.50 5.43 28.23
C GLU C 97 -26.68 5.13 29.47
N ARG C 98 -25.81 4.12 29.41
CA ARG C 98 -24.96 3.80 30.55
C ARG C 98 -23.96 4.92 30.82
N PHE C 99 -23.44 5.55 29.77
CA PHE C 99 -22.41 6.58 29.91
C PHE C 99 -22.92 7.97 29.63
N SER C 100 -23.52 8.21 28.46
CA SER C 100 -24.00 9.55 28.14
C SER C 100 -25.19 9.95 29.00
N GLY C 101 -25.84 9.00 29.67
CA GLY C 101 -26.96 9.31 30.53
C GLY C 101 -28.31 9.35 29.85
N TYR C 102 -28.44 8.74 28.67
CA TYR C 102 -29.73 8.76 27.96
C TYR C 102 -30.81 8.10 28.79
N ARG C 103 -31.77 8.90 29.28
CA ARG C 103 -32.90 8.37 30.03
C ARG C 103 -34.08 9.31 29.83
N GLU C 104 -35.28 8.77 30.03
CA GLU C 104 -36.48 9.59 29.90
C GLU C 104 -36.52 10.68 30.96
N ASP C 105 -36.13 10.35 32.20
CA ASP C 105 -36.15 11.32 33.28
C ASP C 105 -34.98 12.29 33.23
N ASN C 106 -33.91 11.95 32.51
CA ASN C 106 -32.70 12.78 32.45
C ASN C 106 -32.34 13.02 30.99
N ILE C 107 -32.49 14.26 30.54
CA ILE C 107 -32.11 14.65 29.19
C ILE C 107 -30.66 15.14 29.22
N PRO C 108 -29.76 14.54 28.46
CA PRO C 108 -28.35 14.93 28.52
C PRO C 108 -28.11 16.27 27.86
N GLN C 109 -26.90 16.78 28.07
CA GLN C 109 -26.47 18.06 27.51
C GLN C 109 -25.71 17.81 26.20
N LEU C 110 -25.12 18.89 25.68
CA LEU C 110 -24.39 18.83 24.42
C LEU C 110 -22.88 18.65 24.64
N GLU C 111 -22.32 19.35 25.62
CA GLU C 111 -20.88 19.27 25.85
C GLU C 111 -20.45 17.86 26.20
N ASP C 112 -21.20 17.21 27.11
CA ASP C 112 -20.87 15.85 27.51
C ASP C 112 -21.00 14.88 26.34
N VAL C 113 -22.09 14.99 25.58
CA VAL C 113 -22.29 14.09 24.45
C VAL C 113 -21.26 14.36 23.36
N SER C 114 -20.97 15.63 23.09
CA SER C 114 -20.00 15.97 22.06
C SER C 114 -18.64 15.36 22.37
N ARG C 115 -18.21 15.44 23.63
CA ARG C 115 -16.95 14.84 24.04
C ARG C 115 -16.94 13.35 23.77
N PHE C 116 -18.05 12.67 24.11
CA PHE C 116 -18.11 11.22 23.94
C PHE C 116 -17.97 10.83 22.48
N LEU C 117 -18.71 11.49 21.59
CA LEU C 117 -18.67 11.13 20.17
C LEU C 117 -17.29 11.37 19.58
N LYS C 118 -16.69 12.53 19.86
CA LYS C 118 -15.37 12.81 19.33
C LYS C 118 -14.33 11.84 19.87
N GLU C 119 -14.41 11.50 21.16
CA GLU C 119 -13.45 10.57 21.74
C GLU C 119 -13.53 9.20 21.06
N ARG C 120 -14.74 8.70 20.85
CA ARG C 120 -14.90 7.36 20.28
C ARG C 120 -14.79 7.39 18.76
N THR C 121 -15.69 8.12 18.09
CA THR C 121 -15.75 8.15 16.64
C THR C 121 -15.15 9.42 16.05
N GLY C 122 -14.56 10.28 16.87
CA GLY C 122 -13.99 11.51 16.36
C GLY C 122 -14.98 12.44 15.71
N PHE C 123 -16.16 12.58 16.30
CA PHE C 123 -17.21 13.45 15.78
C PHE C 123 -17.49 14.58 16.75
N GLN C 124 -17.68 15.78 16.22
CA GLN C 124 -18.01 16.95 17.00
C GLN C 124 -19.27 17.60 16.45
N LEU C 125 -20.04 18.21 17.34
CA LEU C 125 -21.31 18.82 16.99
C LEU C 125 -21.24 20.33 17.12
N ARG C 126 -21.75 21.03 16.11
CA ARG C 126 -21.81 22.48 16.11
C ARG C 126 -23.24 22.93 16.38
N PRO C 127 -23.51 23.57 17.51
CA PRO C 127 -24.90 23.92 17.84
C PRO C 127 -25.42 25.08 17.00
N VAL C 128 -25.80 24.79 15.76
CA VAL C 128 -26.26 25.82 14.83
C VAL C 128 -27.78 25.80 14.78
N ALA C 129 -28.35 26.96 14.46
CA ALA C 129 -29.79 27.12 14.40
C ALA C 129 -30.13 27.88 13.13
N GLY C 130 -31.42 28.14 12.93
CA GLY C 130 -31.87 28.83 11.74
C GLY C 130 -31.76 27.97 10.49
N LEU C 131 -31.82 28.65 9.35
CA LEU C 131 -31.71 27.97 8.07
C LEU C 131 -30.26 27.61 7.78
N LEU C 132 -30.04 26.40 7.26
CA LEU C 132 -28.72 25.93 6.88
C LEU C 132 -28.72 25.63 5.38
N SER C 133 -27.77 26.24 4.67
CA SER C 133 -27.66 26.02 3.23
C SER C 133 -27.12 24.62 2.96
N ALA C 134 -26.92 24.29 1.68
CA ALA C 134 -26.44 22.95 1.32
C ALA C 134 -24.93 22.85 1.44
N ARG C 135 -24.21 23.79 0.81
CA ARG C 135 -22.76 23.69 0.74
C ARG C 135 -22.14 23.70 2.14
N ASP C 136 -22.60 24.60 3.01
CA ASP C 136 -22.05 24.69 4.36
C ASP C 136 -22.31 23.41 5.13
N PHE C 137 -23.53 22.88 5.04
CA PHE C 137 -23.87 21.65 5.76
C PHE C 137 -23.02 20.49 5.26
N LEU C 138 -22.88 20.36 3.95
CA LEU C 138 -22.04 19.30 3.40
C LEU C 138 -20.58 19.51 3.76
N ALA C 139 -20.12 20.76 3.74
CA ALA C 139 -18.74 21.04 4.12
C ALA C 139 -18.46 20.62 5.55
N SER C 140 -19.40 20.92 6.46
CA SER C 140 -19.26 20.47 7.84
C SER C 140 -19.21 18.95 7.91
N LEU C 141 -20.06 18.28 7.13
CA LEU C 141 -20.03 16.82 7.09
C LEU C 141 -18.67 16.31 6.64
N ALA C 142 -18.03 17.04 5.72
CA ALA C 142 -16.71 16.62 5.24
C ALA C 142 -15.71 16.59 6.39
N PHE C 143 -15.72 17.60 7.25
CA PHE C 143 -14.84 17.65 8.41
C PHE C 143 -15.30 16.74 9.54
N ARG C 144 -16.29 15.89 9.30
CA ARG C 144 -16.84 14.96 10.29
C ARG C 144 -17.52 15.67 11.44
N VAL C 145 -17.96 16.91 11.24
CA VAL C 145 -18.67 17.67 12.26
C VAL C 145 -20.13 17.81 11.82
N PHE C 146 -21.04 17.49 12.73
CA PHE C 146 -22.47 17.48 12.45
C PHE C 146 -23.13 18.69 13.08
N GLN C 147 -23.76 19.52 12.25
CA GLN C 147 -24.49 20.68 12.75
C GLN C 147 -25.71 20.23 13.54
N CYS C 148 -25.97 20.91 14.65
CA CYS C 148 -27.07 20.53 15.53
C CYS C 148 -27.69 21.78 16.14
N THR C 149 -28.92 21.64 16.59
CA THR C 149 -29.66 22.72 17.23
C THR C 149 -29.97 22.35 18.67
N GLN C 150 -30.04 23.37 19.52
CA GLN C 150 -30.24 23.15 20.96
C GLN C 150 -31.71 22.98 21.33
N TYR C 151 -32.60 23.76 20.72
CA TYR C 151 -34.01 23.67 21.05
C TYR C 151 -34.63 22.40 20.48
N ILE C 152 -35.78 22.03 21.02
CA ILE C 152 -36.47 20.80 20.62
C ILE C 152 -37.79 21.15 19.94
N ARG C 153 -38.51 20.14 19.47
CA ARG C 153 -39.76 20.33 18.77
C ARG C 153 -40.80 21.00 19.67
N HIS C 154 -41.88 21.50 19.06
CA HIS C 154 -42.93 22.16 19.81
C HIS C 154 -43.75 21.13 20.58
N ALA C 155 -44.16 21.50 21.80
CA ALA C 155 -44.93 20.59 22.64
C ALA C 155 -46.29 20.28 22.04
N SER C 156 -46.76 21.09 21.08
CA SER C 156 -48.08 20.86 20.48
C SER C 156 -48.14 19.51 19.78
N SER C 157 -47.04 19.12 19.12
CA SER C 157 -46.97 17.87 18.36
C SER C 157 -45.76 17.07 18.82
N PRO C 158 -45.84 16.45 20.01
CA PRO C 158 -44.71 15.63 20.47
C PRO C 158 -44.42 14.46 19.56
N MET C 159 -45.44 13.88 18.92
CA MET C 159 -45.22 12.71 18.07
C MET C 159 -44.30 13.03 16.90
N HIS C 160 -44.53 14.15 16.22
CA HIS C 160 -43.72 14.54 15.07
C HIS C 160 -43.45 16.04 15.14
N SER C 161 -42.31 16.44 14.57
CA SER C 161 -41.89 17.82 14.55
C SER C 161 -41.87 18.34 13.12
N PRO C 162 -42.55 19.45 12.82
CA PRO C 162 -42.50 19.98 11.45
C PRO C 162 -41.09 20.31 10.99
N GLU C 163 -40.21 20.67 11.92
CA GLU C 163 -38.83 21.00 11.60
C GLU C 163 -37.91 20.17 12.48
N PRO C 164 -36.73 19.79 11.99
CA PRO C 164 -35.82 18.99 12.80
C PRO C 164 -35.40 19.72 14.06
N ASP C 165 -35.25 18.97 15.15
CA ASP C 165 -34.86 19.52 16.44
C ASP C 165 -33.80 18.61 17.07
N CYS C 166 -33.47 18.89 18.34
CA CYS C 166 -32.42 18.15 19.02
C CYS C 166 -32.77 16.67 19.14
N CYS C 167 -34.02 16.37 19.52
CA CYS C 167 -34.42 14.98 19.71
C CYS C 167 -34.32 14.19 18.41
N HIS C 168 -34.74 14.80 17.30
CA HIS C 168 -34.69 14.11 16.01
C HIS C 168 -33.26 13.73 15.65
N GLU C 169 -32.34 14.70 15.71
CA GLU C 169 -30.94 14.41 15.38
C GLU C 169 -30.33 13.45 16.40
N LEU C 170 -30.63 13.64 17.68
CA LEU C 170 -30.04 12.81 18.72
C LEU C 170 -30.45 11.35 18.55
N LEU C 171 -31.73 11.09 18.24
CA LEU C 171 -32.21 9.72 18.12
C LEU C 171 -31.93 9.16 16.73
N GLY C 172 -32.38 9.86 15.69
CA GLY C 172 -32.23 9.35 14.34
C GLY C 172 -30.79 9.30 13.88
N HIS C 173 -30.01 10.32 14.24
CA HIS C 173 -28.66 10.48 13.68
C HIS C 173 -27.57 9.97 14.61
N VAL C 174 -27.60 10.40 15.88
CA VAL C 174 -26.48 10.11 16.78
C VAL C 174 -26.12 8.63 16.82
N PRO C 175 -27.08 7.71 16.98
CA PRO C 175 -26.70 6.29 16.98
C PRO C 175 -26.01 5.85 15.71
N MET C 176 -26.42 6.39 14.56
CA MET C 176 -25.78 6.00 13.29
C MET C 176 -24.40 6.63 13.16
N LEU C 177 -24.24 7.88 13.59
CA LEU C 177 -22.94 8.53 13.50
C LEU C 177 -21.90 7.79 14.31
N ALA C 178 -22.32 7.11 15.38
CA ALA C 178 -21.39 6.35 16.22
C ALA C 178 -20.76 5.18 15.47
N ASP C 179 -21.37 4.71 14.38
CA ASP C 179 -20.82 3.60 13.62
C ASP C 179 -19.56 4.04 12.90
N ARG C 180 -18.49 3.24 13.07
CA ARG C 180 -17.22 3.58 12.45
C ARG C 180 -17.33 3.54 10.92
N THR C 181 -17.85 2.44 10.38
CA THR C 181 -18.00 2.33 8.93
C THR C 181 -18.96 3.40 8.40
N PHE C 182 -20.08 3.60 9.09
CA PHE C 182 -21.02 4.65 8.69
C PHE C 182 -20.38 6.03 8.83
N ALA C 183 -19.60 6.25 9.88
CA ALA C 183 -18.93 7.52 10.05
C ALA C 183 -18.02 7.83 8.87
N GLN C 184 -17.22 6.84 8.45
CA GLN C 184 -16.39 7.03 7.27
C GLN C 184 -17.23 7.21 6.01
N PHE C 185 -18.33 6.46 5.88
CA PHE C 185 -19.20 6.62 4.73
C PHE C 185 -19.76 8.04 4.66
N SER C 186 -20.22 8.56 5.80
CA SER C 186 -20.72 9.93 5.83
C SER C 186 -19.62 10.93 5.50
N GLN C 187 -18.40 10.70 6.00
CA GLN C 187 -17.30 11.60 5.73
C GLN C 187 -17.00 11.69 4.23
N ASP C 188 -17.01 10.54 3.55
CA ASP C 188 -16.75 10.54 2.11
C ASP C 188 -17.77 11.41 1.39
N ILE C 189 -19.02 11.40 1.84
CA ILE C 189 -20.04 12.23 1.21
C ILE C 189 -19.68 13.70 1.33
N GLY C 190 -19.22 14.11 2.51
CA GLY C 190 -18.83 15.50 2.71
C GLY C 190 -17.69 15.91 1.79
N LEU C 191 -16.68 15.07 1.68
CA LEU C 191 -15.55 15.37 0.79
C LEU C 191 -16.01 15.49 -0.65
N ALA C 192 -16.87 14.57 -1.09
CA ALA C 192 -17.41 14.65 -2.44
C ALA C 192 -18.26 15.91 -2.62
N SER C 193 -19.03 16.28 -1.60
CA SER C 193 -19.87 17.46 -1.69
C SER C 193 -19.04 18.73 -1.89
N LEU C 194 -17.84 18.76 -1.30
CA LEU C 194 -16.99 19.93 -1.44
C LEU C 194 -16.68 20.20 -2.91
N GLY C 195 -16.83 21.46 -3.32
CA GLY C 195 -16.56 21.85 -4.68
C GLY C 195 -17.59 21.43 -5.70
N ALA C 196 -18.67 20.77 -5.27
CA ALA C 196 -19.71 20.35 -6.21
C ALA C 196 -20.45 21.55 -6.78
N SER C 197 -20.80 21.46 -8.06
CA SER C 197 -21.52 22.55 -8.71
C SER C 197 -22.94 22.65 -8.14
N ASP C 198 -23.68 23.65 -8.65
CA ASP C 198 -25.05 23.85 -8.18
C ASP C 198 -25.89 22.60 -8.37
N GLU C 199 -25.90 22.05 -9.58
CA GLU C 199 -26.62 20.80 -9.81
C GLU C 199 -26.00 19.65 -9.04
N GLU C 200 -24.66 19.59 -9.00
CA GLU C 200 -23.99 18.53 -8.26
C GLU C 200 -24.31 18.58 -6.77
N ILE C 201 -24.36 19.78 -6.18
CA ILE C 201 -24.73 19.90 -4.78
C ILE C 201 -26.10 19.28 -4.54
N GLU C 202 -27.05 19.57 -5.42
CA GLU C 202 -28.37 18.94 -5.32
C GLU C 202 -28.27 17.44 -5.47
N LYS C 203 -27.50 16.97 -6.45
CA LYS C 203 -27.40 15.53 -6.70
C LYS C 203 -26.84 14.80 -5.48
N LEU C 204 -25.69 15.26 -4.97
CA LEU C 204 -25.12 14.63 -3.79
C LEU C 204 -26.02 14.79 -2.57
N SER C 205 -26.63 15.97 -2.42
CA SER C 205 -27.53 16.19 -1.29
C SER C 205 -28.75 15.28 -1.38
N THR C 206 -29.21 14.99 -2.60
CA THR C 206 -30.38 14.13 -2.76
C THR C 206 -30.14 12.75 -2.16
N LEU C 207 -28.93 12.21 -2.33
CA LEU C 207 -28.62 10.90 -1.78
C LEU C 207 -28.72 10.91 -0.26
N TYR C 208 -28.26 12.00 0.38
CA TYR C 208 -28.33 12.09 1.83
C TYR C 208 -29.76 11.96 2.34
N TRP C 209 -30.68 12.70 1.73
CA TRP C 209 -32.07 12.65 2.17
C TRP C 209 -32.66 11.25 1.97
N PHE C 210 -32.35 10.62 0.84
CA PHE C 210 -32.84 9.28 0.55
C PHE C 210 -32.00 8.18 1.17
N THR C 211 -30.86 8.51 1.79
CA THR C 211 -29.99 7.50 2.39
C THR C 211 -29.81 7.70 3.88
N VAL C 212 -29.47 8.92 4.32
CA VAL C 212 -29.20 9.16 5.73
C VAL C 212 -30.50 9.32 6.51
N GLU C 213 -31.35 10.26 6.08
CA GLU C 213 -32.62 10.47 6.77
C GLU C 213 -33.52 9.25 6.66
N PHE C 214 -33.49 8.56 5.52
CA PHE C 214 -34.30 7.35 5.32
C PHE C 214 -33.43 6.32 4.64
N GLY C 215 -33.25 5.16 5.28
CA GLY C 215 -32.41 4.11 4.72
C GLY C 215 -32.81 2.77 5.26
N LEU C 216 -32.57 1.73 4.45
CA LEU C 216 -32.84 0.35 4.82
C LEU C 216 -31.60 -0.49 4.57
N CYS C 217 -31.49 -1.59 5.32
CA CYS C 217 -30.37 -2.49 5.19
C CYS C 217 -30.83 -3.90 5.56
N LYS C 218 -30.06 -4.88 5.09
CA LYS C 218 -30.33 -6.30 5.35
C LYS C 218 -29.12 -6.89 6.05
N GLN C 219 -29.25 -7.10 7.36
CA GLN C 219 -28.17 -7.68 8.15
C GLN C 219 -28.75 -8.73 9.09
N ASN C 220 -27.96 -9.75 9.37
CA ASN C 220 -28.34 -10.86 10.26
C ASN C 220 -29.53 -11.64 9.70
N GLY C 221 -29.81 -11.49 8.41
CA GLY C 221 -30.92 -12.19 7.79
C GLY C 221 -32.26 -11.49 7.86
N GLU C 222 -32.31 -10.29 8.43
CA GLU C 222 -33.54 -9.51 8.50
C GLU C 222 -33.28 -8.09 8.04
N VAL C 223 -34.33 -7.45 7.52
CA VAL C 223 -34.24 -6.09 7.00
C VAL C 223 -34.53 -5.11 8.13
N LYS C 224 -33.66 -4.11 8.26
CA LYS C 224 -33.81 -3.07 9.28
C LYS C 224 -33.57 -1.71 8.64
N ALA C 225 -34.13 -0.68 9.25
CA ALA C 225 -34.03 0.69 8.76
C ALA C 225 -33.05 1.47 9.61
N TYR C 226 -32.13 2.16 8.94
CA TYR C 226 -31.13 2.99 9.62
C TYR C 226 -31.33 4.48 9.41
N GLY C 227 -32.21 4.89 8.50
CA GLY C 227 -32.40 6.31 8.27
C GLY C 227 -32.86 7.02 9.53
N ALA C 228 -32.35 8.24 9.74
CA ALA C 228 -32.73 9.00 10.92
C ALA C 228 -34.22 9.28 10.95
N GLY C 229 -34.80 9.66 9.80
CA GLY C 229 -36.23 9.92 9.76
C GLY C 229 -37.05 8.68 10.08
N LEU C 230 -36.63 7.52 9.58
CA LEU C 230 -37.37 6.29 9.86
C LEU C 230 -37.40 5.98 11.34
N LEU C 231 -36.26 6.15 12.02
CA LEU C 231 -36.17 5.88 13.44
C LEU C 231 -36.59 7.07 14.31
N SER C 232 -36.95 8.20 13.70
CA SER C 232 -37.36 9.38 14.44
C SER C 232 -38.87 9.53 14.56
N SER C 233 -39.63 9.08 13.57
CA SER C 233 -41.08 9.18 13.58
C SER C 233 -41.67 7.83 13.95
N TYR C 234 -42.47 7.80 15.03
CA TYR C 234 -43.09 6.55 15.45
C TYR C 234 -44.01 6.01 14.37
N GLY C 235 -44.83 6.87 13.77
CA GLY C 235 -45.69 6.44 12.69
C GLY C 235 -44.90 5.98 11.48
N GLU C 236 -43.87 6.74 11.11
CA GLU C 236 -43.03 6.35 9.98
C GLU C 236 -42.19 5.12 10.31
N LEU C 237 -41.90 4.89 11.60
CA LEU C 237 -41.13 3.72 11.99
C LEU C 237 -41.85 2.44 11.59
N LEU C 238 -43.15 2.38 11.83
CA LEU C 238 -43.94 1.23 11.39
C LEU C 238 -44.17 1.27 9.89
N HIS C 239 -44.38 2.47 9.33
CA HIS C 239 -44.66 2.59 7.90
C HIS C 239 -43.45 2.17 7.06
N CYS C 240 -42.24 2.54 7.49
CA CYS C 240 -41.06 2.26 6.68
C CYS C 240 -40.90 0.77 6.43
N LEU C 241 -41.07 -0.05 7.47
CA LEU C 241 -40.99 -1.49 7.31
C LEU C 241 -42.25 -2.09 6.70
N SER C 242 -43.34 -1.34 6.68
CA SER C 242 -44.57 -1.83 6.07
C SER C 242 -44.40 -1.99 4.57
N GLU C 243 -45.16 -2.93 4.01
CA GLU C 243 -45.09 -3.21 2.57
C GLU C 243 -45.84 -2.20 1.73
N GLU C 244 -46.65 -1.34 2.34
CA GLU C 244 -47.39 -0.35 1.57
C GLU C 244 -46.47 0.60 0.82
N PRO C 245 -45.47 1.22 1.44
CA PRO C 245 -44.56 2.09 0.69
C PRO C 245 -43.69 1.30 -0.27
N GLU C 246 -43.33 1.95 -1.37
CA GLU C 246 -42.47 1.31 -2.35
C GLU C 246 -41.07 1.11 -1.80
N ILE C 247 -40.49 -0.06 -2.05
CA ILE C 247 -39.15 -0.40 -1.61
C ILE C 247 -38.35 -0.84 -2.82
N ARG C 248 -37.15 -0.27 -2.99
CA ARG C 248 -36.30 -0.58 -4.13
C ARG C 248 -34.85 -0.65 -3.67
N ALA C 249 -34.04 -1.37 -4.44
CA ALA C 249 -32.62 -1.47 -4.13
C ALA C 249 -31.96 -0.10 -4.24
N PHE C 250 -30.98 0.14 -3.36
CA PHE C 250 -30.29 1.42 -3.34
C PHE C 250 -29.66 1.71 -4.70
N ASP C 251 -29.84 2.94 -5.18
CA ASP C 251 -29.25 3.37 -6.43
C ASP C 251 -28.89 4.85 -6.35
N PRO C 252 -27.62 5.21 -6.55
CA PRO C 252 -27.23 6.63 -6.47
C PRO C 252 -28.01 7.52 -7.43
N GLU C 253 -28.02 7.15 -8.71
CA GLU C 253 -28.71 7.96 -9.72
C GLU C 253 -30.21 8.00 -9.43
N ALA C 254 -30.81 6.86 -9.08
CA ALA C 254 -32.24 6.81 -8.87
C ALA C 254 -32.66 7.73 -7.72
N ALA C 255 -31.93 7.68 -6.61
CA ALA C 255 -32.26 8.53 -5.47
C ALA C 255 -32.09 10.01 -5.80
N ALA C 256 -31.03 10.36 -6.54
CA ALA C 256 -30.75 11.76 -6.85
C ALA C 256 -31.75 12.37 -7.81
N VAL C 257 -32.61 11.57 -8.43
CA VAL C 257 -33.58 12.07 -9.40
C VAL C 257 -34.98 11.66 -9.00
N GLN C 258 -35.09 10.69 -8.09
CA GLN C 258 -36.40 10.21 -7.68
C GLN C 258 -37.20 11.34 -7.04
N PRO C 259 -38.46 11.52 -7.43
CA PRO C 259 -39.25 12.62 -6.86
C PRO C 259 -39.46 12.48 -5.36
N TYR C 260 -39.62 13.60 -4.67
CA TYR C 260 -39.74 13.64 -3.22
C TYR C 260 -41.03 14.36 -2.82
N GLN C 261 -41.34 14.33 -1.53
CA GLN C 261 -42.50 15.03 -1.00
C GLN C 261 -42.17 15.57 0.39
N ASP C 262 -42.91 16.60 0.78
CA ASP C 262 -42.69 17.28 2.06
C ASP C 262 -43.97 17.30 2.87
N GLN C 263 -43.80 17.34 4.20
CA GLN C 263 -44.92 17.34 5.14
C GLN C 263 -45.80 16.10 4.98
N THR C 264 -45.22 15.01 4.49
CA THR C 264 -45.95 13.77 4.28
C THR C 264 -45.00 12.60 4.43
N TYR C 265 -45.57 11.42 4.68
CA TYR C 265 -44.78 10.22 4.80
C TYR C 265 -44.07 9.90 3.48
N GLN C 266 -43.15 8.95 3.54
CA GLN C 266 -42.36 8.55 2.40
C GLN C 266 -42.80 7.18 1.90
N SER C 267 -42.95 7.05 0.58
CA SER C 267 -43.35 5.80 -0.03
C SER C 267 -42.24 5.14 -0.85
N VAL C 268 -41.20 5.89 -1.20
CA VAL C 268 -40.07 5.36 -1.97
C VAL C 268 -38.91 5.15 -1.02
N TYR C 269 -38.38 3.93 -0.99
CA TYR C 269 -37.29 3.57 -0.10
C TYR C 269 -36.17 2.91 -0.89
N PHE C 270 -34.94 3.18 -0.45
CA PHE C 270 -33.75 2.54 -1.01
C PHE C 270 -33.10 1.69 0.07
N VAL C 271 -32.79 0.44 -0.28
CA VAL C 271 -32.22 -0.52 0.66
C VAL C 271 -30.87 -0.97 0.16
N SER C 272 -29.88 -0.94 1.04
CA SER C 272 -28.52 -1.37 0.74
C SER C 272 -28.20 -2.61 1.58
N GLU C 273 -27.71 -3.66 0.92
CA GLU C 273 -27.40 -4.89 1.64
C GLU C 273 -26.37 -4.64 2.73
N SER C 274 -25.31 -3.89 2.42
CA SER C 274 -24.27 -3.55 3.37
C SER C 274 -23.86 -2.09 3.17
N PHE C 275 -23.38 -1.48 4.25
CA PHE C 275 -22.95 -0.09 4.19
C PHE C 275 -21.77 0.08 3.23
N SER C 276 -20.87 -0.90 3.19
CA SER C 276 -19.72 -0.83 2.29
C SER C 276 -20.17 -0.73 0.84
N ASP C 277 -21.25 -1.41 0.47
CA ASP C 277 -21.76 -1.31 -0.89
C ASP C 277 -22.15 0.11 -1.23
N ALA C 278 -22.79 0.80 -0.28
CA ALA C 278 -23.09 2.22 -0.47
C ALA C 278 -21.79 3.02 -0.59
N LYS C 279 -20.82 2.70 0.28
CA LYS C 279 -19.58 3.47 0.33
C LYS C 279 -18.88 3.53 -1.03
N ASP C 280 -18.50 2.36 -1.55
CA ASP C 280 -17.74 2.33 -2.80
C ASP C 280 -18.57 2.87 -3.96
N LYS C 281 -19.87 2.57 -3.98
CA LYS C 281 -20.72 3.06 -5.06
C LYS C 281 -20.73 4.59 -5.10
N LEU C 282 -20.84 5.23 -3.93
CA LEU C 282 -20.76 6.69 -3.90
C LEU C 282 -19.40 7.18 -4.35
N ARG C 283 -18.33 6.51 -3.91
CA ARG C 283 -16.99 6.90 -4.34
C ARG C 283 -16.85 6.77 -5.85
N SER C 284 -17.36 5.68 -6.42
CA SER C 284 -17.41 5.57 -7.87
C SER C 284 -18.29 6.65 -8.47
N TYR C 285 -19.43 6.93 -7.83
CA TYR C 285 -20.28 8.02 -8.29
C TYR C 285 -19.56 9.34 -8.20
N ALA C 286 -18.83 9.57 -7.10
CA ALA C 286 -18.04 10.79 -6.98
C ALA C 286 -16.99 10.88 -8.08
N SER C 287 -16.31 9.77 -8.37
CA SER C 287 -15.36 9.74 -9.46
C SER C 287 -16.06 10.06 -10.78
N ARG C 288 -17.27 9.53 -10.97
CA ARG C 288 -18.04 9.87 -12.15
C ARG C 288 -18.39 11.35 -12.18
N ILE C 289 -18.63 11.96 -11.02
CA ILE C 289 -18.93 13.38 -10.93
C ILE C 289 -17.70 14.17 -11.37
N GLN C 290 -17.85 15.00 -12.40
CA GLN C 290 -16.72 15.77 -12.90
C GLN C 290 -16.25 16.77 -11.85
N ARG C 291 -14.93 16.87 -11.70
CA ARG C 291 -14.32 17.83 -10.80
C ARG C 291 -12.90 18.11 -11.29
N PRO C 292 -12.48 19.37 -11.35
CA PRO C 292 -11.12 19.69 -11.82
C PRO C 292 -10.02 19.22 -10.89
N PHE C 293 -10.35 18.57 -9.78
CA PHE C 293 -9.37 18.15 -8.79
C PHE C 293 -10.04 17.12 -7.88
N SER C 294 -9.35 16.75 -6.80
CA SER C 294 -9.89 15.84 -5.80
C SER C 294 -9.74 16.51 -4.44
N VAL C 295 -10.06 15.75 -3.38
CA VAL C 295 -10.00 16.28 -2.02
C VAL C 295 -9.54 15.18 -1.09
N LYS C 296 -8.76 15.57 -0.08
CA LYS C 296 -8.26 14.65 0.94
C LYS C 296 -8.38 15.30 2.31
N PHE C 297 -8.50 14.45 3.33
CA PHE C 297 -8.61 14.89 4.71
C PHE C 297 -7.42 14.39 5.51
N ASP C 298 -6.89 15.25 6.38
CA ASP C 298 -5.76 14.89 7.23
C ASP C 298 -6.20 14.87 8.68
N PRO C 299 -6.44 13.71 9.28
CA PRO C 299 -6.83 13.68 10.70
C PRO C 299 -5.78 14.24 11.63
N TYR C 300 -4.50 14.17 11.27
CA TYR C 300 -3.45 14.68 12.16
C TYR C 300 -3.62 16.16 12.42
N THR C 301 -4.19 16.90 11.47
CA THR C 301 -4.41 18.34 11.63
C THR C 301 -5.85 18.74 11.37
N LEU C 302 -6.74 17.79 11.08
CA LEU C 302 -8.14 18.08 10.79
C LEU C 302 -8.25 19.13 9.68
N ALA C 303 -7.41 18.99 8.67
CA ALA C 303 -7.35 19.90 7.54
C ALA C 303 -7.73 19.18 6.26
N ILE C 304 -8.11 19.97 5.26
CA ILE C 304 -8.50 19.46 3.95
C ILE C 304 -7.57 20.05 2.91
N ASP C 305 -7.00 19.21 2.07
CA ASP C 305 -6.05 19.62 1.04
C ASP C 305 -6.59 19.25 -0.32
N VAL C 306 -6.53 20.20 -1.26
CA VAL C 306 -6.99 19.94 -2.61
C VAL C 306 -6.09 18.91 -3.27
N LEU C 307 -6.66 18.16 -4.21
CA LEU C 307 -5.95 17.11 -4.94
C LEU C 307 -6.04 17.44 -6.42
N ASP C 308 -5.09 18.24 -6.92
CA ASP C 308 -5.08 18.65 -8.31
C ASP C 308 -3.75 18.42 -9.01
N SER C 309 -2.67 18.11 -8.28
CA SER C 309 -1.37 17.90 -8.87
C SER C 309 -0.74 16.62 -8.33
N PRO C 310 0.11 15.97 -9.11
CA PRO C 310 0.78 14.75 -8.62
C PRO C 310 1.61 15.00 -7.37
N GLN C 311 2.19 16.19 -7.21
CA GLN C 311 3.01 16.48 -6.05
C GLN C 311 2.21 16.34 -4.77
N ALA C 312 0.98 16.86 -4.76
CA ALA C 312 0.13 16.70 -3.59
C ALA C 312 -0.18 15.23 -3.34
N VAL C 313 -0.43 14.47 -4.41
CA VAL C 313 -0.69 13.04 -4.26
C VAL C 313 0.51 12.34 -3.65
N ARG C 314 1.71 12.68 -4.13
CA ARG C 314 2.92 12.07 -3.59
C ARG C 314 3.08 12.41 -2.11
N ARG C 315 2.77 13.64 -1.73
CA ARG C 315 2.86 14.06 -0.33
C ARG C 315 2.07 13.10 0.57
N SER C 316 0.81 12.83 0.22
CA SER C 316 0.03 11.88 0.99
C SER C 316 0.57 10.48 0.86
N LEU C 317 1.03 10.11 -0.34
CA LEU C 317 1.54 8.76 -0.57
C LEU C 317 2.74 8.47 0.33
N GLU C 318 3.65 9.43 0.47
CA GLU C 318 4.82 9.25 1.31
C GLU C 318 4.42 8.91 2.74
N GLY C 319 3.44 9.62 3.28
CA GLY C 319 2.93 9.28 4.60
C GLY C 319 2.27 7.91 4.63
N VAL C 320 1.58 7.55 3.55
CA VAL C 320 0.92 6.24 3.48
C VAL C 320 1.95 5.13 3.57
N GLN C 321 2.98 5.21 2.72
CA GLN C 321 4.03 4.18 2.74
C GLN C 321 4.79 4.15 4.05
N ASP C 322 4.90 5.28 4.76
CA ASP C 322 5.55 5.28 6.06
C ASP C 322 4.78 4.40 7.04
N GLU C 323 3.45 4.47 7.00
CA GLU C 323 2.64 3.65 7.88
C GLU C 323 2.86 2.17 7.62
N LEU C 324 2.94 1.78 6.34
CA LEU C 324 3.18 0.37 6.03
C LEU C 324 4.51 -0.10 6.58
N ASP C 325 5.55 0.72 6.44
CA ASP C 325 6.85 0.35 7.00
C ASP C 325 6.78 0.23 8.51
N THR C 326 6.10 1.16 9.17
CA THR C 326 5.93 1.07 10.62
C THR C 326 5.15 -0.19 10.98
N LEU C 327 4.08 -0.48 10.24
CA LEU C 327 3.33 -1.70 10.49
C LEU C 327 4.17 -2.93 10.19
N ALA C 328 4.97 -2.88 9.12
CA ALA C 328 5.81 -4.02 8.77
C ALA C 328 6.80 -4.33 9.89
N HIS C 329 7.42 -3.29 10.45
CA HIS C 329 8.32 -3.50 11.58
C HIS C 329 7.58 -4.07 12.78
N ALA C 330 6.37 -3.58 13.03
CA ALA C 330 5.56 -4.11 14.11
C ALA C 330 5.27 -5.58 13.90
N LEU C 331 4.94 -5.96 12.67
CA LEU C 331 4.71 -7.38 12.36
C LEU C 331 5.97 -8.20 12.61
N SER C 332 7.13 -7.66 12.22
CA SER C 332 8.38 -8.38 12.47
C SER C 332 8.61 -8.57 13.96
N ALA C 333 8.36 -7.52 14.75
CA ALA C 333 8.54 -7.62 16.20
C ALA C 333 7.60 -8.66 16.79
N ILE C 334 6.33 -8.65 16.35
CA ILE C 334 5.37 -9.61 16.86
C ILE C 334 5.65 -10.99 16.26
N GLY C 335 5.58 -12.01 17.11
CA GLY C 335 5.81 -13.38 16.68
C GLY C 335 7.27 -13.69 16.42
N SER D 1 -37.38 18.12 2.59
CA SER D 1 -36.89 19.48 2.73
C SER D 1 -35.81 19.79 1.71
N LEU D 2 -35.12 18.74 1.24
CA LEU D 2 -34.02 18.95 0.31
C LEU D 2 -34.51 19.55 -0.99
N ILE D 3 -35.77 19.28 -1.35
CA ILE D 3 -36.32 19.85 -2.58
C ILE D 3 -36.24 21.36 -2.55
N GLU D 4 -36.70 21.94 -1.44
CA GLU D 4 -36.66 23.40 -1.30
C GLU D 4 -35.23 23.91 -1.33
N ASP D 5 -34.32 23.19 -0.68
CA ASP D 5 -32.91 23.59 -0.70
C ASP D 5 -32.34 23.55 -2.11
N ALA D 6 -32.70 22.52 -2.88
CA ALA D 6 -32.17 22.41 -4.24
C ALA D 6 -32.62 23.58 -5.11
N ARG D 7 -33.92 23.89 -5.10
CA ARG D 7 -34.41 25.02 -5.87
C ARG D 7 -33.85 26.33 -5.33
N LYS D 8 -33.77 26.46 -4.00
CA LYS D 8 -33.25 27.70 -3.41
C LYS D 8 -31.82 27.95 -3.86
N GLU D 9 -30.99 26.91 -3.87
CA GLU D 9 -29.62 27.05 -4.36
C GLU D 9 -29.60 27.40 -5.84
N ARG D 10 -30.46 26.75 -6.62
CA ARG D 10 -30.46 26.96 -8.06
C ARG D 10 -30.92 28.38 -8.41
N GLU D 11 -32.02 28.82 -7.80
CA GLU D 11 -32.52 30.17 -8.08
C GLU D 11 -31.53 31.24 -7.61
N ALA D 12 -30.91 31.03 -6.45
CA ALA D 12 -29.93 31.98 -5.97
C ALA D 12 -28.74 32.08 -6.91
N ALA D 13 -28.26 30.93 -7.40
CA ALA D 13 -27.12 30.92 -8.32
C ALA D 13 -27.48 31.61 -9.62
N VAL D 14 -28.67 31.34 -10.15
CA VAL D 14 -29.06 31.91 -11.44
C VAL D 14 -29.55 33.34 -11.32
N ALA D 15 -29.87 33.79 -10.10
CA ALA D 15 -30.36 35.16 -9.93
C ALA D 15 -29.32 36.17 -10.36
N ALA D 16 -28.05 35.95 -9.98
CA ALA D 16 -26.99 36.88 -10.38
C ALA D 16 -26.66 36.77 -11.86
N ALA D 17 -26.91 35.60 -12.45
CA ALA D 17 -26.59 35.42 -13.87
C ALA D 17 -27.37 36.39 -14.74
N ALA D 18 -28.65 36.57 -14.44
CA ALA D 18 -29.50 37.47 -15.22
C ALA D 18 -29.33 38.91 -14.73
N VAL E 1 12.89 12.12 -29.90
CA VAL E 1 13.05 11.31 -28.71
C VAL E 1 13.66 9.96 -29.07
N PRO E 2 14.63 9.50 -28.28
CA PRO E 2 15.28 8.21 -28.57
C PRO E 2 14.26 7.08 -28.56
N TRP E 3 14.44 6.14 -29.50
CA TRP E 3 13.56 4.98 -29.57
C TRP E 3 14.04 3.89 -28.60
N PHE E 4 13.08 3.25 -27.96
CA PHE E 4 13.37 2.15 -27.03
C PHE E 4 12.35 1.05 -27.26
N PRO E 5 12.75 -0.21 -27.08
CA PRO E 5 11.77 -1.30 -27.18
C PRO E 5 10.80 -1.29 -26.02
N ARG E 6 9.64 -1.92 -26.25
CA ARG E 6 8.61 -2.04 -25.24
C ARG E 6 8.51 -3.42 -24.62
N LYS E 7 9.02 -4.45 -25.29
CA LYS E 7 9.00 -5.81 -24.77
C LYS E 7 10.01 -6.65 -25.53
N VAL E 8 10.16 -7.91 -25.09
CA VAL E 8 11.17 -8.78 -25.68
C VAL E 8 10.90 -9.04 -27.14
N SER E 9 9.64 -8.96 -27.57
CA SER E 9 9.29 -9.32 -28.94
C SER E 9 10.05 -8.46 -29.94
N GLU E 10 9.99 -7.14 -29.79
CA GLU E 10 10.70 -6.26 -30.72
C GLU E 10 12.19 -6.28 -30.46
N LEU E 11 12.60 -6.55 -29.22
CA LEU E 11 14.03 -6.59 -28.90
C LEU E 11 14.76 -7.57 -29.80
N ASP E 12 14.22 -8.79 -29.95
CA ASP E 12 14.84 -9.77 -30.82
C ASP E 12 14.65 -9.41 -32.28
N LYS E 13 13.43 -9.00 -32.66
CA LYS E 13 13.13 -8.75 -34.06
C LYS E 13 13.99 -7.61 -34.62
N CYS E 14 13.80 -6.40 -34.10
CA CYS E 14 14.49 -5.25 -34.68
C CYS E 14 16.00 -5.36 -34.53
N HIS E 15 16.48 -5.81 -33.37
CA HIS E 15 17.92 -5.91 -33.15
C HIS E 15 18.58 -6.95 -34.02
N HIS E 16 17.88 -8.04 -34.36
CA HIS E 16 18.43 -9.08 -35.21
C HIS E 16 18.18 -8.82 -36.70
N LEU E 17 17.46 -7.76 -37.04
CA LEU E 17 17.22 -7.39 -38.43
C LEU E 17 18.10 -6.24 -38.89
N VAL E 18 18.13 -5.13 -38.13
CA VAL E 18 18.99 -4.01 -38.49
C VAL E 18 20.45 -4.42 -38.42
N THR E 19 20.83 -5.15 -37.38
CA THR E 19 22.20 -5.65 -37.23
C THR E 19 22.35 -6.97 -37.97
N LYS E 20 23.49 -7.11 -38.65
CA LYS E 20 23.76 -8.32 -39.43
C LYS E 20 25.20 -8.29 -39.91
N PHE E 21 25.84 -9.45 -39.93
CA PHE E 21 27.19 -9.61 -40.46
C PHE E 21 28.14 -8.58 -39.85
N ASP E 22 28.32 -8.71 -38.54
CA ASP E 22 29.16 -7.82 -37.76
C ASP E 22 30.20 -8.64 -37.01
N PRO E 23 31.15 -9.25 -37.71
CA PRO E 23 32.18 -10.03 -37.05
C PRO E 23 33.16 -9.14 -36.30
N ASP E 24 33.80 -9.75 -35.29
CA ASP E 24 34.79 -9.05 -34.48
C ASP E 24 36.20 -9.32 -35.03
N LEU E 25 37.04 -8.28 -35.02
CA LEU E 25 38.40 -8.38 -35.50
C LEU E 25 39.36 -8.79 -34.39
N ASP E 26 39.46 -7.98 -33.33
CA ASP E 26 40.32 -8.25 -32.18
C ASP E 26 41.66 -8.84 -32.59
N LEU E 27 42.32 -8.22 -33.58
CA LEU E 27 43.61 -8.71 -34.05
C LEU E 27 44.76 -8.19 -33.18
N ASP E 28 44.72 -6.92 -32.81
CA ASP E 28 45.80 -6.35 -32.00
C ASP E 28 45.82 -6.92 -30.58
N HIS E 29 44.73 -7.55 -30.15
CA HIS E 29 44.68 -8.11 -28.81
C HIS E 29 45.63 -9.31 -28.71
N PRO E 30 46.08 -9.64 -27.50
CA PRO E 30 47.00 -10.78 -27.35
C PRO E 30 46.40 -12.07 -27.90
N GLY E 31 47.16 -12.76 -28.74
CA GLY E 31 46.65 -13.94 -29.41
C GLY E 31 45.75 -13.59 -30.57
N PHE E 32 44.65 -14.34 -30.73
CA PHE E 32 43.68 -14.11 -31.79
C PHE E 32 44.29 -14.27 -33.18
N SER E 33 45.41 -14.98 -33.28
CA SER E 33 46.07 -15.23 -34.56
C SER E 33 45.80 -16.63 -35.10
N ASP E 34 45.63 -17.61 -34.21
CA ASP E 34 45.34 -18.96 -34.65
C ASP E 34 43.99 -19.01 -35.35
N GLN E 35 43.92 -19.77 -36.45
CA GLN E 35 42.67 -19.87 -37.20
C GLN E 35 41.57 -20.48 -36.35
N VAL E 36 41.94 -21.32 -35.37
CA VAL E 36 40.93 -21.97 -34.54
C VAL E 36 40.11 -20.94 -33.77
N TYR E 37 40.78 -19.93 -33.20
CA TYR E 37 40.05 -18.90 -32.46
C TYR E 37 39.07 -18.16 -33.36
N ARG E 38 39.49 -17.85 -34.59
CA ARG E 38 38.58 -17.19 -35.53
C ARG E 38 37.38 -18.08 -35.83
N GLN E 39 37.60 -19.38 -36.00
CA GLN E 39 36.50 -20.29 -36.26
C GLN E 39 35.52 -20.32 -35.08
N ARG E 40 36.06 -20.34 -33.85
CA ARG E 40 35.19 -20.32 -32.68
C ARG E 40 34.36 -19.05 -32.64
N ARG E 41 34.97 -17.90 -32.96
CA ARG E 41 34.22 -16.65 -32.99
C ARG E 41 33.10 -16.71 -34.02
N LYS E 42 33.39 -17.26 -35.20
CA LYS E 42 32.36 -17.42 -36.22
C LYS E 42 31.27 -18.36 -35.74
N LEU E 43 31.64 -19.45 -35.07
CA LEU E 43 30.64 -20.37 -34.54
C LEU E 43 29.76 -19.68 -33.50
N ILE E 44 30.36 -18.90 -32.63
CA ILE E 44 29.59 -18.18 -31.61
C ILE E 44 28.66 -17.16 -32.27
N ALA E 45 29.17 -16.43 -33.27
CA ALA E 45 28.35 -15.42 -33.93
C ALA E 45 27.15 -16.04 -34.61
N GLU E 46 27.36 -17.15 -35.34
CA GLU E 46 26.24 -17.80 -36.02
C GLU E 46 25.20 -18.31 -35.03
N ILE E 47 25.66 -18.90 -33.91
CA ILE E 47 24.73 -19.37 -32.90
C ILE E 47 24.00 -18.20 -32.26
N ALA E 48 24.70 -17.08 -32.04
CA ALA E 48 24.12 -15.93 -31.37
C ALA E 48 23.14 -15.19 -32.29
N PHE E 49 23.60 -14.85 -33.50
CA PHE E 49 22.77 -14.04 -34.39
C PHE E 49 21.48 -14.78 -34.77
N GLN E 50 21.58 -16.06 -35.07
CA GLN E 50 20.44 -16.85 -35.50
C GLN E 50 19.51 -17.25 -34.36
N TYR E 51 19.92 -17.03 -33.11
CA TYR E 51 19.08 -17.39 -31.98
C TYR E 51 17.86 -16.49 -31.91
N ARG E 52 16.72 -17.08 -31.52
CA ARG E 52 15.48 -16.36 -31.38
C ARG E 52 15.03 -16.39 -29.92
N HIS E 53 14.35 -15.33 -29.50
CA HIS E 53 13.90 -15.23 -28.11
C HIS E 53 12.97 -16.38 -27.77
N GLY E 54 13.17 -16.96 -26.59
CA GLY E 54 12.36 -18.05 -26.11
C GLY E 54 12.83 -19.43 -26.51
N ASP E 55 13.81 -19.54 -27.40
CA ASP E 55 14.33 -20.83 -27.80
C ASP E 55 15.38 -21.33 -26.82
N PRO E 56 15.54 -22.65 -26.71
CA PRO E 56 16.60 -23.18 -25.84
C PRO E 56 17.98 -22.77 -26.33
N ILE E 57 18.90 -22.61 -25.38
CA ILE E 57 20.26 -22.22 -25.70
C ILE E 57 21.00 -23.42 -26.30
N PRO E 58 21.50 -23.33 -27.52
CA PRO E 58 22.22 -24.46 -28.12
C PRO E 58 23.45 -24.83 -27.30
N ARG E 59 23.70 -26.13 -27.21
CA ARG E 59 24.87 -26.63 -26.51
C ARG E 59 26.11 -26.50 -27.39
N VAL E 60 27.23 -26.11 -26.78
CA VAL E 60 28.50 -25.95 -27.48
C VAL E 60 29.52 -26.84 -26.79
N GLU E 61 30.21 -27.66 -27.58
CA GLU E 61 31.23 -28.56 -27.07
C GLU E 61 32.53 -27.80 -26.83
N TYR E 62 33.32 -28.31 -25.88
CA TYR E 62 34.56 -27.67 -25.48
C TYR E 62 35.73 -28.62 -25.70
N THR E 63 36.79 -28.10 -26.30
CA THR E 63 38.02 -28.87 -26.50
C THR E 63 38.86 -28.87 -25.23
N ALA E 64 40.08 -29.39 -25.34
CA ALA E 64 40.94 -29.50 -24.16
C ALA E 64 41.44 -28.13 -23.69
N GLU E 65 41.73 -27.24 -24.63
CA GLU E 65 42.37 -25.98 -24.26
C GLU E 65 41.48 -25.14 -23.35
N GLU E 66 40.19 -25.04 -23.66
CA GLU E 66 39.30 -24.25 -22.82
C GLU E 66 39.01 -24.96 -21.50
N ILE E 67 38.79 -26.27 -21.54
CA ILE E 67 38.51 -27.01 -20.32
C ILE E 67 39.71 -26.95 -19.38
N ALA E 68 40.93 -27.08 -19.92
CA ALA E 68 42.11 -26.98 -19.08
C ALA E 68 42.21 -25.60 -18.44
N THR E 69 41.93 -24.55 -19.21
CA THR E 69 41.95 -23.20 -18.64
C THR E 69 40.90 -23.06 -17.54
N TRP E 70 39.71 -23.63 -17.75
CA TRP E 70 38.66 -23.56 -16.75
C TRP E 70 39.11 -24.24 -15.45
N LYS E 71 39.75 -25.40 -15.56
CA LYS E 71 40.22 -26.09 -14.37
C LYS E 71 41.25 -25.26 -13.62
N GLU E 72 42.21 -24.67 -14.34
CA GLU E 72 43.24 -23.87 -13.69
C GLU E 72 42.64 -22.65 -13.02
N VAL E 73 41.80 -21.90 -13.75
CA VAL E 73 41.18 -20.70 -13.19
C VAL E 73 40.28 -21.06 -12.01
N TYR E 74 39.46 -22.11 -12.18
CA TYR E 74 38.55 -22.50 -11.11
C TYR E 74 39.32 -22.89 -9.85
N THR E 75 40.36 -23.70 -10.01
CA THR E 75 41.12 -24.14 -8.84
C THR E 75 41.82 -22.97 -8.16
N THR E 76 42.45 -22.09 -8.94
CA THR E 76 43.16 -20.96 -8.35
C THR E 76 42.19 -19.96 -7.73
N LEU E 77 41.14 -19.58 -8.46
CA LEU E 77 40.20 -18.60 -7.95
C LEU E 77 39.41 -19.17 -6.77
N LYS E 78 39.03 -20.45 -6.85
CA LYS E 78 38.25 -21.04 -5.77
C LYS E 78 39.02 -21.04 -4.46
N GLY E 79 40.32 -21.29 -4.50
CA GLY E 79 41.12 -21.26 -3.29
C GLY E 79 41.29 -19.89 -2.69
N LEU E 80 41.07 -18.83 -3.49
CA LEU E 80 41.15 -17.47 -3.00
C LEU E 80 39.78 -16.85 -2.71
N TYR E 81 38.69 -17.46 -3.18
CA TYR E 81 37.37 -16.91 -2.90
C TYR E 81 37.04 -16.92 -1.41
N ALA E 82 37.76 -17.71 -0.62
CA ALA E 82 37.54 -17.69 0.83
C ALA E 82 37.82 -16.31 1.42
N THR E 83 38.59 -15.48 0.71
CA THR E 83 38.89 -14.13 1.14
C THR E 83 38.57 -13.16 0.01
N HIS E 84 38.22 -11.93 0.38
CA HIS E 84 37.93 -10.87 -0.58
C HIS E 84 36.55 -11.07 -1.21
N ALA E 85 35.89 -12.17 -0.88
CA ALA E 85 34.57 -12.46 -1.42
C ALA E 85 33.48 -11.91 -0.49
N CYS E 86 32.26 -11.87 -1.02
CA CYS E 86 31.11 -11.37 -0.28
C CYS E 86 30.20 -12.55 0.10
N GLY E 87 29.36 -12.32 1.10
CA GLY E 87 28.56 -13.41 1.65
C GLY E 87 27.71 -14.09 0.60
N GLU E 88 26.98 -13.31 -0.20
CA GLU E 88 26.13 -13.89 -1.23
C GLU E 88 26.96 -14.67 -2.24
N HIS E 89 28.16 -14.17 -2.56
CA HIS E 89 29.01 -14.85 -3.53
C HIS E 89 29.39 -16.25 -3.05
N LEU E 90 29.69 -16.39 -1.76
CA LEU E 90 30.13 -17.69 -1.24
C LEU E 90 29.08 -18.76 -1.52
N GLU E 91 27.87 -18.61 -0.96
CA GLU E 91 26.83 -19.60 -1.19
C GLU E 91 26.41 -19.63 -2.65
N ALA E 92 26.70 -18.58 -3.41
CA ALA E 92 26.34 -18.55 -4.82
C ALA E 92 26.93 -19.75 -5.56
N PHE E 93 28.26 -19.86 -5.57
CA PHE E 93 28.90 -21.00 -6.22
C PHE E 93 28.73 -22.29 -5.45
N ALA E 94 28.59 -22.22 -4.12
CA ALA E 94 28.42 -23.42 -3.32
C ALA E 94 27.19 -24.21 -3.77
N LEU E 95 26.04 -23.54 -3.88
CA LEU E 95 24.87 -24.19 -4.45
C LEU E 95 25.09 -24.52 -5.92
N LEU E 96 25.71 -23.61 -6.66
CA LEU E 96 25.95 -23.84 -8.08
C LEU E 96 26.84 -25.05 -8.30
N GLU E 97 27.93 -25.16 -7.54
CA GLU E 97 28.83 -26.29 -7.69
C GLU E 97 28.11 -27.60 -7.37
N ARG E 98 27.30 -27.61 -6.30
CA ARG E 98 26.55 -28.80 -5.96
C ARG E 98 25.49 -29.13 -7.01
N PHE E 99 24.87 -28.10 -7.59
CA PHE E 99 23.79 -28.29 -8.54
C PHE E 99 24.20 -27.96 -9.98
N SER E 100 24.70 -26.75 -10.22
CA SER E 100 25.08 -26.38 -11.58
C SER E 100 26.29 -27.16 -12.08
N GLY E 101 27.03 -27.78 -11.18
CA GLY E 101 28.19 -28.58 -11.57
C GLY E 101 29.48 -27.81 -11.69
N TYR E 102 29.59 -26.63 -11.07
CA TYR E 102 30.81 -25.85 -11.15
C TYR E 102 31.99 -26.61 -10.58
N ARG E 103 32.92 -27.02 -11.44
CA ARG E 103 34.13 -27.70 -11.02
C ARG E 103 35.23 -27.42 -12.02
N GLU E 104 36.48 -27.54 -11.56
CA GLU E 104 37.61 -27.32 -12.45
C GLU E 104 37.64 -28.36 -13.57
N ASP E 105 37.36 -29.62 -13.23
CA ASP E 105 37.38 -30.70 -14.23
C ASP E 105 36.14 -30.70 -15.11
N ASN E 106 35.06 -30.06 -14.70
CA ASN E 106 33.80 -30.07 -15.44
C ASN E 106 33.34 -28.63 -15.63
N ILE E 107 33.37 -28.15 -16.87
CA ILE E 107 32.88 -26.82 -17.21
C ILE E 107 31.42 -26.94 -17.61
N PRO E 108 30.50 -26.25 -16.92
CA PRO E 108 29.08 -26.40 -17.22
C PRO E 108 28.70 -25.72 -18.54
N GLN E 109 27.48 -26.01 -18.99
CA GLN E 109 26.93 -25.47 -20.21
C GLN E 109 26.11 -24.21 -19.91
N LEU E 110 25.42 -23.71 -20.92
CA LEU E 110 24.61 -22.50 -20.79
C LEU E 110 23.15 -22.82 -20.53
N GLU E 111 22.60 -23.83 -21.21
CA GLU E 111 21.18 -24.15 -21.04
C GLU E 111 20.88 -24.56 -19.61
N ASP E 112 21.72 -25.41 -19.03
CA ASP E 112 21.49 -25.85 -17.65
C ASP E 112 21.61 -24.69 -16.68
N VAL E 113 22.65 -23.87 -16.84
CA VAL E 113 22.84 -22.74 -15.94
C VAL E 113 21.72 -21.71 -16.11
N SER E 114 21.33 -21.45 -17.36
CA SER E 114 20.28 -20.46 -17.62
C SER E 114 18.98 -20.88 -16.93
N ARG E 115 18.64 -22.17 -17.00
CA ARG E 115 17.45 -22.67 -16.33
C ARG E 115 17.52 -22.42 -14.83
N PHE E 116 18.68 -22.69 -14.24
CA PHE E 116 18.83 -22.55 -12.79
C PHE E 116 18.62 -21.10 -12.36
N LEU E 117 19.26 -20.16 -13.06
CA LEU E 117 19.16 -18.76 -12.66
C LEU E 117 17.73 -18.23 -12.81
N LYS E 118 17.08 -18.55 -13.93
CA LYS E 118 15.70 -18.09 -14.12
C LYS E 118 14.77 -18.71 -13.09
N GLU E 119 14.95 -20.00 -12.79
CA GLU E 119 14.09 -20.65 -11.81
C GLU E 119 14.21 -20.01 -10.43
N ARG E 120 15.44 -19.71 -10.00
CA ARG E 120 15.65 -19.15 -8.67
C ARG E 120 15.44 -17.65 -8.66
N THR E 121 16.25 -16.92 -9.43
CA THR E 121 16.21 -15.46 -9.44
C THR E 121 15.49 -14.88 -10.65
N GLY E 122 14.91 -15.73 -11.49
CA GLY E 122 14.22 -15.24 -12.67
C GLY E 122 15.11 -14.51 -13.65
N PHE E 123 16.32 -15.02 -13.88
CA PHE E 123 17.27 -14.42 -14.80
C PHE E 123 17.54 -15.37 -15.97
N GLN E 124 17.62 -14.80 -17.16
CA GLN E 124 17.91 -15.54 -18.38
C GLN E 124 19.09 -14.89 -19.09
N LEU E 125 19.87 -15.73 -19.77
CA LEU E 125 21.09 -15.29 -20.45
C LEU E 125 20.91 -15.40 -21.96
N ARG E 126 21.32 -14.35 -22.66
CA ARG E 126 21.28 -14.32 -24.13
C ARG E 126 22.70 -14.49 -24.66
N PRO E 127 22.99 -15.59 -25.34
CA PRO E 127 24.38 -15.82 -25.78
C PRO E 127 24.76 -14.94 -26.95
N VAL E 128 25.08 -13.69 -26.67
CA VAL E 128 25.41 -12.71 -27.70
C VAL E 128 26.92 -12.56 -27.78
N ALA E 129 27.39 -12.19 -28.97
CA ALA E 129 28.82 -12.04 -29.23
C ALA E 129 29.03 -10.73 -29.99
N GLY E 130 30.28 -10.44 -30.32
CA GLY E 130 30.61 -9.22 -31.01
C GLY E 130 30.47 -7.99 -30.12
N LEU E 131 30.42 -6.83 -30.78
CA LEU E 131 30.27 -5.57 -30.07
C LEU E 131 28.83 -5.38 -29.62
N LEU E 132 28.67 -4.91 -28.38
CA LEU E 132 27.35 -4.61 -27.81
C LEU E 132 27.28 -3.12 -27.51
N SER E 133 26.25 -2.45 -28.03
CA SER E 133 26.06 -1.03 -27.77
C SER E 133 25.59 -0.82 -26.34
N ALA E 134 25.33 0.44 -25.97
CA ALA E 134 24.92 0.73 -24.60
C ALA E 134 23.43 0.52 -24.41
N ARG E 135 22.61 1.12 -25.28
CA ARG E 135 21.17 1.08 -25.09
C ARG E 135 20.64 -0.34 -25.09
N ASP E 136 21.10 -1.16 -26.04
CA ASP E 136 20.62 -2.54 -26.11
C ASP E 136 21.02 -3.33 -24.86
N PHE E 137 22.27 -3.16 -24.42
CA PHE E 137 22.72 -3.87 -23.23
C PHE E 137 21.93 -3.46 -22.00
N LEU E 138 21.72 -2.15 -21.83
CA LEU E 138 20.92 -1.68 -20.71
C LEU E 138 19.47 -2.13 -20.83
N ALA E 139 18.92 -2.11 -22.05
CA ALA E 139 17.56 -2.57 -22.25
C ALA E 139 17.41 -4.03 -21.85
N SER E 140 18.38 -4.87 -22.22
CA SER E 140 18.35 -6.27 -21.79
C SER E 140 18.40 -6.36 -20.27
N LEU E 141 19.25 -5.55 -19.64
CA LEU E 141 19.31 -5.53 -18.18
C LEU E 141 17.96 -5.16 -17.58
N ALA E 142 17.20 -4.28 -18.25
CA ALA E 142 15.89 -3.91 -17.74
C ALA E 142 14.96 -5.10 -17.66
N PHE E 143 14.97 -5.95 -18.69
CA PHE E 143 14.17 -7.16 -18.71
C PHE E 143 14.76 -8.28 -17.86
N ARG E 144 15.79 -7.98 -17.06
CA ARG E 144 16.44 -8.94 -16.18
C ARG E 144 17.15 -10.05 -16.96
N VAL E 145 17.50 -9.80 -18.21
CA VAL E 145 18.23 -10.76 -19.05
C VAL E 145 19.64 -10.22 -19.27
N PHE E 146 20.63 -11.08 -19.01
CA PHE E 146 22.03 -10.69 -19.10
C PHE E 146 22.65 -11.27 -20.37
N GLN E 147 23.18 -10.39 -21.21
CA GLN E 147 23.86 -10.82 -22.42
C GLN E 147 25.16 -11.53 -22.07
N CYS E 148 25.45 -12.62 -22.78
CA CYS E 148 26.62 -13.43 -22.50
C CYS E 148 27.18 -13.98 -23.79
N THR E 149 28.45 -14.36 -23.74
CA THR E 149 29.16 -14.93 -24.88
C THR E 149 29.58 -16.35 -24.55
N GLN E 150 29.64 -17.19 -25.59
CA GLN E 150 29.94 -18.60 -25.42
C GLN E 150 31.44 -18.88 -25.35
N TYR E 151 32.24 -18.20 -26.17
CA TYR E 151 33.67 -18.45 -26.18
C TYR E 151 34.33 -17.86 -24.93
N ILE E 152 35.54 -18.32 -24.66
CA ILE E 152 36.28 -17.90 -23.47
C ILE E 152 37.52 -17.13 -23.89
N ARG E 153 38.27 -16.64 -22.91
CA ARG E 153 39.47 -15.84 -23.17
C ARG E 153 40.51 -16.67 -23.92
N HIS E 154 41.52 -15.98 -24.48
CA HIS E 154 42.57 -16.65 -25.22
C HIS E 154 43.50 -17.38 -24.26
N ALA E 155 43.96 -18.57 -24.68
CA ALA E 155 44.85 -19.37 -23.84
C ALA E 155 46.19 -18.69 -23.61
N SER E 156 46.54 -17.68 -24.42
CA SER E 156 47.82 -17.01 -24.26
C SER E 156 47.93 -16.32 -22.91
N SER E 157 46.82 -15.74 -22.43
CA SER E 157 46.78 -15.01 -21.16
C SER E 157 45.66 -15.56 -20.30
N PRO E 158 45.85 -16.75 -19.71
CA PRO E 158 44.81 -17.30 -18.83
C PRO E 158 44.54 -16.42 -17.62
N MET E 159 45.55 -15.72 -17.10
CA MET E 159 45.35 -14.91 -15.90
C MET E 159 44.35 -13.79 -16.13
N HIS E 160 44.45 -13.09 -17.26
CA HIS E 160 43.55 -11.99 -17.58
C HIS E 160 43.19 -12.05 -19.05
N SER E 161 41.99 -11.56 -19.36
CA SER E 161 41.48 -11.54 -20.72
C SER E 161 41.34 -10.10 -21.21
N PRO E 162 41.93 -9.74 -22.35
CA PRO E 162 41.76 -8.36 -22.85
C PRO E 162 40.30 -8.00 -23.09
N GLU E 163 39.45 -8.98 -23.41
CA GLU E 163 38.04 -8.75 -23.63
C GLU E 163 37.23 -9.70 -22.77
N PRO E 164 36.06 -9.29 -22.31
CA PRO E 164 35.25 -10.17 -21.45
C PRO E 164 34.86 -11.44 -22.19
N ASP E 165 34.83 -12.54 -21.46
CA ASP E 165 34.48 -13.85 -21.99
C ASP E 165 33.53 -14.57 -21.03
N CYS E 166 33.28 -15.84 -21.33
CA CYS E 166 32.31 -16.61 -20.53
C CYS E 166 32.77 -16.73 -19.07
N CYS E 167 34.05 -17.03 -18.87
CA CYS E 167 34.55 -17.22 -17.51
C CYS E 167 34.43 -15.93 -16.69
N HIS E 168 34.74 -14.78 -17.30
CA HIS E 168 34.64 -13.52 -16.58
C HIS E 168 33.22 -13.26 -16.11
N GLU E 169 32.26 -13.36 -17.01
CA GLU E 169 30.86 -13.13 -16.63
C GLU E 169 30.37 -14.20 -15.66
N LEU E 170 30.75 -15.46 -15.89
CA LEU E 170 30.28 -16.54 -15.03
C LEU E 170 30.76 -16.36 -13.60
N LEU E 171 32.03 -15.99 -13.43
CA LEU E 171 32.59 -15.85 -12.08
C LEU E 171 32.27 -14.48 -11.48
N GLY E 172 32.61 -13.41 -12.19
CA GLY E 172 32.41 -12.08 -11.63
C GLY E 172 30.94 -11.72 -11.50
N HIS E 173 30.11 -12.11 -12.47
CA HIS E 173 28.73 -11.63 -12.54
C HIS E 173 27.73 -12.65 -11.98
N VAL E 174 27.81 -13.89 -12.42
CA VAL E 174 26.77 -14.87 -12.09
C VAL E 174 26.53 -14.96 -10.59
N PRO E 175 27.55 -15.07 -9.73
CA PRO E 175 27.26 -15.12 -8.29
C PRO E 175 26.51 -13.90 -7.79
N MET E 176 26.81 -12.71 -8.32
CA MET E 176 26.13 -11.50 -7.88
C MET E 176 24.71 -11.45 -8.41
N LEU E 177 24.49 -11.88 -9.66
CA LEU E 177 23.15 -11.86 -10.22
C LEU E 177 22.21 -12.75 -9.43
N ALA E 178 22.74 -13.80 -8.79
CA ALA E 178 21.92 -14.69 -7.99
C ALA E 178 21.32 -14.01 -6.77
N ASP E 179 21.89 -12.89 -6.34
CA ASP E 179 21.37 -12.18 -5.17
C ASP E 179 20.04 -11.54 -5.50
N ARG E 180 19.03 -11.78 -4.65
CA ARG E 180 17.71 -11.24 -4.90
C ARG E 180 17.72 -9.72 -4.82
N THR E 181 18.28 -9.15 -3.75
CA THR E 181 18.34 -7.70 -3.63
C THR E 181 19.19 -7.10 -4.74
N PHE E 182 20.34 -7.72 -5.03
CA PHE E 182 21.17 -7.24 -6.12
C PHE E 182 20.47 -7.39 -7.46
N ALA E 183 19.74 -8.49 -7.65
CA ALA E 183 19.00 -8.69 -8.90
C ALA E 183 18.01 -7.56 -9.12
N GLN E 184 17.25 -7.21 -8.08
CA GLN E 184 16.32 -6.09 -8.19
C GLN E 184 17.06 -4.77 -8.40
N PHE E 185 18.20 -4.59 -7.72
CA PHE E 185 18.99 -3.38 -7.91
C PHE E 185 19.46 -3.25 -9.35
N SER E 186 19.94 -4.35 -9.93
CA SER E 186 20.35 -4.33 -11.33
C SER E 186 19.17 -4.04 -12.25
N GLN E 187 18.01 -4.63 -11.94
CA GLN E 187 16.83 -4.42 -12.78
C GLN E 187 16.44 -2.95 -12.82
N ASP E 188 16.47 -2.28 -11.65
CA ASP E 188 16.14 -0.86 -11.62
C ASP E 188 17.04 -0.05 -12.53
N ILE E 189 18.32 -0.42 -12.61
CA ILE E 189 19.25 0.28 -13.50
C ILE E 189 18.78 0.15 -14.94
N GLY E 190 18.38 -1.05 -15.34
CA GLY E 190 17.92 -1.24 -16.70
C GLY E 190 16.71 -0.40 -17.03
N LEU E 191 15.74 -0.36 -16.11
CA LEU E 191 14.54 0.44 -16.33
C LEU E 191 14.90 1.92 -16.46
N ALA E 192 15.78 2.41 -15.58
CA ALA E 192 16.23 3.79 -15.67
C ALA E 192 16.98 4.03 -16.98
N SER E 193 17.78 3.06 -17.41
CA SER E 193 18.54 3.23 -18.64
C SER E 193 17.62 3.40 -19.84
N LEU E 194 16.46 2.74 -19.82
CA LEU E 194 15.53 2.84 -20.94
C LEU E 194 15.11 4.29 -21.15
N GLY E 195 15.15 4.72 -22.41
CA GLY E 195 14.77 6.08 -22.76
C GLY E 195 15.77 7.15 -22.38
N ALA E 196 16.91 6.78 -21.81
CA ALA E 196 17.91 7.77 -21.43
C ALA E 196 18.54 8.41 -22.66
N SER E 197 18.81 9.70 -22.58
CA SER E 197 19.42 10.42 -23.69
C SER E 197 20.86 9.96 -23.89
N ASP E 198 21.50 10.52 -24.92
CA ASP E 198 22.87 10.15 -25.23
C ASP E 198 23.78 10.36 -24.03
N GLU E 199 23.74 11.57 -23.45
CA GLU E 199 24.53 11.83 -22.26
C GLU E 199 24.03 11.00 -21.08
N GLU E 200 22.71 10.87 -20.94
CA GLU E 200 22.15 10.07 -19.85
C GLU E 200 22.57 8.61 -19.95
N ILE E 201 22.58 8.05 -21.16
CA ILE E 201 23.02 6.67 -21.33
C ILE E 201 24.44 6.51 -20.80
N GLU E 202 25.32 7.45 -21.13
CA GLU E 202 26.68 7.43 -20.60
C GLU E 202 26.68 7.55 -19.08
N LYS E 203 25.88 8.47 -18.55
CA LYS E 203 25.86 8.69 -17.11
C LYS E 203 25.42 7.43 -16.36
N LEU E 204 24.28 6.86 -16.76
CA LEU E 204 23.82 5.63 -16.11
C LEU E 204 24.79 4.49 -16.35
N SER E 205 25.32 4.38 -17.58
CA SER E 205 26.28 3.32 -17.87
C SER E 205 27.55 3.47 -17.05
N THR E 206 27.95 4.71 -16.76
CA THR E 206 29.16 4.94 -15.98
C THR E 206 29.04 4.30 -14.60
N LEU E 207 27.86 4.39 -13.97
CA LEU E 207 27.67 3.79 -12.66
C LEU E 207 27.88 2.28 -12.71
N TYR E 208 27.40 1.64 -13.78
CA TYR E 208 27.53 0.19 -13.90
C TYR E 208 29.00 -0.23 -13.86
N TRP E 209 29.84 0.45 -14.65
CA TRP E 209 31.25 0.09 -14.69
C TRP E 209 31.92 0.32 -13.34
N PHE E 210 31.57 1.42 -12.66
CA PHE E 210 32.13 1.72 -11.36
C PHE E 210 31.41 1.02 -10.21
N THR E 211 30.29 0.35 -10.48
CA THR E 211 29.53 -0.33 -9.43
C THR E 211 29.42 -1.83 -9.65
N VAL E 212 29.05 -2.26 -10.85
CA VAL E 212 28.84 -3.68 -11.10
C VAL E 212 30.17 -4.38 -11.37
N GLU E 213 30.94 -3.88 -12.34
CA GLU E 213 32.23 -4.48 -12.64
C GLU E 213 33.21 -4.34 -11.48
N PHE E 214 33.15 -3.22 -10.76
CA PHE E 214 34.02 -2.97 -9.61
C PHE E 214 33.18 -2.37 -8.51
N GLY E 215 33.12 -3.04 -7.36
CA GLY E 215 32.31 -2.55 -6.25
C GLY E 215 32.83 -3.08 -4.94
N LEU E 216 32.61 -2.30 -3.88
CA LEU E 216 32.99 -2.67 -2.53
C LEU E 216 31.79 -2.52 -1.60
N CYS E 217 31.81 -3.29 -0.51
CA CYS E 217 30.74 -3.25 0.47
C CYS E 217 31.30 -3.61 1.83
N LYS E 218 30.57 -3.20 2.88
CA LYS E 218 30.95 -3.46 4.26
C LYS E 218 29.83 -4.25 4.92
N GLN E 219 30.05 -5.55 5.09
CA GLN E 219 29.07 -6.42 5.72
C GLN E 219 29.79 -7.33 6.72
N ASN E 220 29.07 -7.69 7.79
CA ASN E 220 29.58 -8.56 8.84
C ASN E 220 30.78 -7.94 9.56
N GLY E 221 30.97 -6.62 9.42
CA GLY E 221 32.08 -5.94 10.06
C GLY E 221 33.37 -5.92 9.26
N GLU E 222 33.38 -6.47 8.05
CA GLU E 222 34.57 -6.44 7.20
C GLU E 222 34.18 -5.98 5.81
N VAL E 223 35.15 -5.39 5.12
CA VAL E 223 34.94 -4.86 3.77
C VAL E 223 35.24 -5.94 2.75
N LYS E 224 34.31 -6.12 1.80
CA LYS E 224 34.46 -7.11 0.74
C LYS E 224 34.09 -6.47 -0.58
N ALA E 225 34.63 -7.03 -1.66
CA ALA E 225 34.41 -6.52 -3.01
C ALA E 225 33.43 -7.43 -3.75
N TYR E 226 32.42 -6.80 -4.37
CA TYR E 226 31.42 -7.53 -5.14
C TYR E 226 31.51 -7.28 -6.64
N GLY E 227 32.29 -6.32 -7.09
CA GLY E 227 32.38 -6.05 -8.51
C GLY E 227 32.88 -7.28 -9.27
N ALA E 228 32.31 -7.49 -10.46
CA ALA E 228 32.70 -8.64 -11.27
C ALA E 228 34.18 -8.56 -11.64
N GLY E 229 34.65 -7.38 -12.02
CA GLY E 229 36.06 -7.23 -12.38
C GLY E 229 36.98 -7.53 -11.21
N LEU E 230 36.60 -7.07 -10.01
CA LEU E 230 37.44 -7.32 -8.84
C LEU E 230 37.57 -8.80 -8.56
N LEU E 231 36.48 -9.55 -8.67
CA LEU E 231 36.49 -10.99 -8.42
C LEU E 231 36.89 -11.80 -9.65
N SER E 232 37.14 -11.15 -10.78
CA SER E 232 37.52 -11.84 -12.01
C SER E 232 39.01 -11.87 -12.25
N SER E 233 39.74 -10.83 -11.84
CA SER E 233 41.18 -10.75 -12.03
C SER E 233 41.88 -11.10 -10.72
N TYR E 234 42.74 -12.13 -10.77
CA TYR E 234 43.47 -12.53 -9.56
C TYR E 234 44.35 -11.39 -9.07
N GLY E 235 45.07 -10.74 -9.97
CA GLY E 235 45.89 -9.61 -9.58
C GLY E 235 45.06 -8.46 -9.04
N GLU E 236 43.96 -8.14 -9.73
CA GLU E 236 43.08 -7.07 -9.26
C GLU E 236 42.34 -7.48 -7.98
N LEU E 237 42.15 -8.78 -7.77
CA LEU E 237 41.48 -9.24 -6.55
C LEU E 237 42.26 -8.81 -5.32
N LEU E 238 43.58 -8.98 -5.34
CA LEU E 238 44.40 -8.50 -4.24
C LEU E 238 44.53 -6.98 -4.26
N HIS E 239 44.63 -6.40 -5.46
CA HIS E 239 44.80 -4.95 -5.57
C HIS E 239 43.58 -4.20 -5.07
N CYS E 240 42.37 -4.70 -5.36
CA CYS E 240 41.17 -3.97 -4.99
C CYS E 240 41.09 -3.75 -3.48
N LEU E 241 41.37 -4.80 -2.71
CA LEU E 241 41.38 -4.66 -1.26
C LEU E 241 42.63 -3.98 -0.73
N SER E 242 43.68 -3.88 -1.55
CA SER E 242 44.90 -3.20 -1.12
C SER E 242 44.63 -1.71 -0.92
N GLU E 243 45.41 -1.11 -0.02
CA GLU E 243 45.26 0.31 0.29
C GLU E 243 45.89 1.21 -0.75
N GLU E 244 46.69 0.67 -1.67
CA GLU E 244 47.32 1.51 -2.69
C GLU E 244 46.29 2.21 -3.57
N PRO E 245 45.30 1.53 -4.13
CA PRO E 245 44.29 2.22 -4.94
C PRO E 245 43.40 3.12 -4.07
N GLU E 246 42.94 4.20 -4.66
CA GLU E 246 42.06 5.12 -3.96
C GLU E 246 40.71 4.46 -3.69
N ILE E 247 40.20 4.68 -2.48
CA ILE E 247 38.91 4.15 -2.06
C ILE E 247 38.06 5.29 -1.54
N ARG E 248 36.83 5.39 -2.03
CA ARG E 248 35.92 6.47 -1.65
C ARG E 248 34.51 5.91 -1.50
N ALA E 249 33.70 6.61 -0.71
CA ALA E 249 32.32 6.21 -0.53
C ALA E 249 31.56 6.29 -1.84
N PHE E 250 30.63 5.36 -2.04
CA PHE E 250 29.86 5.32 -3.28
C PHE E 250 29.13 6.63 -3.50
N ASP E 251 29.20 7.14 -4.72
CA ASP E 251 28.50 8.37 -5.10
C ASP E 251 28.05 8.28 -6.56
N PRO E 252 26.75 8.41 -6.83
CA PRO E 252 26.28 8.32 -8.22
C PRO E 252 26.94 9.35 -9.13
N GLU E 253 26.88 10.62 -8.75
CA GLU E 253 27.46 11.67 -9.57
C GLU E 253 28.97 11.49 -9.72
N ALA E 254 29.65 11.16 -8.63
CA ALA E 254 31.11 11.04 -8.67
C ALA E 254 31.53 9.94 -9.64
N ALA E 255 30.87 8.78 -9.56
CA ALA E 255 31.21 7.68 -10.46
C ALA E 255 30.93 8.02 -11.91
N ALA E 256 29.80 8.69 -12.18
CA ALA E 256 29.42 9.00 -13.55
C ALA E 256 30.33 10.03 -14.21
N VAL E 257 31.19 10.70 -13.45
CA VAL E 257 32.06 11.74 -14.00
C VAL E 257 33.51 11.42 -13.68
N GLN E 258 33.73 10.51 -12.74
CA GLN E 258 35.10 10.17 -12.35
C GLN E 258 35.86 9.61 -13.54
N PRO E 259 37.09 10.08 -13.80
CA PRO E 259 37.83 9.58 -14.96
C PRO E 259 38.14 8.09 -14.86
N TYR E 260 38.28 7.43 -16.00
CA TYR E 260 38.48 5.99 -16.07
C TYR E 260 39.74 5.69 -16.88
N GLN E 261 40.13 4.42 -16.90
CA GLN E 261 41.28 3.97 -17.67
C GLN E 261 41.01 2.58 -18.22
N ASP E 262 41.70 2.24 -19.30
CA ASP E 262 41.52 0.97 -19.99
C ASP E 262 42.84 0.24 -20.11
N GLN E 263 42.76 -1.09 -20.16
CA GLN E 263 43.94 -1.96 -20.25
C GLN E 263 44.88 -1.76 -19.08
N THR E 264 44.33 -1.32 -17.94
CA THR E 264 45.13 -1.09 -16.74
C THR E 264 44.27 -1.31 -15.51
N TYR E 265 44.93 -1.55 -14.38
CA TYR E 265 44.23 -1.74 -13.13
C TYR E 265 43.48 -0.47 -12.75
N GLN E 266 42.62 -0.60 -11.73
CA GLN E 266 41.77 0.48 -11.27
C GLN E 266 42.27 0.98 -9.92
N SER E 267 42.36 2.31 -9.77
CA SER E 267 42.79 2.93 -8.54
C SER E 267 41.67 3.66 -7.80
N VAL E 268 40.57 3.96 -8.47
CA VAL E 268 39.44 4.65 -7.86
C VAL E 268 38.35 3.62 -7.59
N TYR E 269 37.91 3.54 -6.34
CA TYR E 269 36.90 2.57 -5.93
C TYR E 269 35.78 3.27 -5.19
N PHE E 270 34.56 2.76 -5.37
CA PHE E 270 33.37 3.23 -4.66
C PHE E 270 32.86 2.10 -3.78
N VAL E 271 32.61 2.41 -2.52
CA VAL E 271 32.17 1.42 -1.53
C VAL E 271 30.81 1.83 -0.99
N SER E 272 29.88 0.88 -0.97
CA SER E 272 28.53 1.10 -0.45
C SER E 272 28.36 0.22 0.78
N GLU E 273 27.89 0.82 1.88
CA GLU E 273 27.71 0.07 3.11
C GLU E 273 26.72 -1.09 2.90
N SER E 274 25.62 -0.82 2.24
CA SER E 274 24.62 -1.84 1.93
C SER E 274 24.10 -1.65 0.51
N PHE E 275 23.65 -2.75 -0.09
CA PHE E 275 23.12 -2.68 -1.44
C PHE E 275 21.88 -1.80 -1.51
N SER E 276 21.05 -1.85 -0.48
CA SER E 276 19.84 -1.02 -0.46
C SER E 276 20.18 0.46 -0.57
N ASP E 277 21.28 0.89 0.07
CA ASP E 277 21.70 2.29 -0.04
C ASP E 277 21.98 2.66 -1.49
N ALA E 278 22.63 1.77 -2.24
CA ALA E 278 22.82 2.01 -3.66
C ALA E 278 21.47 2.05 -4.38
N LYS E 279 20.57 1.12 -4.02
CA LYS E 279 19.29 0.99 -4.70
C LYS E 279 18.50 2.29 -4.69
N ASP E 280 18.17 2.78 -3.49
CA ASP E 280 17.34 3.97 -3.39
C ASP E 280 18.05 5.20 -3.95
N LYS E 281 19.36 5.29 -3.74
CA LYS E 281 20.11 6.43 -4.27
C LYS E 281 20.02 6.50 -5.79
N LEU E 282 20.17 5.36 -6.47
CA LEU E 282 19.99 5.34 -7.92
C LEU E 282 18.57 5.71 -8.30
N ARG E 283 17.58 5.19 -7.58
CA ARG E 283 16.19 5.54 -7.87
C ARG E 283 15.96 7.03 -7.70
N SER E 284 16.51 7.62 -6.64
CA SER E 284 16.47 9.06 -6.50
C SER E 284 17.24 9.74 -7.63
N TYR E 285 18.40 9.18 -7.98
CA TYR E 285 19.15 9.71 -9.12
C TYR E 285 18.35 9.60 -10.40
N ALA E 286 17.68 8.46 -10.60
CA ALA E 286 16.82 8.29 -11.77
C ALA E 286 15.69 9.32 -11.78
N SER E 287 15.07 9.55 -10.61
CA SER E 287 14.06 10.59 -10.52
C SER E 287 14.65 11.95 -10.85
N ARG E 288 15.87 12.20 -10.39
CA ARG E 288 16.56 13.44 -10.75
C ARG E 288 16.80 13.52 -12.26
N ILE E 289 17.08 12.38 -12.90
CA ILE E 289 17.29 12.34 -14.34
C ILE E 289 15.98 12.70 -15.04
N GLN E 290 16.02 13.76 -15.85
CA GLN E 290 14.81 14.19 -16.55
C GLN E 290 14.34 13.13 -17.53
N ARG E 291 13.02 12.90 -17.55
CA ARG E 291 12.41 11.98 -18.49
C ARG E 291 10.95 12.38 -18.66
N PRO E 292 10.45 12.42 -19.90
CA PRO E 292 9.05 12.82 -20.11
C PRO E 292 8.04 11.80 -19.58
N PHE E 293 8.48 10.71 -18.98
CA PHE E 293 7.60 9.65 -18.52
C PHE E 293 8.39 8.76 -17.56
N SER E 294 7.79 7.64 -17.16
CA SER E 294 8.46 6.67 -16.31
C SER E 294 8.33 5.30 -16.99
N VAL E 295 8.77 4.26 -16.28
CA VAL E 295 8.78 2.91 -16.84
C VAL E 295 8.45 1.93 -15.72
N LYS E 296 7.70 0.88 -16.08
CA LYS E 296 7.34 -0.18 -15.15
C LYS E 296 7.50 -1.53 -15.82
N PHE E 297 7.73 -2.56 -15.01
CA PHE E 297 7.91 -3.92 -15.48
C PHE E 297 6.80 -4.80 -14.92
N ASP E 298 6.27 -5.69 -15.76
CA ASP E 298 5.23 -6.61 -15.34
C ASP E 298 5.76 -8.04 -15.39
N PRO E 299 6.12 -8.64 -14.25
CA PRO E 299 6.60 -10.02 -14.27
C PRO E 299 5.56 -11.02 -14.78
N TYR E 300 4.27 -10.74 -14.62
CA TYR E 300 3.26 -11.68 -15.08
C TYR E 300 3.34 -11.91 -16.58
N THR E 301 3.81 -10.92 -17.33
CA THR E 301 3.95 -11.05 -18.79
C THR E 301 5.34 -10.68 -19.28
N LEU E 302 6.26 -10.35 -18.37
CA LEU E 302 7.62 -9.97 -18.76
C LEU E 302 7.60 -8.84 -19.77
N ALA E 303 6.69 -7.89 -19.56
CA ALA E 303 6.50 -6.76 -20.46
C ALA E 303 6.84 -5.46 -19.73
N ILE E 304 7.12 -4.42 -20.52
CA ILE E 304 7.45 -3.10 -20.01
C ILE E 304 6.42 -2.11 -20.54
N ASP E 305 5.85 -1.32 -19.63
CA ASP E 305 4.81 -0.36 -19.97
C ASP E 305 5.29 1.04 -19.60
N VAL E 306 5.10 1.98 -20.53
CA VAL E 306 5.51 3.35 -20.28
C VAL E 306 4.63 3.95 -19.19
N LEU E 307 5.18 4.90 -18.45
CA LEU E 307 4.49 5.57 -17.35
C LEU E 307 4.48 7.07 -17.65
N ASP E 308 3.44 7.51 -18.37
CA ASP E 308 3.31 8.90 -18.76
C ASP E 308 1.96 9.51 -18.42
N SER E 309 0.96 8.71 -18.06
CA SER E 309 -0.36 9.21 -17.76
C SER E 309 -0.87 8.61 -16.46
N PRO E 310 -1.73 9.32 -15.73
CA PRO E 310 -2.28 8.77 -14.49
C PRO E 310 -3.05 7.47 -14.70
N GLN E 311 -3.69 7.30 -15.86
CA GLN E 311 -4.46 6.09 -16.11
C GLN E 311 -3.57 4.86 -16.05
N ALA E 312 -2.38 4.94 -16.65
CA ALA E 312 -1.44 3.83 -16.57
C ALA E 312 -1.02 3.58 -15.13
N VAL E 313 -0.79 4.65 -14.36
CA VAL E 313 -0.43 4.51 -12.96
C VAL E 313 -1.55 3.80 -12.20
N ARG E 314 -2.79 4.21 -12.44
CA ARG E 314 -3.92 3.57 -11.77
C ARG E 314 -4.01 2.09 -12.13
N ARG E 315 -3.75 1.75 -13.39
CA ARG E 315 -3.78 0.36 -13.82
C ARG E 315 -2.89 -0.51 -12.94
N SER E 316 -1.64 -0.07 -12.75
CA SER E 316 -0.73 -0.81 -11.87
C SER E 316 -1.20 -0.73 -10.41
N LEU E 317 -1.70 0.43 -10.00
CA LEU E 317 -2.14 0.60 -8.62
C LEU E 317 -3.25 -0.38 -8.27
N GLU E 318 -4.22 -0.56 -9.17
CA GLU E 318 -5.32 -1.47 -8.93
C GLU E 318 -4.81 -2.88 -8.64
N GLY E 319 -3.84 -3.35 -9.42
CA GLY E 319 -3.24 -4.64 -9.14
C GLY E 319 -2.48 -4.64 -7.82
N VAL E 320 -1.84 -3.53 -7.48
CA VAL E 320 -1.10 -3.44 -6.22
C VAL E 320 -2.05 -3.60 -5.04
N GLN E 321 -3.14 -2.83 -5.04
CA GLN E 321 -4.12 -2.92 -3.96
C GLN E 321 -4.78 -4.29 -3.89
N ASP E 322 -4.93 -4.98 -5.03
CA ASP E 322 -5.49 -6.32 -5.01
C ASP E 322 -4.60 -7.26 -4.20
N GLU E 323 -3.28 -7.13 -4.35
CA GLU E 323 -2.36 -7.98 -3.61
C GLU E 323 -2.51 -7.75 -2.11
N LEU E 324 -2.64 -6.49 -1.69
CA LEU E 324 -2.81 -6.20 -0.27
C LEU E 324 -4.07 -6.85 0.28
N ASP E 325 -5.17 -6.77 -0.47
CA ASP E 325 -6.40 -7.42 -0.03
C ASP E 325 -6.23 -8.92 0.06
N THR E 326 -5.57 -9.53 -0.93
CA THR E 326 -5.30 -10.96 -0.87
C THR E 326 -4.42 -11.29 0.33
N LEU E 327 -3.37 -10.49 0.56
CA LEU E 327 -2.54 -10.71 1.73
C LEU E 327 -3.32 -10.48 3.01
N ALA E 328 -4.18 -9.46 3.03
CA ALA E 328 -4.96 -9.19 4.23
C ALA E 328 -5.85 -10.37 4.58
N HIS E 329 -6.52 -10.95 3.58
CA HIS E 329 -7.33 -12.14 3.82
C HIS E 329 -6.48 -13.30 4.32
N ALA E 330 -5.28 -13.45 3.74
CA ALA E 330 -4.37 -14.50 4.20
C ALA E 330 -4.00 -14.29 5.66
N LEU E 331 -3.73 -13.04 6.04
CA LEU E 331 -3.43 -12.75 7.44
C LEU E 331 -4.61 -13.09 8.34
N SER E 332 -5.82 -12.76 7.89
CA SER E 332 -7.01 -13.11 8.67
C SER E 332 -7.14 -14.61 8.85
N ALA E 333 -6.91 -15.36 7.77
CA ALA E 333 -6.97 -16.82 7.86
C ALA E 333 -5.93 -17.36 8.83
N ILE E 334 -4.70 -16.85 8.74
CA ILE E 334 -3.65 -17.32 9.63
C ILE E 334 -3.88 -16.75 11.03
N GLY E 335 -3.68 -17.61 12.03
CA GLY E 335 -3.85 -17.21 13.42
C GLY E 335 -5.31 -17.05 13.82
N SER F 1 36.21 0.11 -20.50
CA SER F 1 35.64 -0.05 -21.83
C SER F 1 34.48 0.91 -22.05
N LEU F 2 33.83 1.31 -20.95
CA LEU F 2 32.66 2.17 -21.07
C LEU F 2 33.03 3.52 -21.68
N ILE F 3 34.27 3.96 -21.48
CA ILE F 3 34.72 5.23 -22.05
C ILE F 3 34.55 5.21 -23.56
N GLU F 4 35.03 4.14 -24.20
CA GLU F 4 34.91 4.02 -25.65
C GLU F 4 33.44 3.96 -26.07
N ASP F 5 32.62 3.24 -25.30
CA ASP F 5 31.20 3.18 -25.61
C ASP F 5 30.55 4.56 -25.51
N ALA F 6 30.91 5.33 -24.49
CA ALA F 6 30.32 6.65 -24.31
C ALA F 6 30.62 7.56 -25.49
N ARG F 7 31.91 7.64 -25.89
CA ARG F 7 32.27 8.45 -27.04
C ARG F 7 31.66 7.90 -28.32
N LYS F 8 31.65 6.57 -28.46
CA LYS F 8 31.09 5.98 -29.68
C LYS F 8 29.62 6.33 -29.83
N GLU F 9 28.86 6.28 -28.74
CA GLU F 9 27.46 6.67 -28.79
C GLU F 9 27.32 8.16 -29.10
N ARG F 10 28.17 8.98 -28.48
CA ARG F 10 28.07 10.43 -28.68
C ARG F 10 28.41 10.82 -30.12
N GLU F 11 29.51 10.29 -30.64
CA GLU F 11 29.91 10.63 -32.01
C GLU F 11 28.89 10.10 -33.02
N ALA F 12 28.35 8.91 -32.79
CA ALA F 12 27.35 8.37 -33.70
C ALA F 12 26.09 9.24 -33.69
N ALA F 13 25.66 9.67 -32.51
CA ALA F 13 24.47 10.51 -32.41
C ALA F 13 24.70 11.86 -33.10
N VAL F 14 25.86 12.46 -32.90
CA VAL F 14 26.13 13.78 -33.46
C VAL F 14 26.54 13.70 -34.92
N ALA F 15 26.91 12.52 -35.42
CA ALA F 15 27.32 12.39 -36.81
C ALA F 15 26.18 12.77 -37.75
N ALA F 16 24.96 12.32 -37.47
CA ALA F 16 23.82 12.65 -38.31
C ALA F 16 23.40 14.10 -38.14
N ALA F 17 23.69 14.71 -36.99
CA ALA F 17 23.30 16.10 -36.76
C ALA F 17 23.95 17.03 -37.76
N ALA F 18 25.24 16.82 -38.03
CA ALA F 18 25.98 17.66 -38.97
C ALA F 18 25.74 17.18 -40.40
N VAL G 1 -1.23 -34.05 6.84
CA VAL G 1 -1.55 -32.94 5.96
C VAL G 1 -1.24 -33.31 4.52
N PRO G 2 -2.15 -32.98 3.60
CA PRO G 2 -1.93 -33.31 2.19
C PRO G 2 -0.65 -32.66 1.66
N TRP G 3 0.07 -33.41 0.82
CA TRP G 3 1.27 -32.90 0.21
C TRP G 3 0.95 -32.08 -1.04
N PHE G 4 1.67 -30.99 -1.21
CA PHE G 4 1.50 -30.12 -2.37
C PHE G 4 2.87 -29.68 -2.85
N PRO G 5 3.05 -29.49 -4.15
CA PRO G 5 4.33 -28.97 -4.66
C PRO G 5 4.52 -27.52 -4.28
N ARG G 6 5.79 -27.11 -4.27
CA ARG G 6 6.16 -25.73 -3.97
C ARG G 6 6.57 -24.93 -5.19
N LYS G 7 6.95 -25.57 -6.28
CA LYS G 7 7.33 -24.88 -7.51
C LYS G 7 7.28 -25.86 -8.66
N VAL G 8 7.52 -25.34 -9.87
CA VAL G 8 7.42 -26.16 -11.07
C VAL G 8 8.43 -27.30 -11.06
N SER G 9 9.55 -27.12 -10.37
CA SER G 9 10.62 -28.11 -10.42
C SER G 9 10.12 -29.48 -9.95
N GLU G 10 9.51 -29.53 -8.77
CA GLU G 10 9.02 -30.81 -8.26
C GLU G 10 7.75 -31.24 -8.99
N LEU G 11 6.99 -30.28 -9.51
CA LEU G 11 5.77 -30.63 -10.24
C LEU G 11 6.07 -31.58 -11.38
N ASP G 12 7.08 -31.28 -12.19
CA ASP G 12 7.46 -32.17 -13.28
C ASP G 12 8.13 -33.43 -12.76
N LYS G 13 9.05 -33.28 -11.81
CA LYS G 13 9.82 -34.43 -11.34
C LYS G 13 8.94 -35.49 -10.70
N CYS G 14 8.28 -35.14 -9.59
CA CYS G 14 7.52 -36.14 -8.85
C CYS G 14 6.35 -36.67 -9.67
N HIS G 15 5.64 -35.78 -10.37
CA HIS G 15 4.49 -36.21 -11.15
C HIS G 15 4.86 -37.11 -12.31
N HIS G 16 6.03 -36.91 -12.92
CA HIS G 16 6.48 -37.74 -14.02
C HIS G 16 7.24 -38.98 -13.58
N LEU G 17 7.47 -39.14 -12.28
CA LEU G 17 8.15 -40.31 -11.73
C LEU G 17 7.18 -41.29 -11.10
N VAL G 18 6.31 -40.82 -10.20
CA VAL G 18 5.32 -41.70 -9.59
C VAL G 18 4.36 -42.22 -10.64
N THR G 19 3.90 -41.35 -11.54
CA THR G 19 3.01 -41.75 -12.63
C THR G 19 3.83 -42.27 -13.81
N LYS G 20 3.34 -43.34 -14.41
CA LYS G 20 4.03 -43.95 -15.55
C LYS G 20 3.15 -45.02 -16.16
N PHE G 21 3.19 -45.13 -17.48
CA PHE G 21 2.48 -46.17 -18.21
C PHE G 21 1.01 -46.23 -17.80
N ASP G 22 0.31 -45.13 -18.10
CA ASP G 22 -1.09 -44.97 -17.75
C ASP G 22 -1.87 -44.62 -19.02
N PRO G 23 -1.99 -45.58 -19.94
CA PRO G 23 -2.74 -45.32 -21.18
C PRO G 23 -4.24 -45.23 -20.90
N ASP G 24 -4.93 -44.55 -21.80
CA ASP G 24 -6.37 -44.39 -21.73
C ASP G 24 -7.06 -45.44 -22.57
N LEU G 25 -8.17 -45.98 -22.05
CA LEU G 25 -8.95 -47.00 -22.75
C LEU G 25 -10.02 -46.39 -23.64
N ASP G 26 -10.95 -45.63 -23.06
CA ASP G 26 -12.03 -44.95 -23.78
C ASP G 26 -12.60 -45.81 -24.89
N LEU G 27 -12.91 -47.07 -24.58
CA LEU G 27 -13.46 -47.98 -25.59
C LEU G 27 -14.97 -47.81 -25.74
N ASP G 28 -15.68 -47.68 -24.62
CA ASP G 28 -17.14 -47.52 -24.68
C ASP G 28 -17.56 -46.20 -25.30
N HIS G 29 -16.65 -45.23 -25.38
CA HIS G 29 -16.99 -43.95 -25.95
C HIS G 29 -17.22 -44.08 -27.45
N PRO G 30 -17.99 -43.16 -28.05
CA PRO G 30 -18.26 -43.24 -29.49
C PRO G 30 -16.97 -43.26 -30.31
N GLY G 31 -16.85 -44.23 -31.20
CA GLY G 31 -15.62 -44.39 -31.96
C GLY G 31 -14.54 -45.08 -31.14
N PHE G 32 -13.30 -44.61 -31.27
CA PHE G 32 -12.16 -45.14 -30.54
C PHE G 32 -11.91 -46.61 -30.86
N SER G 33 -12.40 -47.08 -32.01
CA SER G 33 -12.19 -48.46 -32.45
C SER G 33 -11.11 -48.59 -33.51
N ASP G 34 -10.96 -47.57 -34.35
CA ASP G 34 -9.93 -47.61 -35.38
C ASP G 34 -8.55 -47.62 -34.73
N GLN G 35 -7.64 -48.43 -35.28
CA GLN G 35 -6.29 -48.52 -34.75
C GLN G 35 -5.57 -47.18 -34.82
N VAL G 36 -5.94 -46.35 -35.80
CA VAL G 36 -5.28 -45.06 -35.97
C VAL G 36 -5.47 -44.19 -34.74
N TYR G 37 -6.69 -44.15 -34.20
CA TYR G 37 -6.95 -43.34 -33.01
C TYR G 37 -6.11 -43.82 -31.84
N ARG G 38 -5.99 -45.14 -31.66
CA ARG G 38 -5.14 -45.66 -30.59
C ARG G 38 -3.69 -45.25 -30.78
N GLN G 39 -3.21 -45.29 -32.02
CA GLN G 39 -1.84 -44.87 -32.29
C GLN G 39 -1.63 -43.40 -31.95
N ARG G 40 -2.60 -42.56 -32.31
CA ARG G 40 -2.50 -41.13 -31.96
C ARG G 40 -2.45 -40.94 -30.46
N ARG G 41 -3.28 -41.68 -29.71
CA ARG G 41 -3.25 -41.58 -28.26
C ARG G 41 -1.88 -41.98 -27.71
N LYS G 42 -1.31 -43.06 -28.25
CA LYS G 42 0.02 -43.47 -27.82
C LYS G 42 1.05 -42.40 -28.17
N LEU G 43 0.94 -41.81 -29.36
CA LEU G 43 1.86 -40.75 -29.74
C LEU G 43 1.75 -39.55 -28.80
N ILE G 44 0.52 -39.17 -28.45
CA ILE G 44 0.32 -38.06 -27.54
C ILE G 44 0.88 -38.38 -26.16
N ALA G 45 0.64 -39.61 -25.68
CA ALA G 45 1.13 -39.99 -24.35
C ALA G 45 2.64 -39.96 -24.29
N GLU G 46 3.31 -40.50 -25.30
CA GLU G 46 4.77 -40.51 -25.31
C GLU G 46 5.33 -39.08 -25.35
N ILE G 47 4.72 -38.22 -26.16
CA ILE G 47 5.17 -36.82 -26.21
C ILE G 47 4.90 -36.14 -24.88
N ALA G 48 3.76 -36.43 -24.25
CA ALA G 48 3.39 -35.77 -23.01
C ALA G 48 4.22 -36.27 -21.83
N PHE G 49 4.30 -37.60 -21.66
CA PHE G 49 4.99 -38.15 -20.49
C PHE G 49 6.47 -37.79 -20.51
N GLN G 50 7.11 -37.88 -21.67
CA GLN G 50 8.54 -37.62 -21.79
C GLN G 50 8.88 -36.14 -21.79
N TYR G 51 7.89 -35.26 -21.88
CA TYR G 51 8.17 -33.83 -21.89
C TYR G 51 8.66 -33.37 -20.53
N ARG G 52 9.61 -32.43 -20.54
CA ARG G 52 10.17 -31.86 -19.33
C ARG G 52 9.84 -30.38 -19.27
N HIS G 53 9.70 -29.88 -18.04
CA HIS G 53 9.34 -28.47 -17.84
C HIS G 53 10.41 -27.56 -18.45
N GLY G 54 9.96 -26.53 -19.15
CA GLY G 54 10.84 -25.55 -19.76
C GLY G 54 11.29 -25.90 -21.16
N ASP G 55 11.00 -27.10 -21.65
CA ASP G 55 11.37 -27.49 -23.00
C ASP G 55 10.33 -26.99 -24.00
N PRO G 56 10.73 -26.77 -25.25
CA PRO G 56 9.76 -26.37 -26.27
C PRO G 56 8.76 -27.48 -26.53
N ILE G 57 7.54 -27.09 -26.89
CA ILE G 57 6.47 -28.04 -27.16
C ILE G 57 6.73 -28.69 -28.51
N PRO G 58 6.87 -30.01 -28.58
CA PRO G 58 7.12 -30.68 -29.87
C PRO G 58 5.96 -30.44 -30.83
N ARG G 59 6.30 -30.25 -32.10
CA ARG G 59 5.29 -30.08 -33.14
C ARG G 59 4.70 -31.44 -33.54
N VAL G 60 3.40 -31.45 -33.76
CA VAL G 60 2.68 -32.65 -34.17
C VAL G 60 1.97 -32.37 -35.49
N GLU G 61 2.19 -33.23 -36.47
CA GLU G 61 1.56 -33.09 -37.77
C GLU G 61 0.13 -33.58 -37.74
N TYR G 62 -0.69 -33.02 -38.62
CA TYR G 62 -2.12 -33.31 -38.67
C TYR G 62 -2.47 -33.88 -40.04
N THR G 63 -3.25 -34.97 -40.04
CA THR G 63 -3.74 -35.56 -41.27
C THR G 63 -4.98 -34.81 -41.75
N ALA G 64 -5.63 -35.37 -42.78
CA ALA G 64 -6.78 -34.70 -43.36
C ALA G 64 -8.00 -34.73 -42.43
N GLU G 65 -8.18 -35.82 -41.71
CA GLU G 65 -9.41 -36.00 -40.93
C GLU G 65 -9.53 -34.93 -39.85
N GLU G 66 -8.43 -34.65 -39.13
CA GLU G 66 -8.50 -33.64 -38.08
C GLU G 66 -8.58 -32.24 -38.66
N ILE G 67 -7.81 -31.97 -39.72
CA ILE G 67 -7.84 -30.64 -40.32
C ILE G 67 -9.22 -30.34 -40.90
N ALA G 68 -9.83 -31.35 -41.55
CA ALA G 68 -11.19 -31.16 -42.08
C ALA G 68 -12.18 -30.87 -40.96
N THR G 69 -12.07 -31.59 -39.84
CA THR G 69 -12.94 -31.31 -38.70
C THR G 69 -12.72 -29.90 -38.17
N TRP G 70 -11.46 -29.47 -38.09
CA TRP G 70 -11.16 -28.12 -37.63
C TRP G 70 -11.81 -27.07 -38.52
N LYS G 71 -11.73 -27.27 -39.84
CA LYS G 71 -12.34 -26.31 -40.76
C LYS G 71 -13.85 -26.24 -40.56
N GLU G 72 -14.50 -27.40 -40.44
CA GLU G 72 -15.95 -27.42 -40.26
C GLU G 72 -16.35 -26.75 -38.94
N VAL G 73 -15.70 -27.15 -37.85
CA VAL G 73 -16.03 -26.57 -36.56
C VAL G 73 -15.72 -25.08 -36.53
N TYR G 74 -14.56 -24.69 -37.06
CA TYR G 74 -14.19 -23.28 -37.05
C TYR G 74 -15.19 -22.45 -37.84
N THR G 75 -15.55 -22.91 -39.05
CA THR G 75 -16.49 -22.16 -39.87
C THR G 75 -17.86 -22.05 -39.21
N THR G 76 -18.36 -23.18 -38.67
CA THR G 76 -19.69 -23.16 -38.06
C THR G 76 -19.68 -22.34 -36.77
N LEU G 77 -18.71 -22.58 -35.89
CA LEU G 77 -18.66 -21.86 -34.62
C LEU G 77 -18.36 -20.38 -34.83
N LYS G 78 -17.46 -20.07 -35.78
CA LYS G 78 -17.11 -18.68 -36.02
C LYS G 78 -18.31 -17.86 -36.47
N GLY G 79 -19.17 -18.44 -37.30
CA GLY G 79 -20.36 -17.73 -37.75
C GLY G 79 -21.38 -17.51 -36.65
N LEU G 80 -21.32 -18.28 -35.56
CA LEU G 80 -22.21 -18.12 -34.44
C LEU G 80 -21.59 -17.36 -33.27
N TYR G 81 -20.26 -17.17 -33.26
CA TYR G 81 -19.62 -16.43 -32.19
C TYR G 81 -20.05 -14.97 -32.15
N ALA G 82 -20.63 -14.46 -33.23
CA ALA G 82 -21.15 -13.10 -33.22
C ALA G 82 -22.25 -12.93 -32.18
N THR G 83 -22.88 -14.03 -31.77
CA THR G 83 -23.91 -14.01 -30.74
C THR G 83 -23.56 -15.02 -29.66
N HIS G 84 -24.02 -14.74 -28.44
CA HIS G 84 -23.82 -15.62 -27.29
C HIS G 84 -22.38 -15.53 -26.78
N ALA G 85 -21.55 -14.77 -27.46
CA ALA G 85 -20.16 -14.61 -27.06
C ALA G 85 -20.01 -13.40 -26.14
N CYS G 86 -18.85 -13.32 -25.48
CA CYS G 86 -18.54 -12.24 -24.57
C CYS G 86 -17.50 -11.32 -25.20
N GLY G 87 -17.43 -10.09 -24.68
CA GLY G 87 -16.59 -9.08 -25.31
C GLY G 87 -15.14 -9.51 -25.44
N GLU G 88 -14.56 -10.03 -24.34
CA GLU G 88 -13.17 -10.46 -24.39
C GLU G 88 -12.98 -11.60 -25.37
N HIS G 89 -13.97 -12.48 -25.48
CA HIS G 89 -13.86 -13.61 -26.40
C HIS G 89 -13.75 -13.13 -27.84
N LEU G 90 -14.52 -12.11 -28.21
CA LEU G 90 -14.51 -11.63 -29.59
C LEU G 90 -13.11 -11.22 -30.03
N GLU G 91 -12.53 -10.23 -29.37
CA GLU G 91 -11.18 -9.80 -29.74
C GLU G 91 -10.16 -10.89 -29.46
N ALA G 92 -10.50 -11.86 -28.61
CA ALA G 92 -9.57 -12.96 -28.32
C ALA G 92 -9.14 -13.66 -29.59
N PHE G 93 -10.10 -14.25 -30.31
CA PHE G 93 -9.77 -14.93 -31.56
C PHE G 93 -9.44 -13.95 -32.68
N ALA G 94 -9.99 -12.74 -32.64
CA ALA G 94 -9.69 -11.76 -33.69
C ALA G 94 -8.19 -11.49 -33.77
N LEU G 95 -7.56 -11.18 -32.64
CA LEU G 95 -6.11 -11.05 -32.62
C LEU G 95 -5.45 -12.39 -32.90
N LEU G 96 -5.98 -13.47 -32.33
CA LEU G 96 -5.39 -14.78 -32.55
C LEU G 96 -5.42 -15.18 -34.02
N GLU G 97 -6.57 -14.97 -34.68
CA GLU G 97 -6.68 -15.32 -36.08
C GLU G 97 -5.71 -14.51 -36.93
N ARG G 98 -5.57 -13.22 -36.63
CA ARG G 98 -4.64 -12.37 -37.36
C ARG G 98 -3.19 -12.78 -37.06
N PHE G 99 -2.91 -13.18 -35.83
CA PHE G 99 -1.55 -13.50 -35.42
C PHE G 99 -1.33 -15.00 -35.22
N SER G 100 -2.14 -15.64 -34.36
CA SER G 100 -1.95 -17.07 -34.12
C SER G 100 -2.30 -17.91 -35.33
N GLY G 101 -3.01 -17.36 -36.31
CA GLY G 101 -3.35 -18.08 -37.51
C GLY G 101 -4.64 -18.89 -37.43
N TYR G 102 -5.52 -18.58 -36.49
CA TYR G 102 -6.77 -19.33 -36.37
C TYR G 102 -7.60 -19.22 -37.63
N ARG G 103 -7.72 -20.33 -38.36
CA ARG G 103 -8.54 -20.38 -39.57
C ARG G 103 -9.04 -21.81 -39.76
N GLU G 104 -10.15 -21.93 -40.48
CA GLU G 104 -10.69 -23.26 -40.75
C GLU G 104 -9.73 -24.09 -41.60
N ASP G 105 -9.12 -23.46 -42.60
CA ASP G 105 -8.19 -24.17 -43.49
C ASP G 105 -6.82 -24.41 -42.85
N ASN G 106 -6.47 -23.65 -41.80
CA ASN G 106 -5.16 -23.75 -41.17
C ASN G 106 -5.36 -23.94 -39.67
N ILE G 107 -5.02 -25.13 -39.17
CA ILE G 107 -5.08 -25.42 -37.75
C ILE G 107 -3.72 -25.11 -37.13
N PRO G 108 -3.66 -24.21 -36.16
CA PRO G 108 -2.36 -23.81 -35.59
C PRO G 108 -1.75 -24.92 -34.73
N GLN G 109 -0.49 -24.71 -34.37
CA GLN G 109 0.27 -25.65 -33.54
C GLN G 109 0.19 -25.21 -32.08
N LEU G 110 0.97 -25.89 -31.24
CA LEU G 110 0.98 -25.61 -29.81
C LEU G 110 2.12 -24.66 -29.42
N GLU G 111 3.30 -24.86 -29.99
CA GLU G 111 4.45 -24.03 -29.63
C GLU G 111 4.19 -22.56 -29.95
N ASP G 112 3.65 -22.29 -31.14
CA ASP G 112 3.39 -20.91 -31.53
C ASP G 112 2.32 -20.29 -30.64
N VAL G 113 1.23 -21.03 -30.38
CA VAL G 113 0.16 -20.50 -29.54
C VAL G 113 0.65 -20.33 -28.10
N SER G 114 1.41 -21.30 -27.59
CA SER G 114 1.90 -21.21 -26.22
C SER G 114 2.75 -19.96 -26.02
N ARG G 115 3.61 -19.67 -26.99
CA ARG G 115 4.44 -18.47 -26.92
C ARG G 115 3.57 -17.22 -26.85
N PHE G 116 2.52 -17.17 -27.68
CA PHE G 116 1.68 -15.98 -27.72
C PHE G 116 0.98 -15.74 -26.39
N LEU G 117 0.40 -16.79 -25.80
CA LEU G 117 -0.32 -16.64 -24.55
C LEU G 117 0.60 -16.21 -23.42
N LYS G 118 1.76 -16.86 -23.30
CA LYS G 118 2.69 -16.49 -22.24
C LYS G 118 3.21 -15.06 -22.42
N GLU G 119 3.49 -14.66 -23.66
CA GLU G 119 3.98 -13.31 -23.92
C GLU G 119 2.96 -12.27 -23.51
N ARG G 120 1.69 -12.48 -23.85
CA ARG G 120 0.66 -11.49 -23.55
C ARG G 120 0.14 -11.63 -22.14
N THR G 121 -0.44 -12.80 -21.81
CA THR G 121 -1.06 -13.01 -20.51
C THR G 121 -0.20 -13.86 -19.58
N GLY G 122 1.02 -14.20 -19.99
CA GLY G 122 1.88 -15.01 -19.15
C GLY G 122 1.33 -16.39 -18.85
N PHE G 123 0.74 -17.04 -19.85
CA PHE G 123 0.18 -18.38 -19.69
C PHE G 123 0.95 -19.37 -20.56
N GLN G 124 1.20 -20.55 -20.01
CA GLN G 124 1.87 -21.64 -20.72
C GLN G 124 1.01 -22.89 -20.65
N LEU G 125 1.10 -23.70 -21.70
CA LEU G 125 0.30 -24.91 -21.83
C LEU G 125 1.19 -26.14 -21.73
N ARG G 126 0.73 -27.12 -20.95
CA ARG G 126 1.44 -28.39 -20.80
C ARG G 126 0.69 -29.46 -21.57
N PRO G 127 1.26 -30.02 -22.63
CA PRO G 127 0.52 -30.98 -23.45
C PRO G 127 0.38 -32.33 -22.77
N VAL G 128 -0.56 -32.43 -21.83
CA VAL G 128 -0.75 -33.64 -21.05
C VAL G 128 -1.94 -34.41 -21.62
N ALA G 129 -1.90 -35.72 -21.43
CA ALA G 129 -2.94 -36.62 -21.95
C ALA G 129 -3.34 -37.58 -20.83
N GLY G 130 -4.26 -38.48 -21.15
CA GLY G 130 -4.73 -39.44 -20.16
C GLY G 130 -5.58 -38.79 -19.09
N LEU G 131 -5.76 -39.54 -18.00
CA LEU G 131 -6.54 -39.06 -16.87
C LEU G 131 -5.73 -38.04 -16.06
N LEU G 132 -6.39 -36.97 -15.65
CA LEU G 132 -5.79 -35.93 -14.82
C LEU G 132 -6.54 -35.86 -13.50
N SER G 133 -5.81 -35.97 -12.40
CA SER G 133 -6.42 -35.89 -11.08
C SER G 133 -6.84 -34.46 -10.77
N ALA G 134 -7.36 -34.22 -9.57
CA ALA G 134 -7.82 -32.88 -9.21
C ALA G 134 -6.67 -32.02 -8.72
N ARG G 135 -5.92 -32.52 -7.74
CA ARG G 135 -4.89 -31.70 -7.10
C ARG G 135 -3.85 -31.23 -8.13
N ASP G 136 -3.39 -32.14 -8.98
CA ASP G 136 -2.37 -31.77 -9.97
C ASP G 136 -2.91 -30.72 -10.94
N PHE G 137 -4.15 -30.90 -11.41
CA PHE G 137 -4.73 -29.94 -12.34
C PHE G 137 -4.89 -28.58 -11.69
N LEU G 138 -5.39 -28.55 -10.45
CA LEU G 138 -5.52 -27.28 -9.74
C LEU G 138 -4.15 -26.68 -9.46
N ALA G 139 -3.17 -27.50 -9.10
CA ALA G 139 -1.83 -27.00 -8.85
C ALA G 139 -1.25 -26.34 -10.10
N SER G 140 -1.45 -26.95 -11.26
CA SER G 140 -1.01 -26.34 -12.51
C SER G 140 -1.71 -25.00 -12.73
N LEU G 141 -3.01 -24.97 -12.45
CA LEU G 141 -3.75 -23.71 -12.56
C LEU G 141 -3.17 -22.64 -11.66
N ALA G 142 -2.68 -23.03 -10.49
CA ALA G 142 -2.08 -22.07 -9.57
C ALA G 142 -0.87 -21.39 -10.20
N PHE G 143 -0.02 -22.16 -10.87
CA PHE G 143 1.15 -21.62 -11.57
C PHE G 143 0.79 -20.96 -12.88
N ARG G 144 -0.49 -20.75 -13.17
CA ARG G 144 -0.98 -20.12 -14.39
C ARG G 144 -0.67 -20.94 -15.63
N VAL G 145 -0.45 -22.24 -15.48
CA VAL G 145 -0.19 -23.14 -16.60
C VAL G 145 -1.40 -24.04 -16.78
N PHE G 146 -1.89 -24.13 -18.01
CA PHE G 146 -3.10 -24.89 -18.33
C PHE G 146 -2.73 -26.19 -19.04
N GLN G 147 -3.12 -27.31 -18.44
CA GLN G 147 -2.88 -28.61 -19.05
C GLN G 147 -3.72 -28.76 -20.31
N CYS G 148 -3.13 -29.33 -21.35
CA CYS G 148 -3.79 -29.47 -22.63
C CYS G 148 -3.37 -30.78 -23.29
N THR G 149 -4.20 -31.24 -24.22
CA THR G 149 -3.95 -32.46 -24.96
C THR G 149 -3.79 -32.13 -26.44
N GLN G 150 -2.97 -32.93 -27.13
CA GLN G 150 -2.66 -32.68 -28.53
C GLN G 150 -3.71 -33.25 -29.48
N TYR G 151 -4.23 -34.44 -29.20
CA TYR G 151 -5.22 -35.04 -30.09
C TYR G 151 -6.56 -34.34 -29.96
N ILE G 152 -7.42 -34.55 -30.96
CA ILE G 152 -8.72 -33.90 -31.02
C ILE G 152 -9.81 -34.95 -30.90
N ARG G 153 -11.07 -34.50 -30.89
CA ARG G 153 -12.21 -35.40 -30.73
C ARG G 153 -12.29 -36.39 -31.89
N HIS G 154 -13.10 -37.43 -31.71
CA HIS G 154 -13.27 -38.45 -32.75
C HIS G 154 -14.10 -37.90 -33.89
N ALA G 155 -13.72 -38.28 -35.12
CA ALA G 155 -14.43 -37.80 -36.29
C ALA G 155 -15.87 -38.30 -36.35
N SER G 156 -16.20 -39.33 -35.57
CA SER G 156 -17.55 -39.88 -35.60
C SER G 156 -18.58 -38.84 -35.13
N SER G 157 -18.22 -38.03 -34.14
CA SER G 157 -19.11 -37.02 -33.57
C SER G 157 -18.40 -35.66 -33.60
N PRO G 158 -18.29 -35.05 -34.77
CA PRO G 158 -17.68 -33.72 -34.83
C PRO G 158 -18.43 -32.67 -34.02
N MET G 159 -19.75 -32.78 -33.92
CA MET G 159 -20.52 -31.76 -33.20
C MET G 159 -20.14 -31.71 -31.73
N HIS G 160 -20.01 -32.86 -31.08
CA HIS G 160 -19.66 -32.91 -29.67
C HIS G 160 -18.67 -34.04 -29.43
N SER G 161 -17.82 -33.86 -28.42
CA SER G 161 -16.81 -34.84 -28.06
C SER G 161 -17.12 -35.44 -26.70
N PRO G 162 -17.18 -36.76 -26.57
CA PRO G 162 -17.43 -37.35 -25.25
C PRO G 162 -16.38 -36.97 -24.22
N GLU G 163 -15.15 -36.72 -24.66
CA GLU G 163 -14.06 -36.32 -23.78
C GLU G 163 -13.42 -35.04 -24.31
N PRO G 164 -12.94 -34.18 -23.42
CA PRO G 164 -12.32 -32.93 -23.89
C PRO G 164 -11.11 -33.20 -24.77
N ASP G 165 -10.94 -32.36 -25.78
CA ASP G 165 -9.84 -32.47 -26.73
C ASP G 165 -9.24 -31.08 -26.99
N CYS G 166 -8.35 -31.01 -27.96
CA CYS G 166 -7.64 -29.76 -28.24
C CYS G 166 -8.62 -28.67 -28.67
N CYS G 167 -9.57 -29.00 -29.55
CA CYS G 167 -10.50 -28.00 -30.05
C CYS G 167 -11.36 -27.43 -28.92
N HIS G 168 -11.82 -28.30 -28.01
CA HIS G 168 -12.65 -27.83 -26.91
C HIS G 168 -11.90 -26.82 -26.05
N GLU G 169 -10.68 -27.17 -25.61
CA GLU G 169 -9.91 -26.25 -24.79
C GLU G 169 -9.52 -25.00 -25.58
N LEU G 170 -9.13 -25.16 -26.84
CA LEU G 170 -8.70 -24.03 -27.64
C LEU G 170 -9.82 -23.01 -27.81
N LEU G 171 -11.03 -23.48 -28.09
CA LEU G 171 -12.15 -22.57 -28.33
C LEU G 171 -12.78 -22.12 -27.02
N GLY G 172 -13.20 -23.07 -26.19
CA GLY G 172 -13.89 -22.72 -24.96
C GLY G 172 -13.00 -22.00 -23.96
N HIS G 173 -11.74 -22.42 -23.85
CA HIS G 173 -10.87 -21.94 -22.78
C HIS G 173 -9.92 -20.83 -23.24
N VAL G 174 -9.21 -21.07 -24.35
CA VAL G 174 -8.14 -20.15 -24.75
C VAL G 174 -8.61 -18.70 -24.81
N PRO G 175 -9.74 -18.38 -25.46
CA PRO G 175 -10.18 -16.97 -25.47
C PRO G 175 -10.39 -16.40 -24.08
N MET G 176 -10.90 -17.21 -23.15
CA MET G 176 -11.13 -16.70 -21.79
C MET G 176 -9.81 -16.55 -21.03
N LEU G 177 -8.88 -17.48 -21.21
CA LEU G 177 -7.59 -17.38 -20.53
C LEU G 177 -6.84 -16.11 -20.93
N ALA G 178 -7.09 -15.63 -22.15
CA ALA G 178 -6.43 -14.41 -22.62
C ALA G 178 -6.85 -13.18 -21.82
N ASP G 179 -7.99 -13.23 -21.13
CA ASP G 179 -8.45 -12.09 -20.35
C ASP G 179 -7.56 -11.89 -19.14
N ARG G 180 -7.09 -10.65 -18.95
CA ARG G 180 -6.20 -10.37 -17.83
C ARG G 180 -6.92 -10.56 -16.50
N THR G 181 -8.10 -9.95 -16.35
CA THR G 181 -8.86 -10.12 -15.11
C THR G 181 -9.25 -11.57 -14.90
N PHE G 182 -9.72 -12.24 -15.96
CA PHE G 182 -10.06 -13.65 -15.84
C PHE G 182 -8.82 -14.49 -15.55
N ALA G 183 -7.69 -14.15 -16.16
CA ALA G 183 -6.46 -14.88 -15.90
C ALA G 183 -6.10 -14.82 -14.42
N GLN G 184 -6.16 -13.62 -13.82
CA GLN G 184 -5.90 -13.50 -12.40
C GLN G 184 -6.95 -14.23 -11.58
N PHE G 185 -8.22 -14.16 -12.00
CA PHE G 185 -9.27 -14.87 -11.28
C PHE G 185 -9.01 -16.38 -11.29
N SER G 186 -8.63 -16.93 -12.44
CA SER G 186 -8.29 -18.35 -12.51
C SER G 186 -7.09 -18.67 -11.64
N GLN G 187 -6.08 -17.79 -11.63
CA GLN G 187 -4.89 -18.04 -10.83
C GLN G 187 -5.22 -18.13 -9.35
N ASP G 188 -6.09 -17.24 -8.87
CA ASP G 188 -6.48 -17.28 -7.46
C ASP G 188 -7.10 -18.63 -7.10
N ILE G 189 -7.87 -19.20 -8.02
CA ILE G 189 -8.48 -20.50 -7.78
C ILE G 189 -7.40 -21.55 -7.56
N GLY G 190 -6.37 -21.53 -8.41
CA GLY G 190 -5.29 -22.49 -8.25
C GLY G 190 -4.59 -22.38 -6.92
N LEU G 191 -4.29 -21.14 -6.50
CA LEU G 191 -3.65 -20.93 -5.22
C LEU G 191 -4.51 -21.45 -4.08
N ALA G 192 -5.81 -21.15 -4.12
CA ALA G 192 -6.73 -21.65 -3.11
C ALA G 192 -6.80 -23.17 -3.15
N SER G 193 -6.78 -23.75 -4.34
CA SER G 193 -6.85 -25.21 -4.46
C SER G 193 -5.66 -25.88 -3.80
N LEU G 194 -4.50 -25.24 -3.83
CA LEU G 194 -3.30 -25.82 -3.23
C LEU G 194 -3.53 -26.06 -1.74
N GLY G 195 -3.16 -27.25 -1.28
CA GLY G 195 -3.32 -27.62 0.11
C GLY G 195 -4.74 -27.90 0.56
N ALA G 196 -5.71 -27.84 -0.33
CA ALA G 196 -7.09 -28.11 0.04
C ALA G 196 -7.27 -29.58 0.40
N SER G 197 -8.10 -29.84 1.40
CA SER G 197 -8.35 -31.21 1.83
C SER G 197 -9.16 -31.96 0.76
N ASP G 198 -9.41 -33.24 1.03
CA ASP G 198 -10.15 -34.06 0.07
C ASP G 198 -11.51 -33.44 -0.24
N GLU G 199 -12.29 -33.11 0.79
CA GLU G 199 -13.56 -32.45 0.56
C GLU G 199 -13.37 -31.06 -0.02
N GLU G 200 -12.36 -30.33 0.47
CA GLU G 200 -12.09 -28.99 -0.05
C GLU G 200 -11.71 -29.03 -1.52
N ILE G 201 -10.90 -30.00 -1.93
CA ILE G 201 -10.55 -30.13 -3.34
C ILE G 201 -11.81 -30.27 -4.19
N GLU G 202 -12.74 -31.10 -3.74
CA GLU G 202 -14.02 -31.23 -4.44
C GLU G 202 -14.78 -29.92 -4.44
N LYS G 203 -14.84 -29.24 -3.29
CA LYS G 203 -15.58 -27.99 -3.20
C LYS G 203 -15.04 -26.95 -4.16
N LEU G 204 -13.73 -26.69 -4.11
CA LEU G 204 -13.14 -25.72 -5.01
C LEU G 204 -13.25 -26.18 -6.46
N SER G 205 -13.04 -27.47 -6.71
CA SER G 205 -13.15 -27.98 -8.07
C SER G 205 -14.58 -27.84 -8.59
N THR G 206 -15.58 -27.97 -7.71
CA THR G 206 -16.96 -27.85 -8.14
C THR G 206 -17.24 -26.48 -8.74
N LEU G 207 -16.67 -25.43 -8.16
CA LEU G 207 -16.88 -24.09 -8.70
C LEU G 207 -16.33 -23.98 -10.11
N TYR G 208 -15.17 -24.59 -10.38
CA TYR G 208 -14.59 -24.53 -11.71
C TYR G 208 -15.54 -25.09 -12.76
N TRP G 209 -16.11 -26.26 -12.50
CA TRP G 209 -17.01 -26.87 -13.48
C TRP G 209 -18.24 -26.01 -13.69
N PHE G 210 -18.79 -25.44 -12.62
CA PHE G 210 -19.97 -24.59 -12.70
C PHE G 210 -19.64 -23.14 -13.06
N THR G 211 -18.36 -22.77 -13.12
CA THR G 211 -17.97 -21.41 -13.42
C THR G 211 -17.12 -21.31 -14.68
N VAL G 212 -16.08 -22.12 -14.80
CA VAL G 212 -15.17 -22.02 -15.94
C VAL G 212 -15.75 -22.73 -17.16
N GLU G 213 -16.10 -24.01 -17.00
CA GLU G 213 -16.67 -24.75 -18.11
C GLU G 213 -18.02 -24.18 -18.53
N PHE G 214 -18.83 -23.72 -17.57
CA PHE G 214 -20.13 -23.13 -17.85
C PHE G 214 -20.27 -21.88 -17.00
N GLY G 215 -20.46 -20.73 -17.65
CA GLY G 215 -20.59 -19.48 -16.92
C GLY G 215 -21.36 -18.47 -17.73
N LEU G 216 -22.03 -17.56 -17.02
CA LEU G 216 -22.79 -16.48 -17.62
C LEU G 216 -22.38 -15.16 -16.99
N CYS G 217 -22.56 -14.08 -17.76
CA CYS G 217 -22.21 -12.75 -17.29
C CYS G 217 -23.13 -11.73 -17.97
N LYS G 218 -23.24 -10.56 -17.35
CA LYS G 218 -24.06 -9.47 -17.86
C LYS G 218 -23.17 -8.27 -18.08
N GLN G 219 -22.84 -8.00 -19.35
CA GLN G 219 -22.00 -6.86 -19.70
C GLN G 219 -22.60 -6.15 -20.91
N ASN G 220 -22.39 -4.84 -20.96
CA ASN G 220 -22.90 -4.00 -22.04
C ASN G 220 -24.42 -3.99 -22.11
N GLY G 221 -25.09 -4.42 -21.04
CA GLY G 221 -26.53 -4.46 -21.01
C GLY G 221 -27.16 -5.74 -21.54
N GLU G 222 -26.36 -6.72 -21.93
CA GLU G 222 -26.87 -8.00 -22.40
C GLU G 222 -26.13 -9.13 -21.71
N VAL G 223 -26.81 -10.28 -21.59
CA VAL G 223 -26.26 -11.45 -20.93
C VAL G 223 -25.52 -12.30 -21.95
N LYS G 224 -24.29 -12.70 -21.60
CA LYS G 224 -23.47 -13.52 -22.45
C LYS G 224 -22.85 -14.64 -21.63
N ALA G 225 -22.51 -15.73 -22.29
CA ALA G 225 -21.93 -16.90 -21.64
C ALA G 225 -20.44 -16.97 -21.92
N TYR G 226 -19.66 -17.17 -20.86
CA TYR G 226 -18.21 -17.29 -20.97
C TYR G 226 -17.68 -18.69 -20.69
N GLY G 227 -18.51 -19.59 -20.17
CA GLY G 227 -18.02 -20.93 -19.87
C GLY G 227 -17.50 -21.62 -21.12
N ALA G 228 -16.41 -22.37 -20.96
CA ALA G 228 -15.83 -23.08 -22.10
C ALA G 228 -16.81 -24.07 -22.69
N GLY G 229 -17.51 -24.81 -21.84
CA GLY G 229 -18.48 -25.78 -22.35
C GLY G 229 -19.61 -25.11 -23.12
N LEU G 230 -20.09 -23.96 -22.64
CA LEU G 230 -21.16 -23.26 -23.33
C LEU G 230 -20.74 -22.84 -24.72
N LEU G 231 -19.52 -22.32 -24.86
CA LEU G 231 -19.01 -21.87 -26.15
C LEU G 231 -18.37 -23.00 -26.96
N SER G 232 -18.32 -24.21 -26.42
CA SER G 232 -17.72 -25.35 -27.12
C SER G 232 -18.74 -26.22 -27.83
N SER G 233 -19.95 -26.35 -27.28
CA SER G 233 -21.00 -27.17 -27.87
C SER G 233 -21.98 -26.28 -28.60
N TYR G 234 -22.16 -26.54 -29.91
CA TYR G 234 -23.10 -25.74 -30.69
C TYR G 234 -24.52 -25.88 -30.14
N GLY G 235 -24.94 -27.10 -29.83
CA GLY G 235 -26.26 -27.30 -29.24
C GLY G 235 -26.37 -26.64 -27.88
N GLU G 236 -25.36 -26.81 -27.04
CA GLU G 236 -25.37 -26.17 -25.73
C GLU G 236 -25.23 -24.66 -25.83
N LEU G 237 -24.61 -24.18 -26.91
CA LEU G 237 -24.46 -22.73 -27.09
C LEU G 237 -25.82 -22.05 -27.16
N LEU G 238 -26.75 -22.64 -27.92
CA LEU G 238 -28.11 -22.11 -27.97
C LEU G 238 -28.87 -22.44 -26.69
N HIS G 239 -28.64 -23.62 -26.14
CA HIS G 239 -29.37 -24.04 -24.94
C HIS G 239 -29.01 -23.18 -23.73
N CYS G 240 -27.73 -22.82 -23.59
CA CYS G 240 -27.30 -22.08 -22.41
C CYS G 240 -28.04 -20.75 -22.30
N LEU G 241 -28.16 -20.02 -23.42
CA LEU G 241 -28.90 -18.77 -23.41
C LEU G 241 -30.42 -18.97 -23.42
N SER G 242 -30.87 -20.17 -23.76
CA SER G 242 -32.31 -20.45 -23.77
C SER G 242 -32.86 -20.41 -22.35
N GLU G 243 -34.14 -20.05 -22.25
CA GLU G 243 -34.81 -19.94 -20.96
C GLU G 243 -35.20 -21.30 -20.38
N GLU G 244 -35.14 -22.37 -21.17
CA GLU G 244 -35.51 -23.69 -20.65
C GLU G 244 -34.63 -24.11 -19.48
N PRO G 245 -33.30 -24.05 -19.58
CA PRO G 245 -32.47 -24.42 -18.42
C PRO G 245 -32.61 -23.41 -17.30
N GLU G 246 -32.44 -23.91 -16.07
CA GLU G 246 -32.52 -23.05 -14.90
C GLU G 246 -31.33 -22.09 -14.87
N ILE G 247 -31.59 -20.84 -14.53
CA ILE G 247 -30.56 -19.82 -14.43
C ILE G 247 -30.68 -19.15 -13.06
N ARG G 248 -29.55 -19.06 -12.36
CA ARG G 248 -29.51 -18.50 -11.02
C ARG G 248 -28.26 -17.65 -10.86
N ALA G 249 -28.32 -16.71 -9.92
CA ALA G 249 -27.17 -15.87 -9.63
C ALA G 249 -26.02 -16.71 -9.11
N PHE G 250 -24.80 -16.31 -9.48
CA PHE G 250 -23.61 -17.05 -9.07
C PHE G 250 -23.53 -17.13 -7.55
N ASP G 251 -23.24 -18.33 -7.04
CA ASP G 251 -23.08 -18.54 -5.61
C ASP G 251 -22.03 -19.61 -5.37
N PRO G 252 -20.96 -19.29 -4.63
CA PRO G 252 -19.90 -20.30 -4.37
C PRO G 252 -20.43 -21.56 -3.72
N GLU G 253 -21.14 -21.40 -2.60
CA GLU G 253 -21.66 -22.56 -1.88
C GLU G 253 -22.66 -23.33 -2.74
N ALA G 254 -23.56 -22.62 -3.43
CA ALA G 254 -24.58 -23.29 -4.21
C ALA G 254 -23.96 -24.15 -5.31
N ALA G 255 -22.99 -23.60 -6.03
CA ALA G 255 -22.34 -24.36 -7.09
C ALA G 255 -21.59 -25.57 -6.55
N ALA G 256 -20.91 -25.41 -5.41
CA ALA G 256 -20.11 -26.50 -4.86
C ALA G 256 -20.95 -27.65 -4.33
N VAL G 257 -22.26 -27.48 -4.20
CA VAL G 257 -23.13 -28.51 -3.65
C VAL G 257 -24.24 -28.83 -4.63
N GLN G 258 -24.45 -27.96 -5.61
CA GLN G 258 -25.53 -28.15 -6.57
C GLN G 258 -25.30 -29.46 -7.35
N PRO G 259 -26.32 -30.30 -7.48
CA PRO G 259 -26.13 -31.58 -8.19
C PRO G 259 -25.75 -31.39 -9.65
N TYR G 260 -25.02 -32.34 -10.21
CA TYR G 260 -24.50 -32.26 -11.57
C TYR G 260 -24.95 -33.49 -12.36
N GLN G 261 -24.68 -33.47 -13.67
CA GLN G 261 -25.00 -34.59 -14.54
C GLN G 261 -23.91 -34.73 -15.60
N ASP G 262 -23.78 -35.93 -16.14
CA ASP G 262 -22.75 -36.25 -17.12
C ASP G 262 -23.38 -36.82 -18.38
N GLN G 263 -22.70 -36.60 -19.51
CA GLN G 263 -23.17 -37.08 -20.82
C GLN G 263 -24.53 -36.48 -21.16
N THR G 264 -24.84 -35.31 -20.61
CA THR G 264 -26.11 -34.66 -20.87
C THR G 264 -25.94 -33.16 -20.75
N TYR G 265 -26.86 -32.42 -21.35
CA TYR G 265 -26.83 -30.96 -21.28
C TYR G 265 -26.99 -30.50 -19.83
N GLN G 266 -26.75 -29.21 -19.63
CA GLN G 266 -26.82 -28.60 -18.31
C GLN G 266 -28.05 -27.71 -18.21
N SER G 267 -28.77 -27.84 -17.09
CA SER G 267 -29.95 -27.03 -16.84
C SER G 267 -29.78 -26.02 -15.73
N VAL G 268 -28.76 -26.16 -14.89
CA VAL G 268 -28.48 -25.23 -13.81
C VAL G 268 -27.31 -24.35 -14.22
N TYR G 269 -27.52 -23.04 -14.18
CA TYR G 269 -26.52 -22.07 -14.59
C TYR G 269 -26.32 -21.02 -13.50
N PHE G 270 -25.08 -20.57 -13.37
CA PHE G 270 -24.72 -19.49 -12.45
C PHE G 270 -24.23 -18.31 -13.26
N VAL G 271 -24.77 -17.13 -12.97
CA VAL G 271 -24.45 -15.91 -13.71
C VAL G 271 -23.86 -14.89 -12.75
N SER G 272 -22.73 -14.31 -13.15
CA SER G 272 -22.05 -13.28 -12.37
C SER G 272 -22.10 -11.97 -13.15
N GLU G 273 -22.52 -10.90 -12.48
CA GLU G 273 -22.61 -9.60 -13.15
C GLU G 273 -21.26 -9.16 -13.69
N SER G 274 -20.21 -9.31 -12.89
CA SER G 274 -18.87 -8.96 -13.29
C SER G 274 -17.89 -10.02 -12.78
N PHE G 275 -16.78 -10.16 -13.49
CA PHE G 275 -15.76 -11.13 -13.10
C PHE G 275 -15.18 -10.79 -11.73
N SER G 276 -15.01 -9.49 -11.45
CA SER G 276 -14.47 -9.08 -10.16
C SER G 276 -15.34 -9.57 -9.01
N ASP G 277 -16.66 -9.57 -9.20
CA ASP G 277 -17.54 -10.08 -8.15
C ASP G 277 -17.24 -11.54 -7.84
N ALA G 278 -17.00 -12.34 -8.87
CA ALA G 278 -16.58 -13.71 -8.66
C ALA G 278 -15.23 -13.75 -7.94
N LYS G 279 -14.31 -12.89 -8.35
CA LYS G 279 -12.95 -12.90 -7.82
C LYS G 279 -12.94 -12.75 -6.30
N ASP G 280 -13.46 -11.62 -5.81
CA ASP G 280 -13.41 -11.36 -4.37
C ASP G 280 -14.23 -12.37 -3.59
N LYS G 281 -15.38 -12.78 -4.13
CA LYS G 281 -16.21 -13.77 -3.44
C LYS G 281 -15.45 -15.07 -3.23
N LEU G 282 -14.74 -15.54 -4.26
CA LEU G 282 -13.92 -16.74 -4.08
C LEU G 282 -12.82 -16.52 -3.06
N ARG G 283 -12.17 -15.36 -3.10
CA ARG G 283 -11.13 -15.05 -2.13
C ARG G 283 -11.70 -15.05 -0.72
N SER G 284 -12.88 -14.44 -0.54
CA SER G 284 -13.56 -14.54 0.74
C SER G 284 -13.91 -15.99 1.05
N TYR G 285 -14.38 -16.73 0.05
CA TYR G 285 -14.66 -18.15 0.24
C TYR G 285 -13.39 -18.90 0.62
N ALA G 286 -12.28 -18.60 -0.05
CA ALA G 286 -11.01 -19.22 0.29
C ALA G 286 -10.61 -18.88 1.72
N SER G 287 -10.78 -17.63 2.12
CA SER G 287 -10.52 -17.25 3.51
C SER G 287 -11.41 -18.04 4.46
N ARG G 288 -12.68 -18.21 4.07
CA ARG G 288 -13.58 -19.03 4.87
C ARG G 288 -13.10 -20.48 4.93
N ILE G 289 -12.50 -20.98 3.86
CA ILE G 289 -11.96 -22.33 3.82
C ILE G 289 -10.80 -22.43 4.80
N GLN G 290 -10.92 -23.33 5.78
CA GLN G 290 -9.87 -23.49 6.78
C GLN G 290 -8.58 -23.97 6.14
N ARG G 291 -7.46 -23.36 6.55
CA ARG G 291 -6.14 -23.77 6.09
C ARG G 291 -5.13 -23.33 7.14
N PRO G 292 -4.19 -24.21 7.52
CA PRO G 292 -3.18 -23.84 8.53
C PRO G 292 -2.20 -22.77 8.07
N PHE G 293 -2.34 -22.24 6.86
CA PHE G 293 -1.41 -21.27 6.30
C PHE G 293 -2.07 -20.64 5.09
N SER G 294 -1.30 -19.84 4.35
CA SER G 294 -1.77 -19.22 3.11
C SER G 294 -0.77 -19.54 2.02
N VAL G 295 -0.96 -18.96 0.84
CA VAL G 295 -0.10 -19.22 -0.31
C VAL G 295 0.07 -17.92 -1.10
N LYS G 296 1.26 -17.74 -1.65
CA LYS G 296 1.59 -16.59 -2.47
C LYS G 296 2.38 -17.03 -3.69
N PHE G 297 2.27 -16.26 -4.76
CA PHE G 297 2.97 -16.52 -6.02
C PHE G 297 3.94 -15.39 -6.31
N ASP G 298 5.13 -15.75 -6.79
CA ASP G 298 6.16 -14.78 -7.14
C ASP G 298 6.40 -14.82 -8.64
N PRO G 299 5.86 -13.87 -9.42
CA PRO G 299 6.12 -13.88 -10.86
C PRO G 299 7.59 -13.71 -11.22
N TYR G 300 8.38 -13.04 -10.37
CA TYR G 300 9.79 -12.83 -10.69
C TYR G 300 10.53 -14.16 -10.83
N THR G 301 10.09 -15.20 -10.11
CA THR G 301 10.72 -16.50 -10.18
C THR G 301 9.72 -17.62 -10.48
N LEU G 302 8.45 -17.29 -10.68
CA LEU G 302 7.42 -18.29 -10.96
C LEU G 302 7.40 -19.37 -9.87
N ALA G 303 7.58 -18.93 -8.63
CA ALA G 303 7.63 -19.81 -7.48
C ALA G 303 6.45 -19.54 -6.56
N ILE G 304 6.15 -20.53 -5.71
CA ILE G 304 5.07 -20.45 -4.75
C ILE G 304 5.66 -20.61 -3.35
N ASP G 305 5.33 -19.68 -2.46
CA ASP G 305 5.84 -19.67 -1.10
C ASP G 305 4.69 -19.81 -0.12
N VAL G 306 4.85 -20.70 0.87
CA VAL G 306 3.81 -20.87 1.87
C VAL G 306 3.70 -19.61 2.72
N LEU G 307 2.50 -19.36 3.25
CA LEU G 307 2.22 -18.20 4.08
C LEU G 307 1.71 -18.70 5.43
N ASP G 308 2.64 -18.95 6.35
CA ASP G 308 2.30 -19.46 7.68
C ASP G 308 2.90 -18.66 8.82
N SER G 309 3.86 -17.77 8.55
CA SER G 309 4.50 -16.98 9.60
C SER G 309 4.55 -15.52 9.20
N PRO G 310 4.54 -14.61 10.19
CA PRO G 310 4.63 -13.19 9.86
C PRO G 310 5.89 -12.82 9.09
N GLN G 311 7.00 -13.53 9.33
CA GLN G 311 8.24 -13.22 8.64
C GLN G 311 8.09 -13.36 7.14
N ALA G 312 7.42 -14.43 6.69
CA ALA G 312 7.17 -14.59 5.27
C ALA G 312 6.28 -13.47 4.74
N VAL G 313 5.27 -13.07 5.53
CA VAL G 313 4.41 -11.97 5.12
C VAL G 313 5.21 -10.69 4.97
N ARG G 314 6.10 -10.42 5.93
CA ARG G 314 6.93 -9.22 5.85
C ARG G 314 7.81 -9.24 4.62
N ARG G 315 8.36 -10.42 4.30
CA ARG G 315 9.20 -10.56 3.12
C ARG G 315 8.50 -10.03 1.87
N SER G 316 7.27 -10.49 1.64
CA SER G 316 6.49 -10.00 0.51
C SER G 316 6.13 -8.53 0.68
N LEU G 317 5.81 -8.13 1.91
CA LEU G 317 5.42 -6.75 2.17
C LEU G 317 6.53 -5.79 1.80
N GLU G 318 7.77 -6.12 2.16
CA GLU G 318 8.91 -5.27 1.85
C GLU G 318 9.01 -5.00 0.35
N GLY G 319 8.85 -6.06 -0.45
CA GLY G 319 8.82 -5.86 -1.89
C GLY G 319 7.64 -5.03 -2.34
N VAL G 320 6.49 -5.21 -1.69
CA VAL G 320 5.30 -4.45 -2.05
C VAL G 320 5.55 -2.95 -1.83
N GLN G 321 6.03 -2.59 -0.65
CA GLN G 321 6.31 -1.19 -0.36
C GLN G 321 7.39 -0.62 -1.25
N ASP G 322 8.34 -1.44 -1.70
CA ASP G 322 9.36 -0.96 -2.62
C ASP G 322 8.74 -0.49 -3.93
N GLU G 323 7.74 -1.23 -4.42
CA GLU G 323 7.06 -0.84 -5.65
C GLU G 323 6.36 0.51 -5.49
N LEU G 324 5.72 0.73 -4.35
CA LEU G 324 5.04 2.01 -4.13
C LEU G 324 6.03 3.16 -4.15
N ASP G 325 7.19 2.98 -3.50
CA ASP G 325 8.22 4.02 -3.52
C ASP G 325 8.71 4.26 -4.94
N THR G 326 8.94 3.19 -5.71
CA THR G 326 9.34 3.36 -7.10
C THR G 326 8.26 4.08 -7.89
N LEU G 327 7.00 3.69 -7.69
CA LEU G 327 5.90 4.38 -8.36
C LEU G 327 5.80 5.83 -7.89
N ALA G 328 6.00 6.07 -6.59
CA ALA G 328 5.91 7.42 -6.07
C ALA G 328 6.95 8.32 -6.72
N HIS G 329 8.18 7.82 -6.85
CA HIS G 329 9.22 8.60 -7.53
C HIS G 329 8.86 8.84 -8.99
N ALA G 330 8.28 7.83 -9.65
CA ALA G 330 7.85 7.99 -11.03
C ALA G 330 6.78 9.08 -11.12
N LEU G 331 5.84 9.09 -10.18
CA LEU G 331 4.83 10.14 -10.16
C LEU G 331 5.47 11.51 -9.98
N SER G 332 6.45 11.60 -9.09
CA SER G 332 7.14 12.88 -8.89
C SER G 332 7.83 13.33 -10.18
N ALA G 333 8.49 12.40 -10.87
CA ALA G 333 9.16 12.76 -12.12
C ALA G 333 8.15 13.23 -13.16
N ILE G 334 7.02 12.52 -13.27
CA ILE G 334 6.01 12.91 -14.24
C ILE G 334 5.27 14.16 -13.75
N GLY G 335 5.04 15.09 -14.66
CA GLY G 335 4.34 16.32 -14.33
C GLY G 335 5.19 17.31 -13.54
N SER H 1 -18.08 -34.19 -15.36
CA SER H 1 -16.95 -35.09 -15.13
C SER H 1 -16.39 -34.92 -13.72
N LEU H 2 -16.59 -33.73 -13.14
CA LEU H 2 -16.02 -33.46 -11.83
C LEU H 2 -16.63 -34.37 -10.78
N ILE H 3 -17.86 -34.82 -10.99
CA ILE H 3 -18.49 -35.73 -10.04
C ILE H 3 -17.65 -36.98 -9.86
N GLU H 4 -17.24 -37.59 -10.98
CA GLU H 4 -16.41 -38.78 -10.92
C GLU H 4 -15.07 -38.49 -10.26
N ASP H 5 -14.49 -37.34 -10.55
CA ASP H 5 -13.23 -36.96 -9.92
C ASP H 5 -13.39 -36.81 -8.41
N ALA H 6 -14.49 -36.20 -7.98
CA ALA H 6 -14.71 -35.99 -6.55
C ALA H 6 -14.80 -37.33 -5.81
N ARG H 7 -15.63 -38.24 -6.31
CA ARG H 7 -15.73 -39.56 -5.67
C ARG H 7 -14.42 -40.32 -5.79
N LYS H 8 -13.74 -40.24 -6.93
CA LYS H 8 -12.49 -40.95 -7.12
C LYS H 8 -11.45 -40.49 -6.10
N GLU H 9 -11.36 -39.18 -5.88
CA GLU H 9 -10.44 -38.66 -4.86
C GLU H 9 -10.86 -39.12 -3.48
N ARG H 10 -12.16 -39.10 -3.18
CA ARG H 10 -12.63 -39.45 -1.86
C ARG H 10 -12.40 -40.93 -1.56
N GLU H 11 -12.76 -41.80 -2.51
CA GLU H 11 -12.56 -43.24 -2.29
C GLU H 11 -11.09 -43.59 -2.19
N ALA H 12 -10.25 -42.96 -3.02
CA ALA H 12 -8.81 -43.21 -2.96
C ALA H 12 -8.25 -42.80 -1.60
N ALA H 13 -8.66 -41.64 -1.11
CA ALA H 13 -8.18 -41.16 0.18
C ALA H 13 -8.62 -42.08 1.31
N VAL H 14 -9.88 -42.52 1.27
CA VAL H 14 -10.41 -43.35 2.35
C VAL H 14 -10.01 -44.81 2.20
N ALA H 15 -9.52 -45.21 1.02
CA ALA H 15 -9.13 -46.60 0.84
C ALA H 15 -7.99 -46.99 1.77
N ALA H 16 -6.99 -46.12 1.91
CA ALA H 16 -5.87 -46.41 2.80
C ALA H 16 -6.28 -46.32 4.27
N ALA H 17 -7.31 -45.52 4.58
CA ALA H 17 -7.73 -45.36 5.97
C ALA H 17 -8.18 -46.70 6.55
N ALA H 18 -8.94 -47.47 5.78
CA ALA H 18 -9.44 -48.76 6.25
C ALA H 18 -8.38 -49.84 6.05
#